data_7DTS
#
_entry.id   7DTS
#
_cell.length_a   59.010
_cell.length_b   111.280
_cell.length_c   264.090
_cell.angle_alpha   90.000
_cell.angle_beta   90.000
_cell.angle_gamma   90.000
#
_symmetry.space_group_name_H-M   'P 21 21 21'
#
loop_
_entity.id
_entity.type
_entity.pdbx_description
1 polymer 'Ribonuclease L'
2 non-polymer "5'-O-MONOPHOSPHORYLADENYLYL(2'->5')ADENYLYL(2'->5')ADENOSINE"
3 non-polymer 'butyl 4-hydroxybenzoate'
4 non-polymer 'PHOSPHATE ION'
5 water water
#
_entity_poly.entity_id   1
_entity_poly.type   'polypeptide(L)'
_entity_poly.pdbx_seq_one_letter_code
;GAMDPASLEEMLTQAVQEADIEQVRQLLERGADANFQEEEWGWSPLHSAVQMDSEDLVALLLKHGADPCLRKRNGATPFI
IAGITGNVRLLQLLLPNVEDVNECDVNGFTAFMEAAVYGRVEALRFLYENGADVNMHRKTKQDQERIRKGGATALMDAAE
KGHVGVVTILLHAMKAEVDARDNMGRNALVYALLNPDDGKAKAITRLLLDHGADVNVRGEGSKTPLILAVERKNLDLVQM
LLEQEQIEVNDTDREGKTALLLAVELRLEEIAKLLCHRGASTNCGDLVAIARRNYDSDLVKFLRLHKAGEDFRPPAENWK
PQSSRWGEALKHLHRIWRPMIGKLKIFIDEEYKIADTAEGGIYLGLYEDQEVAVKRFSEGSTRGQQEVSCLQSSRANDNV
VTFYGSESDGSCLHVCLALCEYTLQEHLANHRGDAVPNEEDESARNILSSLFKAIGELHRSGYSHQDLQPQNILIDSKNG
TFLADFDKSIKWAEDPQKIKRDLEALGLLVLYVVKKGDISFETLKNQSFEEVIQGSPDEETRDLIHHLFHPGDNVEDRLS
SLLAHPFFWSWESRYRTLRDVGNESDIKTRNQNSRILQLLQPGTSELSTSFAQWTTKIDSFVMEEMNAYYKKISKKKKAK
HTNEGNLYQDTLGDLLKFIRNLGEHINEQKNKKMKSIIGEPSQYFQEKFPDLVMYVYTKLQNTEYMKHFPKTHNPNK
;
_entity_poly.pdbx_strand_id   a,b
#
# COMPACT_ATOMS: atom_id res chain seq x y z
N SER A 7 9.30 -18.14 43.22
CA SER A 7 10.63 -18.68 43.41
C SER A 7 10.54 -20.10 43.92
N LEU A 8 9.44 -20.41 44.62
CA LEU A 8 9.18 -21.79 45.01
C LEU A 8 8.60 -22.58 43.85
N GLU A 9 7.65 -21.99 43.15
CA GLU A 9 7.02 -22.66 42.02
C GLU A 9 7.78 -22.44 40.74
N GLU A 10 8.79 -21.58 40.75
CA GLU A 10 9.53 -21.40 39.52
C GLU A 10 10.58 -22.50 39.32
N MET A 11 11.23 -22.94 40.40
CA MET A 11 12.12 -24.09 40.23
C MET A 11 11.38 -25.41 40.15
N LEU A 12 10.10 -25.48 40.52
CA LEU A 12 9.34 -26.69 40.21
C LEU A 12 9.18 -26.86 38.70
N THR A 13 9.00 -25.74 38.00
CA THR A 13 8.76 -25.80 36.56
C THR A 13 10.02 -26.15 35.80
N GLN A 14 11.11 -25.41 36.02
CA GLN A 14 12.36 -25.79 35.37
C GLN A 14 12.85 -27.16 35.84
N ALA A 15 12.48 -27.60 37.05
CA ALA A 15 12.83 -28.97 37.41
C ALA A 15 12.02 -29.98 36.62
N VAL A 16 10.81 -29.61 36.19
CA VAL A 16 10.02 -30.57 35.41
C VAL A 16 10.47 -30.57 33.96
N GLN A 17 11.01 -29.43 33.49
CA GLN A 17 11.66 -29.41 32.19
C GLN A 17 13.05 -30.01 32.23
N GLU A 18 13.77 -29.87 33.35
CA GLU A 18 15.06 -30.54 33.42
C GLU A 18 14.92 -32.05 33.62
N ALA A 19 13.70 -32.57 33.75
CA ALA A 19 13.45 -34.00 33.95
C ALA A 19 14.19 -34.50 35.19
N ASP A 20 14.34 -33.60 36.16
CA ASP A 20 15.02 -33.87 37.44
C ASP A 20 13.94 -34.32 38.41
N ILE A 21 13.69 -35.64 38.43
CA ILE A 21 12.55 -36.21 39.12
C ILE A 21 12.77 -36.31 40.63
N GLU A 22 14.03 -36.40 41.08
CA GLU A 22 14.29 -36.28 42.51
C GLU A 22 14.20 -34.85 42.99
N GLN A 23 14.40 -33.85 42.13
CA GLN A 23 14.18 -32.51 42.61
C GLN A 23 12.71 -32.13 42.54
N VAL A 24 11.93 -32.72 41.62
CA VAL A 24 10.48 -32.50 41.62
C VAL A 24 9.83 -33.21 42.81
N ARG A 25 10.40 -34.31 43.28
CA ARG A 25 9.87 -34.94 44.48
C ARG A 25 10.04 -34.01 45.68
N GLN A 26 11.26 -33.51 45.89
CA GLN A 26 11.53 -32.65 47.05
C GLN A 26 10.65 -31.42 47.07
N LEU A 27 10.62 -30.65 45.98
CA LEU A 27 9.87 -29.40 46.05
C LEU A 27 8.38 -29.59 45.88
N LEU A 28 7.88 -30.82 45.79
CA LEU A 28 6.44 -30.95 45.91
C LEU A 28 5.99 -31.14 47.35
N GLU A 29 6.58 -32.09 48.07
CA GLU A 29 6.37 -32.17 49.51
C GLU A 29 6.77 -30.90 50.27
N ARG A 30 7.64 -30.06 49.71
CA ARG A 30 7.93 -28.79 50.37
C ARG A 30 6.86 -27.75 50.08
N GLY A 31 5.90 -28.08 49.21
CA GLY A 31 4.67 -27.32 49.08
C GLY A 31 4.32 -26.68 47.75
N ALA A 32 5.02 -27.05 46.68
CA ALA A 32 4.78 -26.39 45.40
C ALA A 32 3.42 -26.74 44.80
N ASP A 33 2.73 -25.71 44.35
CA ASP A 33 1.39 -25.84 43.77
C ASP A 33 1.55 -26.44 42.39
N ALA A 34 1.36 -27.75 42.28
CA ALA A 34 1.51 -28.46 41.01
C ALA A 34 0.51 -28.03 39.95
N ASN A 35 -0.46 -27.18 40.30
CA ASN A 35 -1.41 -26.66 39.33
C ASN A 35 -1.13 -25.20 38.98
N PHE A 36 -0.06 -24.64 39.53
CA PHE A 36 0.37 -23.30 39.13
C PHE A 36 0.42 -23.20 37.60
N GLN A 37 -0.10 -22.11 37.08
CA GLN A 37 -0.10 -21.86 35.65
C GLN A 37 0.60 -20.53 35.41
N GLU A 38 1.67 -20.54 34.61
CA GLU A 38 2.25 -19.30 34.13
C GLU A 38 1.20 -18.53 33.32
N GLU A 39 1.19 -17.21 33.45
CA GLU A 39 0.04 -16.46 32.95
C GLU A 39 0.25 -15.90 31.56
N GLU A 40 1.37 -16.21 30.90
CA GLU A 40 1.50 -15.87 29.49
C GLU A 40 0.65 -16.78 28.62
N TRP A 41 0.82 -18.09 28.79
CA TRP A 41 0.12 -19.05 27.94
C TRP A 41 -0.67 -20.12 28.68
N GLY A 42 -0.59 -20.18 30.00
CA GLY A 42 -1.39 -21.13 30.74
C GLY A 42 -0.79 -22.51 30.91
N TRP A 43 0.51 -22.67 30.73
CA TRP A 43 1.14 -23.98 30.88
C TRP A 43 1.31 -24.32 32.36
N SER A 44 0.96 -25.55 32.71
CA SER A 44 1.14 -26.10 34.04
C SER A 44 2.31 -27.07 34.04
N PRO A 45 2.78 -27.48 35.22
CA PRO A 45 3.73 -28.62 35.26
C PRO A 45 3.17 -29.88 34.65
N LEU A 46 1.90 -30.20 34.94
CA LEU A 46 1.32 -31.42 34.40
C LEU A 46 1.11 -31.33 32.90
N HIS A 47 0.88 -30.13 32.37
CA HIS A 47 0.93 -29.95 30.93
C HIS A 47 2.33 -30.25 30.42
N SER A 48 3.33 -29.54 30.95
CA SER A 48 4.69 -29.75 30.48
C SER A 48 5.14 -31.20 30.66
N ALA A 49 4.51 -31.93 31.56
CA ALA A 49 4.90 -33.32 31.76
C ALA A 49 4.39 -34.20 30.63
N VAL A 50 3.17 -33.95 30.15
CA VAL A 50 2.62 -34.78 29.08
C VAL A 50 3.26 -34.45 27.74
N GLN A 51 3.35 -33.16 27.41
CA GLN A 51 4.11 -32.69 26.25
C GLN A 51 5.51 -33.27 26.16
N MET A 52 6.22 -33.31 27.28
CA MET A 52 7.61 -33.76 27.37
C MET A 52 7.76 -35.27 27.18
N ASP A 53 6.68 -36.03 27.34
CA ASP A 53 6.69 -37.49 27.26
C ASP A 53 7.62 -38.08 28.30
N SER A 54 7.18 -38.11 29.54
CA SER A 54 7.94 -38.75 30.61
C SER A 54 6.95 -39.43 31.52
N GLU A 55 6.95 -40.76 31.52
CA GLU A 55 6.03 -41.50 32.39
C GLU A 55 6.15 -41.05 33.83
N ASP A 56 7.36 -40.70 34.27
CA ASP A 56 7.62 -40.62 35.70
C ASP A 56 7.26 -39.24 36.26
N LEU A 57 7.50 -38.16 35.51
CA LEU A 57 7.04 -36.86 35.97
C LEU A 57 5.52 -36.79 36.03
N VAL A 58 4.85 -37.42 35.06
CA VAL A 58 3.39 -37.44 35.05
C VAL A 58 2.84 -38.18 36.26
N ALA A 59 3.29 -39.43 36.46
CA ALA A 59 2.78 -40.22 37.56
C ALA A 59 2.99 -39.52 38.89
N LEU A 60 4.09 -38.78 39.04
CA LEU A 60 4.36 -38.13 40.32
C LEU A 60 3.40 -37.00 40.59
N LEU A 61 3.09 -36.19 39.56
CA LEU A 61 2.21 -35.06 39.75
C LEU A 61 0.77 -35.50 39.99
N LEU A 62 0.30 -36.49 39.22
CA LEU A 62 -1.02 -37.04 39.45
C LEU A 62 -1.20 -37.39 40.93
N LYS A 63 -0.19 -38.03 41.52
CA LYS A 63 -0.24 -38.39 42.93
C LYS A 63 -0.44 -37.19 43.86
N HIS A 64 -0.11 -35.98 43.40
CA HIS A 64 -0.23 -34.80 44.25
C HIS A 64 -1.26 -33.80 43.74
N GLY A 65 -2.44 -34.29 43.35
CA GLY A 65 -3.57 -33.43 43.10
C GLY A 65 -3.55 -32.62 41.82
N ALA A 66 -2.48 -32.68 41.03
CA ALA A 66 -2.50 -32.06 39.73
C ALA A 66 -3.55 -32.75 38.86
N ASP A 67 -4.65 -32.04 38.55
CA ASP A 67 -5.84 -32.55 37.86
C ASP A 67 -5.75 -32.33 36.34
N PRO A 68 -6.16 -33.33 35.55
CA PRO A 68 -6.03 -33.24 34.10
C PRO A 68 -7.08 -32.35 33.44
N CYS A 69 -7.72 -31.49 34.23
CA CYS A 69 -8.74 -30.61 33.69
C CYS A 69 -8.30 -29.15 33.60
N LEU A 70 -7.09 -28.82 34.04
CA LEU A 70 -6.64 -27.44 33.88
C LEU A 70 -6.37 -27.10 32.42
N ARG A 71 -6.79 -25.92 32.03
CA ARG A 71 -6.71 -25.46 30.66
C ARG A 71 -5.57 -24.47 30.54
N LYS A 72 -4.89 -24.49 29.40
CA LYS A 72 -3.96 -23.44 29.04
C LYS A 72 -4.76 -22.32 28.40
N ARG A 73 -4.06 -21.37 27.77
CA ARG A 73 -4.78 -20.27 27.14
C ARG A 73 -5.68 -20.76 26.01
N ASN A 74 -5.15 -21.58 25.10
CA ASN A 74 -5.96 -22.24 24.06
C ASN A 74 -7.07 -23.14 24.62
N GLY A 75 -7.05 -23.46 25.91
CA GLY A 75 -8.06 -24.33 26.48
C GLY A 75 -7.73 -25.80 26.49
N ALA A 76 -6.54 -26.20 26.07
CA ALA A 76 -6.21 -27.61 25.97
C ALA A 76 -5.74 -28.14 27.33
N THR A 77 -6.16 -29.33 27.65
CA THR A 77 -5.84 -30.09 28.84
C THR A 77 -4.68 -31.05 28.57
N PRO A 78 -4.03 -31.54 29.62
CA PRO A 78 -3.03 -32.62 29.44
C PRO A 78 -3.60 -33.88 28.81
N PHE A 79 -4.90 -34.14 28.93
CA PHE A 79 -5.48 -35.23 28.17
C PHE A 79 -5.37 -34.96 26.68
N ILE A 80 -5.73 -33.76 26.24
CA ILE A 80 -5.71 -33.43 24.82
C ILE A 80 -4.27 -33.39 24.33
N ILE A 81 -3.35 -32.89 25.16
CA ILE A 81 -1.94 -32.87 24.79
C ILE A 81 -1.39 -34.29 24.74
N ALA A 82 -2.01 -35.22 25.48
CA ALA A 82 -1.57 -36.61 25.40
C ALA A 82 -1.93 -37.27 24.08
N GLY A 83 -2.89 -36.72 23.32
CA GLY A 83 -3.13 -37.21 21.97
C GLY A 83 -2.02 -36.82 21.03
N ILE A 84 -1.36 -35.70 21.31
CA ILE A 84 -0.24 -35.22 20.49
C ILE A 84 1.01 -36.05 20.75
N THR A 85 1.37 -36.21 22.02
CA THR A 85 2.54 -37.01 22.37
C THR A 85 2.45 -38.42 21.82
N GLY A 86 1.23 -38.95 21.73
CA GLY A 86 0.98 -40.26 21.17
C GLY A 86 1.42 -41.41 22.02
N ASN A 87 2.02 -41.15 23.18
CA ASN A 87 2.43 -42.24 24.05
C ASN A 87 1.21 -42.74 24.81
N VAL A 88 0.95 -44.05 24.70
CA VAL A 88 -0.35 -44.60 25.02
C VAL A 88 -0.44 -45.01 26.48
N ARG A 89 0.66 -44.99 27.23
CA ARG A 89 0.55 -45.21 28.67
C ARG A 89 0.50 -43.93 29.50
N LEU A 90 0.77 -42.75 28.94
CA LEU A 90 0.31 -41.55 29.63
C LEU A 90 -1.19 -41.38 29.44
N LEU A 91 -1.71 -41.81 28.28
CA LEU A 91 -3.15 -41.71 28.04
C LEU A 91 -3.95 -42.61 28.99
N GLN A 92 -3.37 -43.72 29.49
CA GLN A 92 -4.11 -44.54 30.45
C GLN A 92 -4.19 -43.84 31.80
N LEU A 93 -3.12 -43.17 32.20
CA LEU A 93 -3.04 -42.67 33.56
C LEU A 93 -3.91 -41.44 33.80
N LEU A 94 -4.41 -40.79 32.75
CA LEU A 94 -5.26 -39.62 32.95
C LEU A 94 -6.66 -39.80 32.38
N LEU A 95 -6.97 -40.96 31.79
CA LEU A 95 -8.33 -41.22 31.35
C LEU A 95 -9.32 -41.27 32.50
N PRO A 96 -9.09 -42.04 33.59
CA PRO A 96 -10.14 -42.12 34.63
C PRO A 96 -10.26 -40.82 35.43
N ASN A 97 -9.59 -39.76 34.99
CA ASN A 97 -9.74 -38.45 35.62
C ASN A 97 -10.42 -37.43 34.72
N VAL A 98 -10.91 -37.82 33.55
CA VAL A 98 -11.58 -36.90 32.64
C VAL A 98 -13.02 -37.32 32.48
N GLU A 99 -13.94 -36.36 32.68
CA GLU A 99 -15.36 -36.63 32.52
C GLU A 99 -15.69 -37.05 31.09
N ASP A 100 -15.13 -36.34 30.11
CA ASP A 100 -15.53 -36.48 28.71
C ASP A 100 -14.30 -36.65 27.83
N VAL A 101 -14.20 -37.80 27.18
CA VAL A 101 -13.06 -38.09 26.31
C VAL A 101 -13.04 -37.22 25.06
N ASN A 102 -14.13 -36.53 24.76
CA ASN A 102 -14.18 -35.60 23.64
C ASN A 102 -14.16 -34.14 24.10
N GLU A 103 -13.58 -33.88 25.27
CA GLU A 103 -13.26 -32.50 25.65
C GLU A 103 -12.43 -31.84 24.56
N CYS A 104 -12.61 -30.53 24.38
CA CYS A 104 -11.86 -29.87 23.32
C CYS A 104 -11.33 -28.52 23.80
N ASP A 105 -10.40 -27.98 23.03
CA ASP A 105 -9.84 -26.68 23.34
C ASP A 105 -10.67 -25.62 22.60
N VAL A 106 -10.23 -24.36 22.64
CA VAL A 106 -11.08 -23.30 22.11
C VAL A 106 -11.26 -23.44 20.60
N ASN A 107 -10.37 -24.15 19.93
CA ASN A 107 -10.46 -24.26 18.48
C ASN A 107 -11.10 -25.56 18.02
N GLY A 108 -11.53 -26.40 18.96
CA GLY A 108 -12.29 -27.59 18.67
C GLY A 108 -11.53 -28.90 18.71
N PHE A 109 -10.26 -28.88 19.12
CA PHE A 109 -9.39 -30.05 19.02
C PHE A 109 -9.59 -30.97 20.22
N THR A 110 -9.91 -32.23 19.93
CA THR A 110 -9.96 -33.30 20.91
C THR A 110 -8.64 -34.08 20.92
N ALA A 111 -8.48 -34.93 21.94
CA ALA A 111 -7.34 -35.83 21.99
C ALA A 111 -7.27 -36.71 20.75
N PHE A 112 -8.40 -37.30 20.37
CA PHE A 112 -8.45 -38.11 19.15
C PHE A 112 -7.96 -37.31 17.96
N MET A 113 -8.49 -36.07 17.82
CA MET A 113 -8.15 -35.23 16.69
C MET A 113 -6.68 -34.87 16.66
N GLU A 114 -6.00 -34.89 17.80
CA GLU A 114 -4.60 -34.55 17.74
C GLU A 114 -3.72 -35.76 17.56
N ALA A 115 -4.22 -36.96 17.95
CA ALA A 115 -3.59 -38.20 17.50
C ALA A 115 -3.59 -38.30 15.98
N ALA A 116 -4.63 -37.78 15.33
CA ALA A 116 -4.69 -37.85 13.87
C ALA A 116 -3.70 -36.88 13.22
N VAL A 117 -3.62 -35.63 13.70
CA VAL A 117 -2.73 -34.69 13.02
C VAL A 117 -1.28 -35.02 13.27
N TYR A 118 -0.98 -35.71 14.37
CA TYR A 118 0.40 -36.05 14.70
C TYR A 118 0.71 -37.51 14.39
N GLY A 119 -0.20 -38.21 13.71
CA GLY A 119 0.09 -39.54 13.22
C GLY A 119 0.32 -40.58 14.29
N ARG A 120 -0.33 -40.46 15.44
CA ARG A 120 -0.12 -41.33 16.60
C ARG A 120 -1.20 -42.40 16.57
N VAL A 121 -0.91 -43.51 15.88
CA VAL A 121 -1.91 -44.55 15.61
C VAL A 121 -2.27 -45.35 16.86
N GLU A 122 -1.28 -45.69 17.67
CA GLU A 122 -1.51 -46.48 18.88
C GLU A 122 -2.39 -45.72 19.85
N ALA A 123 -2.14 -44.42 20.03
CA ALA A 123 -3.05 -43.58 20.78
C ALA A 123 -4.38 -43.45 20.06
N LEU A 124 -4.33 -43.45 18.73
CA LEU A 124 -5.52 -43.25 17.91
C LEU A 124 -6.51 -44.40 18.12
N ARG A 125 -6.02 -45.63 18.28
CA ARG A 125 -6.94 -46.73 18.54
C ARG A 125 -7.23 -46.92 20.03
N PHE A 126 -6.36 -46.44 20.92
CA PHE A 126 -6.74 -46.40 22.33
C PHE A 126 -7.90 -45.46 22.54
N LEU A 127 -7.88 -44.30 21.91
CA LEU A 127 -8.98 -43.38 22.12
C LEU A 127 -10.23 -43.85 21.42
N TYR A 128 -10.07 -44.62 20.34
CA TYR A 128 -11.25 -45.10 19.63
C TYR A 128 -12.04 -46.08 20.49
N GLU A 129 -11.36 -46.97 21.21
CA GLU A 129 -12.03 -47.98 22.02
C GLU A 129 -12.41 -47.50 23.40
N ASN A 130 -12.27 -46.20 23.69
CA ASN A 130 -12.87 -45.57 24.88
C ASN A 130 -13.80 -44.44 24.52
N GLY A 131 -14.40 -44.48 23.33
CA GLY A 131 -15.52 -43.61 23.02
C GLY A 131 -15.16 -42.36 22.25
N ALA A 132 -13.93 -42.22 21.78
CA ALA A 132 -13.60 -41.02 21.03
C ALA A 132 -14.43 -40.98 19.75
N ASP A 133 -14.99 -39.81 19.46
CA ASP A 133 -15.89 -39.62 18.34
C ASP A 133 -15.07 -39.32 17.09
N VAL A 134 -15.04 -40.26 16.14
CA VAL A 134 -14.27 -40.08 14.92
C VAL A 134 -14.92 -39.07 13.97
N ASN A 135 -16.23 -38.85 14.07
CA ASN A 135 -16.91 -38.05 13.05
C ASN A 135 -17.12 -36.60 13.45
N MET A 136 -16.47 -36.16 14.50
CA MET A 136 -16.67 -34.83 15.07
C MET A 136 -15.98 -33.80 14.23
N HIS A 137 -16.69 -32.71 13.95
CA HIS A 137 -16.12 -31.54 13.28
C HIS A 137 -15.72 -30.50 14.34
N ARG A 138 -14.82 -29.60 13.95
CA ARG A 138 -14.28 -28.66 14.93
C ARG A 138 -15.19 -27.45 15.11
N LYS A 139 -15.52 -27.18 16.39
CA LYS A 139 -16.42 -26.12 16.83
C LYS A 139 -15.63 -25.05 17.58
N THR A 140 -15.44 -23.89 16.92
CA THR A 140 -14.62 -22.79 17.45
C THR A 140 -15.50 -21.68 18.08
N LYS A 141 -14.91 -20.50 18.28
CA LYS A 141 -15.57 -19.28 18.77
C LYS A 141 -16.03 -18.41 17.59
N GLN A 142 -16.93 -17.47 17.88
CA GLN A 142 -17.71 -16.79 16.83
C GLN A 142 -16.87 -15.94 15.88
N ASP A 143 -15.67 -15.51 16.28
CA ASP A 143 -14.80 -14.73 15.42
C ASP A 143 -13.95 -15.59 14.49
N GLN A 144 -13.95 -16.91 14.69
CA GLN A 144 -13.52 -17.83 13.66
C GLN A 144 -14.70 -18.53 12.99
N GLU A 145 -15.92 -18.27 13.48
CA GLU A 145 -17.16 -18.92 13.06
C GLU A 145 -17.94 -18.15 11.98
N ARG A 146 -17.93 -16.82 12.02
CA ARG A 146 -18.59 -16.01 10.99
C ARG A 146 -17.73 -15.85 9.74
N ILE A 147 -16.63 -16.61 9.67
CA ILE A 147 -15.67 -16.68 8.58
C ILE A 147 -15.62 -18.08 7.98
N ARG A 148 -16.61 -18.93 8.30
CA ARG A 148 -16.75 -20.30 7.76
C ARG A 148 -15.44 -21.08 7.85
N LYS A 149 -14.62 -20.75 8.84
CA LYS A 149 -13.41 -21.47 9.14
C LYS A 149 -13.72 -22.70 9.99
N GLY A 150 -12.70 -23.52 10.19
CA GLY A 150 -12.92 -24.65 11.06
C GLY A 150 -13.82 -25.69 10.44
N GLY A 151 -14.21 -26.64 11.29
CA GLY A 151 -15.14 -27.65 10.86
C GLY A 151 -14.48 -28.92 10.37
N ALA A 152 -13.17 -29.01 10.45
CA ALA A 152 -12.48 -30.15 9.89
C ALA A 152 -12.60 -31.37 10.81
N THR A 153 -12.52 -32.54 10.20
CA THR A 153 -12.61 -33.81 10.87
C THR A 153 -11.21 -34.35 11.15
N ALA A 154 -11.15 -35.43 11.93
CA ALA A 154 -9.89 -36.16 12.03
C ALA A 154 -9.40 -36.62 10.66
N LEU A 155 -10.33 -37.10 9.83
CA LEU A 155 -9.95 -37.61 8.52
C LEU A 155 -9.38 -36.51 7.64
N MET A 156 -10.00 -35.32 7.64
CA MET A 156 -9.50 -34.21 6.83
C MET A 156 -8.12 -33.77 7.29
N ASP A 157 -7.78 -34.00 8.56
CA ASP A 157 -6.47 -33.62 9.06
C ASP A 157 -5.42 -34.66 8.68
N ALA A 158 -5.72 -35.94 8.92
CA ALA A 158 -4.85 -37.01 8.45
C ALA A 158 -4.67 -36.98 6.94
N ALA A 159 -5.68 -36.51 6.21
CA ALA A 159 -5.57 -36.35 4.76
C ALA A 159 -4.50 -35.31 4.42
N GLU A 160 -4.71 -34.08 4.89
CA GLU A 160 -3.79 -32.99 4.57
C GLU A 160 -2.37 -33.30 5.03
N LYS A 161 -2.21 -33.96 6.19
CA LYS A 161 -0.87 -34.23 6.69
C LYS A 161 -0.23 -35.44 6.02
N GLY A 162 -0.92 -36.12 5.12
CA GLY A 162 -0.29 -37.23 4.43
C GLY A 162 -0.09 -38.46 5.28
N HIS A 163 -0.70 -38.52 6.46
CA HIS A 163 -0.53 -39.64 7.37
C HIS A 163 -1.22 -40.89 6.82
N VAL A 164 -0.52 -41.63 5.96
CA VAL A 164 -1.18 -42.70 5.23
C VAL A 164 -1.63 -43.81 6.15
N GLY A 165 -0.88 -44.07 7.23
CA GLY A 165 -1.36 -45.05 8.20
C GLY A 165 -2.68 -44.64 8.83
N VAL A 166 -2.78 -43.37 9.25
CA VAL A 166 -3.98 -42.98 10.00
C VAL A 166 -5.22 -42.95 9.10
N VAL A 167 -5.07 -42.68 7.81
CA VAL A 167 -6.24 -42.60 6.95
C VAL A 167 -6.87 -43.97 6.78
N THR A 168 -6.05 -44.97 6.48
CA THR A 168 -6.56 -46.34 6.33
C THR A 168 -7.36 -46.80 7.55
N ILE A 169 -6.88 -46.50 8.76
CA ILE A 169 -7.59 -47.03 9.93
C ILE A 169 -8.90 -46.30 10.17
N LEU A 170 -8.97 -45.00 9.86
CA LEU A 170 -10.19 -44.25 10.12
C LEU A 170 -11.33 -44.74 9.24
N LEU A 171 -11.07 -44.90 7.94
CA LEU A 171 -12.14 -45.31 7.03
C LEU A 171 -12.50 -46.79 7.15
N HIS A 172 -11.55 -47.67 7.43
CA HIS A 172 -11.83 -49.11 7.44
C HIS A 172 -12.24 -49.59 8.83
N ALA A 173 -11.32 -49.50 9.77
CA ALA A 173 -11.50 -50.00 11.12
C ALA A 173 -12.40 -49.13 11.99
N MET A 174 -12.63 -47.86 11.63
CA MET A 174 -13.12 -46.91 12.64
C MET A 174 -14.28 -46.02 12.21
N LYS A 175 -15.11 -46.42 11.24
CA LYS A 175 -16.43 -45.77 11.02
C LYS A 175 -16.33 -44.49 10.19
N ALA A 176 -15.13 -44.02 9.86
CA ALA A 176 -15.00 -42.65 9.34
C ALA A 176 -15.92 -42.40 8.15
N GLU A 177 -16.32 -41.14 8.02
CA GLU A 177 -17.21 -40.69 6.95
C GLU A 177 -16.40 -40.05 5.84
N VAL A 178 -16.40 -40.69 4.67
CA VAL A 178 -15.51 -40.23 3.61
C VAL A 178 -15.88 -38.84 3.14
N ASP A 179 -17.17 -38.57 2.93
CA ASP A 179 -17.64 -37.34 2.32
C ASP A 179 -18.19 -36.30 3.32
N ALA A 180 -17.83 -36.38 4.61
CA ALA A 180 -18.15 -35.30 5.53
C ALA A 180 -17.52 -33.99 5.06
N ARG A 181 -18.23 -32.87 5.28
CA ARG A 181 -17.76 -31.54 4.91
C ARG A 181 -17.44 -30.72 6.14
N ASP A 182 -16.58 -29.70 5.96
CA ASP A 182 -16.37 -28.68 6.98
C ASP A 182 -17.25 -27.47 6.69
N ASN A 183 -17.14 -26.45 7.55
CA ASN A 183 -17.95 -25.25 7.38
C ASN A 183 -17.58 -24.54 6.09
N MET A 184 -16.41 -24.80 5.51
CA MET A 184 -16.23 -24.23 4.18
C MET A 184 -16.86 -25.08 3.10
N GLY A 185 -16.99 -26.39 3.31
CA GLY A 185 -17.54 -27.25 2.28
C GLY A 185 -16.54 -28.23 1.70
N ARG A 186 -15.26 -28.13 2.10
CA ARG A 186 -14.27 -29.10 1.64
C ARG A 186 -14.44 -30.46 2.33
N ASN A 187 -14.25 -31.54 1.58
CA ASN A 187 -14.19 -32.88 2.13
C ASN A 187 -12.73 -33.31 2.24
N ALA A 188 -12.52 -34.51 2.78
CA ALA A 188 -11.16 -35.01 2.94
C ALA A 188 -10.38 -34.97 1.62
N LEU A 189 -11.07 -35.11 0.49
CA LEU A 189 -10.39 -35.20 -0.80
C LEU A 189 -9.47 -34.02 -1.04
N VAL A 190 -10.01 -32.79 -1.03
CA VAL A 190 -9.20 -31.60 -1.29
C VAL A 190 -8.08 -31.45 -0.27
N TYR A 191 -8.33 -31.86 0.97
CA TYR A 191 -7.25 -31.91 1.97
C TYR A 191 -6.12 -32.81 1.50
N ALA A 192 -6.45 -33.99 0.97
CA ALA A 192 -5.43 -34.94 0.55
C ALA A 192 -4.53 -34.35 -0.52
N LEU A 193 -5.11 -33.64 -1.49
CA LEU A 193 -4.31 -33.16 -2.62
C LEU A 193 -3.52 -31.89 -2.31
N LEU A 194 -3.38 -31.52 -1.03
CA LEU A 194 -2.45 -30.48 -0.62
C LEU A 194 -1.17 -31.01 0.02
N ASN A 195 -1.06 -32.31 0.21
CA ASN A 195 0.20 -32.81 0.77
C ASN A 195 1.26 -32.83 -0.32
N PRO A 196 2.40 -32.18 -0.12
CA PRO A 196 3.40 -32.09 -1.20
C PRO A 196 3.98 -33.44 -1.58
N ASP A 197 3.94 -34.41 -0.68
CA ASP A 197 4.54 -35.70 -0.98
C ASP A 197 3.68 -36.42 -2.02
N ASP A 198 4.25 -36.62 -3.20
CA ASP A 198 3.46 -37.16 -4.30
C ASP A 198 3.03 -38.59 -4.00
N GLY A 199 3.94 -39.41 -3.46
CA GLY A 199 3.58 -40.76 -3.13
C GLY A 199 2.45 -40.85 -2.12
N LYS A 200 2.58 -40.13 -0.99
CA LYS A 200 1.56 -40.21 0.03
C LYS A 200 0.24 -39.61 -0.44
N ALA A 201 0.30 -38.50 -1.18
CA ALA A 201 -0.93 -37.91 -1.70
C ALA A 201 -1.62 -38.85 -2.68
N LYS A 202 -0.85 -39.67 -3.38
CA LYS A 202 -1.43 -40.62 -4.33
C LYS A 202 -2.23 -41.70 -3.61
N ALA A 203 -1.71 -42.18 -2.47
CA ALA A 203 -2.36 -43.28 -1.77
C ALA A 203 -3.62 -42.80 -1.04
N ILE A 204 -3.54 -41.66 -0.33
CA ILE A 204 -4.71 -41.13 0.38
C ILE A 204 -5.85 -40.94 -0.61
N THR A 205 -5.53 -40.49 -1.82
CA THR A 205 -6.56 -40.21 -2.82
C THR A 205 -7.29 -41.47 -3.27
N ARG A 206 -6.59 -42.61 -3.36
CA ARG A 206 -7.28 -43.81 -3.84
C ARG A 206 -8.23 -44.37 -2.77
N LEU A 207 -7.86 -44.25 -1.49
CA LEU A 207 -8.74 -44.70 -0.41
C LEU A 207 -9.97 -43.81 -0.29
N LEU A 208 -9.80 -42.50 -0.36
CA LEU A 208 -10.93 -41.59 -0.27
C LEU A 208 -11.90 -41.86 -1.41
N LEU A 209 -11.37 -42.01 -2.62
CA LEU A 209 -12.22 -42.20 -3.80
C LEU A 209 -13.06 -43.47 -3.66
N ASP A 210 -12.44 -44.58 -3.24
CA ASP A 210 -13.16 -45.85 -3.19
C ASP A 210 -14.21 -45.91 -2.09
N HIS A 211 -14.20 -44.98 -1.12
CA HIS A 211 -15.20 -44.97 -0.07
C HIS A 211 -16.37 -44.04 -0.36
N GLY A 212 -16.30 -43.26 -1.42
CA GLY A 212 -17.42 -42.48 -1.86
C GLY A 212 -17.25 -41.02 -1.66
N ALA A 213 -16.02 -40.54 -1.55
CA ALA A 213 -15.75 -39.12 -1.49
C ALA A 213 -16.31 -38.46 -2.74
N ASP A 214 -17.10 -37.40 -2.53
CA ASP A 214 -17.58 -36.62 -3.66
C ASP A 214 -16.41 -35.91 -4.31
N VAL A 215 -16.28 -36.07 -5.63
CA VAL A 215 -15.15 -35.52 -6.37
C VAL A 215 -15.52 -34.22 -7.06
N ASN A 216 -16.70 -33.67 -6.77
CA ASN A 216 -17.13 -32.37 -7.24
C ASN A 216 -17.20 -31.37 -6.09
N VAL A 217 -16.38 -31.60 -5.06
CA VAL A 217 -16.09 -30.55 -4.11
C VAL A 217 -15.40 -29.36 -4.79
N ARG A 218 -15.46 -28.22 -4.13
CA ARG A 218 -14.61 -27.08 -4.47
C ARG A 218 -14.01 -26.53 -3.20
N GLY A 219 -12.84 -25.93 -3.32
CA GLY A 219 -12.20 -25.35 -2.18
C GLY A 219 -11.63 -23.99 -2.46
N GLU A 220 -10.78 -23.59 -1.55
CA GLU A 220 -9.85 -22.48 -1.68
C GLU A 220 -9.43 -22.23 -3.15
N GLY A 221 -9.81 -21.07 -3.66
CA GLY A 221 -9.66 -20.70 -5.06
C GLY A 221 -10.79 -21.10 -5.96
N SER A 222 -11.88 -21.65 -5.41
CA SER A 222 -12.99 -22.24 -6.16
C SER A 222 -12.48 -23.36 -7.09
N LYS A 223 -11.30 -23.94 -6.73
CA LYS A 223 -10.69 -25.05 -7.46
C LYS A 223 -11.51 -26.31 -7.28
N THR A 224 -11.61 -27.09 -8.33
CA THR A 224 -12.13 -28.43 -8.17
C THR A 224 -10.98 -29.40 -7.86
N PRO A 225 -11.25 -30.61 -7.32
CA PRO A 225 -10.12 -31.52 -7.10
C PRO A 225 -9.34 -31.81 -8.37
N LEU A 226 -10.04 -31.92 -9.50
CA LEU A 226 -9.35 -32.13 -10.77
C LEU A 226 -8.45 -30.95 -11.13
N ILE A 227 -8.88 -29.73 -10.83
CA ILE A 227 -8.01 -28.60 -11.15
C ILE A 227 -6.76 -28.57 -10.26
N LEU A 228 -6.83 -29.05 -9.01
CA LEU A 228 -5.61 -29.08 -8.21
C LEU A 228 -4.74 -30.28 -8.57
N ALA A 229 -5.32 -31.31 -9.20
CA ALA A 229 -4.50 -32.39 -9.73
C ALA A 229 -3.66 -31.91 -10.90
N VAL A 230 -4.22 -31.05 -11.77
CA VAL A 230 -3.47 -30.54 -12.91
C VAL A 230 -2.37 -29.61 -12.43
N GLU A 231 -2.73 -28.64 -11.56
CA GLU A 231 -1.80 -27.65 -11.05
C GLU A 231 -0.67 -28.27 -10.22
N ARG A 232 -0.88 -29.47 -9.67
CA ARG A 232 0.19 -30.23 -9.06
C ARG A 232 1.07 -30.90 -10.12
N LYS A 233 0.59 -30.95 -11.37
CA LYS A 233 1.30 -31.59 -12.48
C LYS A 233 1.53 -33.08 -12.21
N ASN A 234 0.51 -33.74 -11.67
CA ASN A 234 0.59 -35.16 -11.31
C ASN A 234 -0.34 -35.90 -12.27
N LEU A 235 0.27 -36.55 -13.25
CA LEU A 235 -0.46 -37.37 -14.21
C LEU A 235 -1.25 -38.48 -13.50
N ASP A 236 -0.64 -39.17 -12.53
CA ASP A 236 -1.38 -40.30 -11.97
C ASP A 236 -2.52 -39.83 -11.08
N LEU A 237 -2.46 -38.61 -10.54
CA LEU A 237 -3.58 -38.14 -9.73
C LEU A 237 -4.76 -37.72 -10.59
N VAL A 238 -4.50 -37.10 -11.74
CA VAL A 238 -5.59 -36.77 -12.66
C VAL A 238 -6.26 -38.03 -13.18
N GLN A 239 -5.51 -39.13 -13.27
CA GLN A 239 -6.10 -40.34 -13.83
C GLN A 239 -7.08 -40.99 -12.87
N MET A 240 -6.74 -41.03 -11.59
CA MET A 240 -7.63 -41.62 -10.59
C MET A 240 -8.96 -40.85 -10.53
N LEU A 241 -8.90 -39.54 -10.67
CA LEU A 241 -10.11 -38.73 -10.55
C LEU A 241 -11.03 -38.88 -11.76
N LEU A 242 -10.45 -39.07 -12.95
CA LEU A 242 -11.27 -39.23 -14.15
C LEU A 242 -11.83 -40.64 -14.33
N GLU A 243 -11.28 -41.64 -13.63
CA GLU A 243 -11.90 -42.97 -13.66
C GLU A 243 -13.35 -42.94 -13.20
N GLN A 244 -13.71 -41.98 -12.35
CA GLN A 244 -15.08 -41.80 -11.91
C GLN A 244 -15.82 -40.96 -12.95
N GLU A 245 -16.96 -41.44 -13.44
CA GLU A 245 -17.53 -40.89 -14.67
C GLU A 245 -18.56 -39.78 -14.47
N GLN A 246 -18.77 -39.29 -13.25
CA GLN A 246 -19.62 -38.11 -13.11
C GLN A 246 -18.81 -36.84 -12.74
N ILE A 247 -17.48 -36.95 -12.63
CA ILE A 247 -16.66 -35.75 -12.50
C ILE A 247 -17.05 -34.74 -13.56
N GLU A 248 -17.16 -33.46 -13.17
CA GLU A 248 -17.56 -32.40 -14.09
C GLU A 248 -16.29 -31.75 -14.61
N VAL A 249 -15.87 -32.18 -15.81
CA VAL A 249 -14.60 -31.72 -16.37
C VAL A 249 -14.67 -30.24 -16.70
N ASN A 250 -15.75 -29.80 -17.33
CA ASN A 250 -15.86 -28.41 -17.77
C ASN A 250 -16.38 -27.50 -16.66
N ASP A 251 -16.02 -27.77 -15.41
CA ASP A 251 -16.22 -26.81 -14.32
C ASP A 251 -14.94 -25.99 -14.18
N THR A 252 -15.07 -24.77 -13.68
CA THR A 252 -13.89 -23.92 -13.60
C THR A 252 -13.86 -23.17 -12.27
N ASP A 253 -12.69 -22.62 -11.94
CA ASP A 253 -12.45 -21.92 -10.69
C ASP A 253 -13.04 -20.51 -10.72
N ARG A 254 -12.63 -19.66 -9.77
CA ARG A 254 -13.12 -18.28 -9.71
C ARG A 254 -12.73 -17.48 -10.95
N GLU A 255 -11.62 -17.83 -11.61
CA GLU A 255 -11.13 -17.06 -12.75
C GLU A 255 -11.58 -17.62 -14.09
N GLY A 256 -12.50 -18.59 -14.11
CA GLY A 256 -12.96 -19.12 -15.38
C GLY A 256 -11.96 -20.00 -16.10
N LYS A 257 -10.83 -20.31 -15.49
CA LYS A 257 -9.80 -21.15 -16.10
C LYS A 257 -10.14 -22.62 -15.84
N THR A 258 -10.15 -23.41 -16.91
CA THR A 258 -10.49 -24.83 -16.85
C THR A 258 -9.27 -25.73 -16.66
N ALA A 259 -9.57 -27.00 -16.32
CA ALA A 259 -8.51 -27.98 -16.11
C ALA A 259 -7.62 -28.10 -17.34
N LEU A 260 -8.23 -28.14 -18.52
CA LEU A 260 -7.47 -28.27 -19.76
C LEU A 260 -6.79 -26.97 -20.15
N LEU A 261 -7.46 -25.83 -19.95
CA LEU A 261 -6.82 -24.52 -20.08
C LEU A 261 -5.53 -24.48 -19.28
N LEU A 262 -5.61 -24.86 -18.00
CA LEU A 262 -4.40 -24.93 -17.17
C LEU A 262 -3.48 -26.04 -17.66
N ALA A 263 -4.02 -27.12 -18.21
CA ALA A 263 -3.16 -28.20 -18.71
C ALA A 263 -2.26 -27.72 -19.84
N VAL A 264 -2.75 -26.82 -20.68
CA VAL A 264 -1.94 -26.34 -21.79
C VAL A 264 -0.97 -25.27 -21.32
N GLU A 265 -1.45 -24.33 -20.49
CA GLU A 265 -0.63 -23.23 -20.00
C GLU A 265 0.65 -23.71 -19.34
N LEU A 266 0.54 -24.75 -18.50
CA LEU A 266 1.68 -25.25 -17.73
C LEU A 266 2.42 -26.37 -18.45
N ARG A 267 2.25 -26.48 -19.76
CA ARG A 267 3.21 -27.17 -20.63
C ARG A 267 3.27 -28.68 -20.41
N LEU A 268 2.20 -29.32 -19.98
CA LEU A 268 2.23 -30.78 -19.84
C LEU A 268 1.23 -31.48 -20.76
N GLU A 269 1.85 -32.17 -21.71
CA GLU A 269 1.21 -32.79 -22.88
C GLU A 269 0.24 -33.89 -22.46
N GLU A 270 0.74 -34.93 -21.77
CA GLU A 270 -0.09 -36.11 -21.54
C GLU A 270 -1.31 -35.78 -20.68
N ILE A 271 -1.21 -34.83 -19.76
CA ILE A 271 -2.40 -34.42 -19.02
C ILE A 271 -3.42 -33.79 -19.96
N ALA A 272 -2.96 -32.97 -20.90
CA ALA A 272 -3.87 -32.37 -21.86
C ALA A 272 -4.49 -33.41 -22.79
N LYS A 273 -3.68 -34.33 -23.31
CA LYS A 273 -4.16 -35.33 -24.26
C LYS A 273 -5.26 -36.19 -23.65
N LEU A 274 -5.15 -36.50 -22.35
CA LEU A 274 -6.13 -37.34 -21.68
C LEU A 274 -7.37 -36.57 -21.26
N LEU A 275 -7.27 -35.24 -21.16
CA LEU A 275 -8.42 -34.42 -20.83
C LEU A 275 -9.26 -34.06 -22.05
N CYS A 276 -8.68 -34.10 -23.26
CA CYS A 276 -9.48 -33.98 -24.48
C CYS A 276 -10.24 -35.27 -24.74
N HIS A 277 -9.55 -36.41 -24.68
CA HIS A 277 -10.16 -37.71 -24.91
C HIS A 277 -11.33 -37.98 -23.98
N ARG A 278 -11.59 -37.07 -23.03
CA ARG A 278 -12.71 -37.21 -22.10
C ARG A 278 -13.58 -35.94 -22.11
N GLY A 279 -13.55 -35.15 -23.17
CA GLY A 279 -14.60 -34.18 -23.35
C GLY A 279 -14.40 -32.85 -22.68
N ALA A 280 -13.16 -32.37 -22.56
CA ALA A 280 -12.94 -31.01 -22.10
C ALA A 280 -13.20 -30.03 -23.25
N SER A 281 -13.62 -28.82 -22.90
CA SER A 281 -14.07 -27.86 -23.91
C SER A 281 -12.88 -27.21 -24.62
N THR A 282 -12.83 -27.38 -25.96
CA THR A 282 -11.80 -26.80 -26.82
C THR A 282 -12.00 -25.31 -27.08
N ASN A 283 -12.94 -24.67 -26.38
CA ASN A 283 -13.23 -23.23 -26.53
C ASN A 283 -13.64 -22.73 -25.14
N CYS A 284 -12.63 -22.63 -24.29
CA CYS A 284 -12.69 -21.93 -23.02
C CYS A 284 -11.54 -20.92 -22.98
N GLY A 285 -11.16 -20.48 -24.17
CA GLY A 285 -9.90 -19.80 -24.42
C GLY A 285 -9.42 -20.21 -25.79
N ASP A 286 -8.31 -19.60 -26.21
CA ASP A 286 -7.69 -19.95 -27.50
C ASP A 286 -6.44 -20.78 -27.22
N LEU A 287 -6.58 -22.11 -27.32
CA LEU A 287 -5.63 -23.05 -26.74
C LEU A 287 -4.47 -23.44 -27.64
N VAL A 288 -4.64 -23.40 -28.96
CA VAL A 288 -3.47 -23.72 -29.78
C VAL A 288 -2.49 -22.56 -29.78
N ALA A 289 -2.97 -21.34 -29.56
CA ALA A 289 -2.06 -20.21 -29.34
C ALA A 289 -1.24 -20.40 -28.08
N ILE A 290 -1.80 -21.06 -27.06
CA ILE A 290 -1.09 -21.26 -25.79
C ILE A 290 0.00 -22.33 -25.92
N ALA A 291 -0.26 -23.45 -26.60
CA ALA A 291 0.82 -24.38 -26.86
C ALA A 291 1.86 -23.78 -27.81
N ARG A 292 1.40 -23.00 -28.78
CA ARG A 292 2.28 -22.15 -29.60
C ARG A 292 3.27 -21.38 -28.75
N ARG A 293 2.77 -20.54 -27.87
CA ARG A 293 3.62 -19.70 -27.05
C ARG A 293 4.44 -20.49 -26.03
N ASN A 294 4.15 -21.78 -25.82
CA ASN A 294 4.97 -22.55 -24.89
C ASN A 294 5.83 -23.60 -25.58
N TYR A 295 5.96 -23.49 -26.90
CA TYR A 295 6.96 -24.24 -27.66
C TYR A 295 6.75 -25.74 -27.64
N ASP A 296 5.53 -26.23 -27.56
CA ASP A 296 5.29 -27.67 -27.64
C ASP A 296 4.72 -27.96 -29.02
N SER A 297 5.57 -28.52 -29.89
CA SER A 297 5.13 -28.92 -31.22
C SER A 297 4.16 -30.11 -31.16
N ASP A 298 4.36 -30.99 -30.18
CA ASP A 298 3.52 -32.18 -30.08
C ASP A 298 2.09 -31.85 -29.68
N LEU A 299 1.83 -30.65 -29.14
CA LEU A 299 0.46 -30.30 -28.76
C LEU A 299 -0.24 -29.44 -29.80
N VAL A 300 0.48 -28.57 -30.52
CA VAL A 300 -0.08 -27.99 -31.73
C VAL A 300 -0.58 -29.10 -32.64
N LYS A 301 0.22 -30.15 -32.81
CA LYS A 301 -0.17 -31.28 -33.64
C LYS A 301 -1.58 -31.80 -33.30
N PHE A 302 -1.93 -31.89 -31.99
CA PHE A 302 -3.15 -32.59 -31.60
C PHE A 302 -4.37 -31.68 -31.74
N LEU A 303 -4.23 -30.37 -31.47
CA LEU A 303 -5.40 -29.51 -31.61
C LEU A 303 -5.76 -29.25 -33.07
N ARG A 304 -5.13 -29.98 -33.99
CA ARG A 304 -5.64 -30.00 -35.35
C ARG A 304 -7.01 -30.66 -35.41
N LEU A 305 -7.26 -31.70 -34.57
CA LEU A 305 -8.50 -32.47 -34.54
C LEU A 305 -9.74 -31.64 -34.07
N HIS A 306 -9.65 -30.34 -33.77
CA HIS A 306 -10.79 -29.64 -33.18
C HIS A 306 -10.67 -28.13 -33.38
N ASN A 318 -12.18 -5.14 -23.47
CA ASN A 318 -12.48 -3.81 -22.97
C ASN A 318 -11.97 -3.66 -21.51
N TRP A 319 -11.16 -2.62 -21.28
CA TRP A 319 -10.65 -2.23 -19.97
C TRP A 319 -10.10 -0.80 -20.12
N LYS A 320 -10.50 0.10 -19.23
CA LYS A 320 -10.16 1.50 -19.37
C LYS A 320 -9.02 1.89 -18.42
N PRO A 321 -7.92 2.45 -18.92
CA PRO A 321 -6.93 3.07 -18.02
C PRO A 321 -7.34 4.47 -17.59
N GLN A 322 -6.93 4.85 -16.37
CA GLN A 322 -7.25 6.17 -15.88
C GLN A 322 -6.20 7.23 -16.25
N SER A 323 -5.01 6.82 -16.67
CA SER A 323 -3.96 7.75 -17.10
C SER A 323 -4.13 8.21 -18.55
N SER A 324 -3.78 9.47 -18.79
CA SER A 324 -3.83 10.05 -20.14
C SER A 324 -2.49 9.96 -20.88
N ARG A 325 -1.37 10.25 -20.21
CA ARG A 325 -0.07 10.16 -20.88
C ARG A 325 0.25 8.72 -21.25
N TRP A 326 0.03 7.79 -20.33
CA TRP A 326 0.38 6.39 -20.45
C TRP A 326 -0.79 5.52 -20.87
N GLY A 327 -1.93 6.13 -21.21
CA GLY A 327 -3.15 5.41 -21.52
C GLY A 327 -3.02 4.33 -22.57
N GLU A 328 -2.55 4.68 -23.77
CA GLU A 328 -2.54 3.69 -24.84
C GLU A 328 -1.42 2.67 -24.66
N ALA A 329 -0.34 3.04 -23.98
CA ALA A 329 0.66 2.02 -23.64
C ALA A 329 0.10 0.98 -22.67
N LEU A 330 -0.81 1.36 -21.78
CA LEU A 330 -1.33 0.38 -20.82
C LEU A 330 -2.48 -0.43 -21.39
N LYS A 331 -3.25 0.14 -22.32
CA LYS A 331 -4.20 -0.67 -23.05
C LYS A 331 -3.47 -1.84 -23.71
N HIS A 332 -2.29 -1.57 -24.29
CA HIS A 332 -1.52 -2.61 -24.95
C HIS A 332 -1.01 -3.62 -23.95
N LEU A 333 -0.50 -3.17 -22.80
CA LEU A 333 0.06 -4.11 -21.85
C LEU A 333 -1.03 -4.97 -21.21
N HIS A 334 -2.24 -4.43 -21.05
CA HIS A 334 -3.34 -5.28 -20.61
C HIS A 334 -3.69 -6.36 -21.63
N ARG A 335 -3.52 -6.04 -22.92
CA ARG A 335 -3.92 -6.95 -23.99
C ARG A 335 -3.03 -8.18 -24.05
N ILE A 336 -1.73 -7.99 -23.98
CA ILE A 336 -0.79 -9.06 -24.29
C ILE A 336 -0.72 -10.06 -23.13
N TRP A 337 -0.27 -11.25 -23.44
CA TRP A 337 -0.03 -12.26 -22.42
C TRP A 337 1.35 -12.06 -21.83
N ARG A 338 1.43 -12.13 -20.51
CA ARG A 338 2.74 -12.28 -19.86
C ARG A 338 2.59 -13.07 -18.55
N PRO A 339 3.69 -13.65 -18.07
CA PRO A 339 3.63 -14.29 -16.75
C PRO A 339 3.58 -13.25 -15.63
N MET A 340 3.06 -13.69 -14.51
CA MET A 340 2.99 -12.87 -13.32
C MET A 340 4.22 -13.11 -12.45
N ILE A 341 4.73 -12.03 -11.87
CA ILE A 341 5.62 -12.11 -10.72
C ILE A 341 4.79 -11.67 -9.53
N GLY A 342 4.24 -12.64 -8.78
CA GLY A 342 3.29 -12.30 -7.73
C GLY A 342 2.09 -11.59 -8.32
N LYS A 343 1.78 -10.44 -7.77
CA LYS A 343 0.68 -9.60 -8.23
C LYS A 343 1.05 -8.72 -9.42
N LEU A 344 2.26 -8.85 -9.98
CA LEU A 344 2.77 -7.85 -10.92
C LEU A 344 2.83 -8.39 -12.34
N LYS A 345 2.12 -7.73 -13.24
CA LYS A 345 2.25 -7.98 -14.67
C LYS A 345 3.12 -6.88 -15.27
N ILE A 346 4.24 -7.28 -15.87
CA ILE A 346 5.21 -6.35 -16.41
C ILE A 346 5.83 -6.93 -17.67
N PHE A 347 6.22 -6.04 -18.58
CA PHE A 347 6.98 -6.44 -19.76
C PHE A 347 8.09 -5.43 -19.98
N ILE A 348 9.32 -5.90 -19.91
CA ILE A 348 10.50 -5.11 -20.21
C ILE A 348 10.61 -4.98 -21.73
N ASP A 349 10.29 -3.78 -22.25
CA ASP A 349 10.42 -3.34 -23.65
C ASP A 349 10.38 -1.82 -23.63
N GLU A 350 11.06 -1.19 -24.59
CA GLU A 350 11.16 0.27 -24.55
C GLU A 350 9.78 0.89 -24.67
N GLU A 351 8.81 0.17 -25.26
CA GLU A 351 7.46 0.71 -25.37
C GLU A 351 6.85 0.96 -24.00
N TYR A 352 7.26 0.24 -22.96
CA TYR A 352 6.73 0.48 -21.63
C TYR A 352 7.76 1.13 -20.71
N LYS A 353 8.83 1.70 -21.26
CA LYS A 353 9.82 2.35 -20.41
C LYS A 353 9.38 3.79 -20.18
N ILE A 354 9.31 4.18 -18.91
CA ILE A 354 8.98 5.54 -18.54
C ILE A 354 10.21 6.37 -18.20
N ALA A 355 11.24 5.80 -17.56
CA ALA A 355 12.45 6.53 -17.17
C ALA A 355 13.56 5.52 -16.81
N ASP A 356 14.81 6.00 -16.78
CA ASP A 356 15.97 5.17 -16.45
C ASP A 356 16.61 5.49 -15.10
N THR A 357 16.89 4.44 -14.32
CA THR A 357 17.57 4.54 -13.03
C THR A 357 19.04 4.12 -13.16
N ALA A 358 19.77 4.30 -12.05
CA ALA A 358 21.10 3.70 -11.92
C ALA A 358 21.11 2.20 -12.20
N GLU A 359 20.00 1.52 -11.95
CA GLU A 359 19.96 0.06 -12.08
C GLU A 359 18.51 -0.34 -12.28
N GLY A 360 18.19 -0.93 -13.42
CA GLY A 360 16.91 -1.59 -13.62
C GLY A 360 15.84 -0.78 -14.30
N GLY A 361 15.92 0.55 -14.24
CA GLY A 361 14.99 1.41 -14.95
C GLY A 361 13.63 1.44 -14.29
N ILE A 362 12.73 2.20 -14.93
CA ILE A 362 11.38 2.38 -14.40
C ILE A 362 10.39 2.12 -15.52
N TYR A 363 9.46 1.20 -15.29
CA TYR A 363 8.58 0.71 -16.34
C TYR A 363 7.13 0.81 -15.90
N LEU A 364 6.24 0.61 -16.84
CA LEU A 364 4.87 0.51 -16.41
C LEU A 364 4.59 -0.93 -16.08
N GLY A 365 3.44 -1.14 -15.47
CA GLY A 365 3.13 -2.43 -14.88
C GLY A 365 1.67 -2.44 -14.49
N LEU A 366 1.18 -3.64 -14.23
CA LEU A 366 -0.15 -3.81 -13.66
C LEU A 366 -0.06 -4.66 -12.40
N TYR A 367 -0.44 -4.07 -11.27
CA TYR A 367 -0.40 -4.70 -9.95
C TYR A 367 -1.84 -4.91 -9.52
N GLU A 368 -2.21 -6.19 -9.38
CA GLU A 368 -3.60 -6.58 -9.16
C GLU A 368 -4.53 -5.79 -10.08
N ASP A 369 -4.12 -5.70 -11.34
CA ASP A 369 -4.88 -5.06 -12.42
C ASP A 369 -5.04 -3.56 -12.20
N GLN A 370 -4.17 -2.96 -11.39
CA GLN A 370 -4.09 -1.51 -11.19
C GLN A 370 -2.83 -0.95 -11.85
N GLU A 371 -2.92 0.28 -12.40
CA GLU A 371 -1.78 0.99 -12.99
C GLU A 371 -0.67 1.29 -11.99
N VAL A 372 0.59 0.93 -12.34
CA VAL A 372 1.71 1.30 -11.49
C VAL A 372 2.93 1.69 -12.31
N ALA A 373 3.86 2.39 -11.66
CA ALA A 373 5.22 2.55 -12.16
C ALA A 373 6.09 1.58 -11.36
N VAL A 374 7.02 0.91 -12.02
CA VAL A 374 7.76 -0.15 -11.36
C VAL A 374 9.25 0.23 -11.35
N LYS A 375 9.80 0.38 -10.16
CA LYS A 375 11.23 0.60 -9.99
C LYS A 375 11.93 -0.73 -9.77
N ARG A 376 12.94 -1.01 -10.60
CA ARG A 376 13.58 -2.32 -10.64
C ARG A 376 14.98 -2.27 -10.06
N PHE A 377 15.25 -3.07 -9.04
CA PHE A 377 16.57 -3.21 -8.43
C PHE A 377 17.03 -4.66 -8.46
N SER A 378 18.35 -4.83 -8.29
CA SER A 378 18.88 -6.17 -8.11
C SER A 378 18.47 -6.68 -6.73
N GLU A 379 18.17 -7.97 -6.64
CA GLU A 379 17.47 -8.47 -5.46
C GLU A 379 18.29 -8.24 -4.19
N GLY A 380 19.62 -8.18 -4.33
CA GLY A 380 20.47 -7.91 -3.18
C GLY A 380 20.78 -6.44 -2.89
N SER A 381 20.40 -5.53 -3.80
CA SER A 381 20.95 -4.18 -3.82
C SER A 381 20.68 -3.40 -2.53
N THR A 382 21.70 -2.68 -2.08
CA THR A 382 21.49 -1.74 -0.98
C THR A 382 20.52 -0.64 -1.39
N ARG A 383 20.60 -0.14 -2.64
CA ARG A 383 19.66 0.94 -2.91
C ARG A 383 18.21 0.47 -2.98
N GLY A 384 17.96 -0.69 -3.59
CA GLY A 384 16.58 -1.12 -3.70
C GLY A 384 15.98 -1.31 -2.34
N GLN A 385 16.71 -1.98 -1.48
CA GLN A 385 16.34 -2.16 -0.08
C GLN A 385 16.02 -0.87 0.66
N GLN A 386 16.67 0.25 0.38
CA GLN A 386 15.99 1.20 1.23
C GLN A 386 15.08 2.19 0.53
N GLU A 387 14.93 2.06 -0.79
CA GLU A 387 13.77 2.72 -1.34
C GLU A 387 12.55 2.18 -0.59
N VAL A 388 12.52 0.87 -0.35
CA VAL A 388 11.37 0.22 0.26
C VAL A 388 11.27 0.60 1.73
N SER A 389 12.39 0.53 2.46
CA SER A 389 12.32 0.86 3.87
C SER A 389 11.71 2.24 4.07
N CYS A 390 12.19 3.23 3.30
CA CYS A 390 11.62 4.57 3.36
C CYS A 390 10.16 4.59 2.90
N LEU A 391 9.85 3.90 1.79
CA LEU A 391 8.47 3.84 1.30
C LEU A 391 7.48 3.35 2.37
N GLN A 392 7.90 2.40 3.21
CA GLN A 392 6.96 1.85 4.21
C GLN A 392 6.72 2.81 5.38
N SER A 393 7.67 3.67 5.69
CA SER A 393 7.44 4.66 6.74
C SER A 393 6.66 5.88 6.26
N SER A 394 6.22 5.89 5.00
CA SER A 394 5.61 7.07 4.41
C SER A 394 4.13 6.89 4.05
N ARG A 395 3.52 5.76 4.38
CA ARG A 395 2.12 5.54 4.03
C ARG A 395 1.20 6.65 4.54
N ALA A 396 1.54 7.29 5.65
CA ALA A 396 0.74 8.41 6.17
C ALA A 396 1.07 9.74 5.52
N ASN A 397 2.11 9.80 4.69
CA ASN A 397 2.58 11.03 4.08
C ASN A 397 1.86 11.28 2.77
N ASP A 398 0.93 12.24 2.77
CA ASP A 398 0.07 12.49 1.63
C ASP A 398 0.79 13.05 0.41
N ASN A 399 2.02 13.53 0.54
CA ASN A 399 2.71 14.08 -0.60
C ASN A 399 3.92 13.26 -1.00
N VAL A 400 3.93 11.98 -0.63
CA VAL A 400 4.85 10.99 -1.15
C VAL A 400 4.06 10.06 -2.04
N VAL A 401 4.65 9.68 -3.17
CA VAL A 401 3.99 8.78 -4.11
C VAL A 401 3.50 7.55 -3.38
N THR A 402 2.26 7.15 -3.66
CA THR A 402 1.62 6.02 -3.00
C THR A 402 2.35 4.73 -3.34
N PHE A 403 2.54 3.87 -2.33
CA PHE A 403 3.35 2.65 -2.45
C PHE A 403 2.48 1.39 -2.36
N TYR A 404 2.44 0.63 -3.46
CA TYR A 404 1.51 -0.49 -3.60
C TYR A 404 2.07 -1.79 -2.99
N GLY A 405 3.34 -2.09 -3.22
CA GLY A 405 3.94 -3.30 -2.70
C GLY A 405 5.07 -3.74 -3.59
N SER A 406 5.87 -4.69 -3.08
CA SER A 406 7.03 -5.25 -3.77
C SER A 406 6.81 -6.69 -4.19
N GLU A 407 7.54 -7.09 -5.25
CA GLU A 407 7.49 -8.45 -5.78
C GLU A 407 8.86 -8.82 -6.32
N SER A 408 9.33 -10.02 -6.01
CA SER A 408 10.63 -10.45 -6.48
C SER A 408 10.48 -11.71 -7.31
N ASP A 409 11.24 -11.80 -8.40
CA ASP A 409 11.32 -13.00 -9.22
C ASP A 409 12.59 -13.80 -8.93
N GLY A 410 13.20 -13.59 -7.76
CA GLY A 410 14.43 -14.26 -7.37
C GLY A 410 15.72 -13.59 -7.80
N SER A 411 15.64 -12.61 -8.70
CA SER A 411 16.80 -11.96 -9.31
C SER A 411 16.69 -10.46 -9.27
N CYS A 412 15.50 -9.94 -9.04
CA CYS A 412 15.20 -8.56 -9.34
C CYS A 412 13.98 -8.18 -8.52
N LEU A 413 14.13 -7.18 -7.68
CA LEU A 413 13.06 -6.73 -6.81
C LEU A 413 12.28 -5.65 -7.54
N HIS A 414 10.97 -5.80 -7.58
CA HIS A 414 10.07 -4.86 -8.23
C HIS A 414 9.31 -4.12 -7.16
N VAL A 415 9.57 -2.82 -7.00
CA VAL A 415 8.77 -1.98 -6.13
C VAL A 415 7.81 -1.19 -6.99
N CYS A 416 6.52 -1.26 -6.66
CA CYS A 416 5.45 -0.75 -7.49
C CYS A 416 4.80 0.46 -6.84
N LEU A 417 4.76 1.58 -7.57
CA LEU A 417 4.26 2.81 -6.98
C LEU A 417 3.17 3.39 -7.87
N ALA A 418 2.43 4.31 -7.27
CA ALA A 418 1.40 5.07 -7.97
C ALA A 418 1.99 5.71 -9.22
N LEU A 419 1.23 5.62 -10.31
CA LEU A 419 1.63 6.20 -11.58
C LEU A 419 1.21 7.65 -11.65
N CYS A 420 2.13 8.52 -12.01
CA CYS A 420 1.82 9.93 -12.11
C CYS A 420 1.98 10.34 -13.56
N GLU A 421 1.60 11.59 -13.86
CA GLU A 421 1.59 12.04 -15.25
C GLU A 421 2.92 12.67 -15.64
N TYR A 422 3.46 13.55 -14.82
CA TYR A 422 4.55 14.40 -15.24
C TYR A 422 5.53 14.64 -14.09
N THR A 423 6.78 14.78 -14.48
CA THR A 423 7.80 15.38 -13.64
C THR A 423 7.50 16.87 -13.45
N LEU A 424 7.95 17.42 -12.32
CA LEU A 424 7.87 18.86 -12.11
C LEU A 424 8.46 19.63 -13.29
N GLN A 425 9.62 19.20 -13.78
CA GLN A 425 10.24 19.91 -14.90
C GLN A 425 9.36 19.88 -16.15
N GLU A 426 8.75 18.74 -16.45
CA GLU A 426 7.83 18.71 -17.57
C GLU A 426 6.61 19.60 -17.30
N HIS A 427 6.06 19.50 -16.10
CA HIS A 427 4.87 20.27 -15.74
C HIS A 427 5.09 21.79 -15.88
N LEU A 428 6.24 22.29 -15.41
CA LEU A 428 6.57 23.68 -15.58
C LEU A 428 6.74 24.06 -17.05
N ALA A 429 7.20 23.13 -17.88
CA ALA A 429 7.27 23.40 -19.31
C ALA A 429 5.87 23.52 -19.91
N ASN A 430 5.02 22.50 -19.67
CA ASN A 430 3.68 22.45 -20.26
C ASN A 430 2.80 23.63 -19.87
N HIS A 431 3.10 24.31 -18.78
CA HIS A 431 2.27 25.42 -18.36
C HIS A 431 3.03 26.73 -18.43
N ARG A 432 4.19 26.76 -19.11
CA ARG A 432 5.04 27.93 -19.09
C ARG A 432 4.40 29.13 -19.76
N GLY A 433 3.58 28.88 -20.78
CA GLY A 433 2.91 29.89 -21.57
C GLY A 433 1.53 30.24 -21.08
N ASP A 434 1.04 29.58 -20.02
CA ASP A 434 -0.27 29.92 -19.47
C ASP A 434 -0.21 31.22 -18.71
N ALA A 435 1.00 31.76 -18.51
CA ALA A 435 1.27 32.84 -17.58
C ALA A 435 1.52 34.16 -18.28
N VAL A 436 0.84 35.21 -17.81
CA VAL A 436 1.15 36.60 -18.13
C VAL A 436 2.48 36.96 -17.45
N PRO A 437 3.32 37.82 -18.04
CA PRO A 437 4.62 38.11 -17.41
C PRO A 437 4.64 38.53 -15.93
N ASN A 438 4.00 39.60 -15.43
CA ASN A 438 4.23 39.78 -13.98
C ASN A 438 2.95 39.73 -13.12
N GLU A 439 2.27 38.64 -13.37
CA GLU A 439 1.26 37.85 -12.71
C GLU A 439 1.68 37.48 -11.28
N GLU A 440 0.72 37.37 -10.38
CA GLU A 440 1.01 36.69 -9.12
C GLU A 440 1.11 35.19 -9.41
N ASP A 441 2.22 34.57 -9.00
CA ASP A 441 2.44 33.13 -9.24
C ASP A 441 1.88 32.32 -8.07
N GLU A 442 0.56 32.09 -8.10
CA GLU A 442 -0.07 31.30 -7.05
C GLU A 442 0.37 29.85 -7.09
N SER A 443 0.57 29.32 -8.31
CA SER A 443 0.97 27.92 -8.52
C SER A 443 2.37 27.61 -7.97
N ALA A 444 3.29 28.57 -8.01
CA ALA A 444 4.57 28.37 -7.37
C ALA A 444 4.40 28.16 -5.86
N ARG A 445 3.47 28.91 -5.24
CA ARG A 445 3.19 28.71 -3.82
C ARG A 445 2.56 27.35 -3.54
N ASN A 446 1.73 26.84 -4.46
CA ASN A 446 1.05 25.57 -4.22
C ASN A 446 2.02 24.40 -4.36
N ILE A 447 2.81 24.37 -5.45
CA ILE A 447 3.87 23.36 -5.57
C ILE A 447 4.79 23.39 -4.36
N LEU A 448 5.27 24.56 -4.00
CA LEU A 448 6.32 24.61 -3.00
C LEU A 448 5.78 24.28 -1.61
N SER A 449 4.54 24.65 -1.31
CA SER A 449 4.03 24.29 0.00
C SER A 449 3.78 22.79 0.09
N SER A 450 3.36 22.16 -1.01
CA SER A 450 3.28 20.71 -1.03
C SER A 450 4.66 20.10 -0.77
N LEU A 451 5.71 20.68 -1.34
CA LEU A 451 7.04 20.13 -1.12
C LEU A 451 7.48 20.32 0.32
N PHE A 452 7.15 21.46 0.91
CA PHE A 452 7.49 21.69 2.31
C PHE A 452 6.80 20.66 3.21
N LYS A 453 5.50 20.43 2.98
CA LYS A 453 4.77 19.45 3.77
C LYS A 453 5.32 18.03 3.60
N ALA A 454 5.65 17.64 2.36
CA ALA A 454 6.18 16.31 2.10
C ALA A 454 7.55 16.06 2.76
N ILE A 455 8.47 17.02 2.65
CA ILE A 455 9.80 16.84 3.23
C ILE A 455 9.73 16.94 4.74
N GLY A 456 8.86 17.85 5.24
CA GLY A 456 8.58 17.93 6.67
C GLY A 456 8.05 16.61 7.23
N GLU A 457 7.13 15.97 6.51
CA GLU A 457 6.60 14.70 6.98
C GLU A 457 7.65 13.60 6.91
N LEU A 458 8.46 13.58 5.84
CA LEU A 458 9.51 12.57 5.74
C LEU A 458 10.49 12.66 6.89
N HIS A 459 10.84 13.89 7.29
CA HIS A 459 11.83 14.03 8.34
C HIS A 459 11.29 13.53 9.68
N ARG A 460 10.01 13.82 9.96
CA ARG A 460 9.39 13.32 11.18
C ARG A 460 9.37 11.79 11.22
N SER A 461 9.24 11.15 10.06
CA SER A 461 9.24 9.69 9.95
C SER A 461 10.65 9.09 10.06
N GLY A 462 11.67 9.94 10.16
CA GLY A 462 13.03 9.52 10.37
C GLY A 462 13.86 9.35 9.12
N TYR A 463 13.39 9.82 7.96
CA TYR A 463 14.15 9.67 6.73
C TYR A 463 14.49 11.03 6.12
N SER A 464 15.65 11.08 5.48
CA SER A 464 16.04 12.20 4.64
C SER A 464 16.19 11.68 3.22
N HIS A 465 15.65 12.43 2.26
CA HIS A 465 15.63 11.99 0.86
C HIS A 465 17.04 11.85 0.27
N GLN A 466 17.87 12.89 0.42
CA GLN A 466 19.29 12.96 0.05
C GLN A 466 19.55 13.26 -1.44
N ASP A 467 18.53 13.39 -2.28
CA ASP A 467 18.81 13.76 -3.66
C ASP A 467 17.59 14.42 -4.27
N LEU A 468 17.11 15.50 -3.67
CA LEU A 468 15.94 16.16 -4.22
C LEU A 468 16.33 16.96 -5.47
N GLN A 469 15.44 16.95 -6.44
CA GLN A 469 15.71 17.33 -7.81
C GLN A 469 14.40 17.31 -8.57
N PRO A 470 14.22 18.18 -9.55
CA PRO A 470 12.92 18.26 -10.21
C PRO A 470 12.51 16.95 -10.94
N GLN A 471 13.46 16.10 -11.31
CA GLN A 471 13.10 14.80 -11.87
C GLN A 471 12.42 13.89 -10.85
N ASN A 472 12.68 14.05 -9.55
CA ASN A 472 12.06 13.21 -8.51
C ASN A 472 10.73 13.75 -8.01
N ILE A 473 10.25 14.87 -8.52
CA ILE A 473 9.00 15.45 -8.06
C ILE A 473 7.95 15.19 -9.14
N LEU A 474 6.86 14.58 -8.75
CA LEU A 474 5.88 14.05 -9.68
C LEU A 474 4.59 14.83 -9.59
N ILE A 475 3.90 14.89 -10.71
CA ILE A 475 2.62 15.58 -10.81
C ILE A 475 1.60 14.63 -11.45
N ASP A 476 0.45 14.48 -10.82
CA ASP A 476 -0.50 13.45 -11.19
C ASP A 476 -1.66 14.09 -11.94
N SER A 477 -2.69 13.30 -12.22
CA SER A 477 -3.76 13.77 -13.09
C SER A 477 -4.50 15.00 -12.56
N LYS A 478 -4.28 15.40 -11.30
CA LYS A 478 -5.01 16.47 -10.64
C LYS A 478 -4.08 17.50 -9.99
N ASN A 479 -2.99 17.87 -10.68
CA ASN A 479 -2.07 18.93 -10.26
C ASN A 479 -1.51 18.83 -8.85
N GLY A 480 -1.69 17.67 -8.19
CA GLY A 480 -0.96 17.41 -6.97
C GLY A 480 0.50 17.09 -7.24
N THR A 481 1.36 17.42 -6.28
CA THR A 481 2.78 17.17 -6.36
C THR A 481 3.18 16.10 -5.34
N PHE A 482 4.12 15.24 -5.72
CA PHE A 482 4.52 14.11 -4.89
C PHE A 482 6.03 13.98 -4.94
N LEU A 483 6.61 13.64 -3.80
CA LEU A 483 7.99 13.22 -3.72
C LEU A 483 8.14 11.76 -4.14
N ALA A 484 9.27 11.43 -4.79
CA ALA A 484 9.55 10.04 -5.14
C ALA A 484 11.06 9.82 -5.10
N ASP A 485 11.46 8.56 -5.39
CA ASP A 485 12.86 8.11 -5.55
C ASP A 485 13.69 8.18 -4.26
N PHE A 486 13.51 7.17 -3.41
CA PHE A 486 14.07 7.15 -2.06
C PHE A 486 15.24 6.17 -1.93
N ASP A 487 15.90 5.87 -3.02
CA ASP A 487 17.00 4.92 -3.05
C ASP A 487 18.33 5.51 -2.59
N LYS A 488 18.41 6.81 -2.38
CA LYS A 488 19.59 7.37 -1.75
C LYS A 488 19.25 7.84 -0.36
N SER A 489 18.03 7.55 0.11
CA SER A 489 17.59 8.05 1.38
C SER A 489 18.25 7.27 2.52
N ILE A 490 18.22 7.87 3.70
CA ILE A 490 18.87 7.35 4.90
C ILE A 490 17.94 7.62 6.05
N LYS A 491 18.00 6.75 7.07
CA LYS A 491 17.49 7.11 8.39
C LYS A 491 18.40 8.20 8.94
N TRP A 492 17.86 9.37 9.24
CA TRP A 492 18.74 10.50 9.53
C TRP A 492 19.23 10.55 10.98
N ALA A 493 18.75 9.65 11.85
CA ALA A 493 19.34 9.53 13.17
C ALA A 493 20.83 9.25 13.07
N GLU A 494 21.21 8.40 12.12
CA GLU A 494 22.57 7.92 11.97
C GLU A 494 23.55 9.01 11.57
N ASP A 495 23.05 10.16 11.11
CA ASP A 495 23.86 11.34 10.81
C ASP A 495 22.94 12.55 10.68
N PRO A 496 22.54 13.18 11.78
CA PRO A 496 21.52 14.23 11.68
C PRO A 496 21.99 15.45 10.91
N GLN A 497 23.28 15.53 10.56
CA GLN A 497 23.77 16.70 9.87
C GLN A 497 23.54 16.66 8.37
N LYS A 498 23.20 15.49 7.82
CA LYS A 498 22.88 15.37 6.41
C LYS A 498 21.48 15.83 6.03
N ILE A 499 20.54 16.01 6.98
CA ILE A 499 19.25 16.59 6.62
C ILE A 499 19.50 17.91 5.90
N LYS A 500 20.66 18.52 6.16
CA LYS A 500 20.98 19.78 5.52
C LYS A 500 21.04 19.63 4.01
N ARG A 501 21.28 18.43 3.51
CA ARG A 501 21.27 18.24 2.07
C ARG A 501 19.88 18.46 1.50
N ASP A 502 18.82 18.09 2.24
CA ASP A 502 17.44 18.29 1.80
C ASP A 502 17.06 19.75 1.82
N LEU A 503 17.53 20.50 2.82
CA LEU A 503 17.06 21.88 2.93
C LEU A 503 17.77 22.78 1.94
N GLU A 504 18.97 22.42 1.54
CA GLU A 504 19.61 23.16 0.47
C GLU A 504 18.93 22.86 -0.86
N ALA A 505 18.63 21.57 -1.11
CA ALA A 505 17.95 21.22 -2.35
C ALA A 505 16.63 21.96 -2.42
N LEU A 506 15.97 22.11 -1.29
CA LEU A 506 14.71 22.80 -1.24
C LEU A 506 14.87 24.30 -1.51
N GLY A 507 15.94 24.90 -1.01
CA GLY A 507 16.24 26.29 -1.35
C GLY A 507 16.39 26.44 -2.85
N LEU A 508 17.22 25.57 -3.45
CA LEU A 508 17.37 25.51 -4.89
C LEU A 508 16.02 25.30 -5.59
N LEU A 509 15.19 24.40 -5.07
CA LEU A 509 13.91 24.15 -5.72
C LEU A 509 12.97 25.36 -5.58
N VAL A 510 13.12 26.14 -4.52
CA VAL A 510 12.27 27.32 -4.38
C VAL A 510 12.60 28.31 -5.49
N LEU A 511 13.88 28.51 -5.77
CA LEU A 511 14.26 29.41 -6.85
C LEU A 511 13.87 28.85 -8.21
N TYR A 512 14.13 27.55 -8.40
CA TYR A 512 13.76 26.89 -9.64
C TYR A 512 12.29 27.08 -9.99
N VAL A 513 11.39 26.93 -9.02
CA VAL A 513 9.96 27.01 -9.30
C VAL A 513 9.53 28.48 -9.46
N VAL A 514 10.15 29.41 -8.72
CA VAL A 514 9.77 30.81 -8.85
C VAL A 514 10.20 31.34 -10.20
N LYS A 515 11.29 30.80 -10.73
CA LYS A 515 11.74 31.09 -12.09
C LYS A 515 10.99 30.26 -13.14
N LYS A 516 9.88 29.64 -12.76
CA LYS A 516 8.97 28.94 -13.67
C LYS A 516 9.65 27.85 -14.50
N GLY A 517 10.80 27.35 -14.06
CA GLY A 517 11.51 26.31 -14.79
C GLY A 517 12.54 26.82 -15.79
N ASP A 518 12.66 28.15 -15.93
CA ASP A 518 13.51 28.76 -16.96
C ASP A 518 14.99 28.57 -16.67
N ILE A 519 15.38 28.51 -15.40
CA ILE A 519 16.75 28.22 -15.03
C ILE A 519 16.86 26.74 -14.68
N SER A 520 17.76 26.03 -15.36
CA SER A 520 17.91 24.59 -15.17
C SER A 520 18.44 24.26 -13.78
N PHE A 521 18.04 23.08 -13.26
CA PHE A 521 18.45 22.75 -11.90
C PHE A 521 19.96 22.60 -11.79
N GLU A 522 20.63 22.10 -12.84
CA GLU A 522 22.07 21.93 -12.72
C GLU A 522 22.79 23.26 -12.65
N THR A 523 22.26 24.31 -13.32
CA THR A 523 22.84 25.63 -13.18
C THR A 523 22.78 26.09 -11.73
N LEU A 524 21.64 25.90 -11.08
CA LEU A 524 21.48 26.30 -9.68
C LEU A 524 22.41 25.52 -8.76
N LYS A 525 22.58 24.20 -9.02
CA LYS A 525 23.51 23.40 -8.22
C LYS A 525 24.94 23.84 -8.42
N ASN A 526 25.23 24.56 -9.50
CA ASN A 526 26.58 25.07 -9.72
C ASN A 526 26.77 26.51 -9.27
N GLN A 527 25.72 27.19 -8.87
CA GLN A 527 25.87 28.50 -8.25
C GLN A 527 26.25 28.35 -6.78
N SER A 528 26.96 29.34 -6.27
CA SER A 528 27.20 29.51 -4.86
C SER A 528 25.94 30.04 -4.18
N PHE A 529 25.98 30.03 -2.84
CA PHE A 529 24.84 30.55 -2.10
C PHE A 529 24.59 32.04 -2.43
N GLU A 530 25.66 32.83 -2.59
CA GLU A 530 25.43 34.26 -2.81
C GLU A 530 24.87 34.51 -4.20
N GLU A 531 25.22 33.67 -5.18
CA GLU A 531 24.64 33.79 -6.50
C GLU A 531 23.17 33.37 -6.52
N VAL A 532 22.82 32.32 -5.77
CA VAL A 532 21.42 31.91 -5.71
C VAL A 532 20.58 32.99 -5.04
N ILE A 533 21.14 33.71 -4.06
CA ILE A 533 20.40 34.76 -3.40
C ILE A 533 20.22 35.94 -4.35
N GLN A 534 21.28 36.32 -5.07
CA GLN A 534 21.16 37.43 -6.02
C GLN A 534 20.25 37.07 -7.19
N GLY A 535 20.13 35.78 -7.52
CA GLY A 535 19.20 35.35 -8.56
C GLY A 535 17.76 35.35 -8.16
N SER A 536 17.46 35.53 -6.86
CA SER A 536 16.06 35.52 -6.48
C SER A 536 15.40 36.84 -6.86
N PRO A 537 14.20 36.80 -7.43
CA PRO A 537 13.56 38.05 -7.92
C PRO A 537 13.02 38.99 -6.84
N ASP A 538 12.69 38.51 -5.64
CA ASP A 538 12.04 39.36 -4.64
C ASP A 538 12.60 39.08 -3.24
N GLU A 539 12.15 39.89 -2.27
CA GLU A 539 12.70 39.84 -0.91
C GLU A 539 12.15 38.66 -0.10
N GLU A 540 10.85 38.35 -0.24
CA GLU A 540 10.31 37.15 0.39
C GLU A 540 11.11 35.92 -0.02
N THR A 541 11.38 35.80 -1.32
CA THR A 541 12.08 34.63 -1.84
C THR A 541 13.51 34.54 -1.34
N ARG A 542 14.23 35.66 -1.27
CA ARG A 542 15.60 35.60 -0.76
C ARG A 542 15.59 35.19 0.70
N ASP A 543 14.70 35.77 1.48
CA ASP A 543 14.74 35.50 2.90
C ASP A 543 14.43 34.03 3.17
N LEU A 544 13.47 33.48 2.45
CA LEU A 544 13.13 32.07 2.64
C LEU A 544 14.33 31.17 2.32
N ILE A 545 15.04 31.45 1.23
CA ILE A 545 16.15 30.58 0.86
C ILE A 545 17.26 30.70 1.89
N HIS A 546 17.47 31.92 2.37
CA HIS A 546 18.43 32.13 3.43
C HIS A 546 18.16 31.21 4.62
N HIS A 547 16.90 31.11 5.05
CA HIS A 547 16.60 30.26 6.21
C HIS A 547 16.67 28.77 5.89
N LEU A 548 16.47 28.36 4.64
CA LEU A 548 16.66 26.94 4.33
C LEU A 548 18.13 26.55 4.40
N PHE A 549 19.03 27.51 4.16
CA PHE A 549 20.46 27.31 4.23
C PHE A 549 21.04 27.54 5.62
N HIS A 550 20.29 28.25 6.46
CA HIS A 550 20.70 28.55 7.83
C HIS A 550 19.49 28.34 8.73
N PRO A 551 19.10 27.07 8.99
CA PRO A 551 17.92 26.82 9.83
C PRO A 551 18.22 26.63 11.31
N GLY A 552 17.25 26.11 12.07
CA GLY A 552 17.43 25.70 13.47
C GLY A 552 16.58 24.50 13.90
N GLU A 556 13.96 21.96 14.71
CA GLU A 556 14.15 20.62 14.19
C GLU A 556 13.03 20.17 13.24
N ASP A 557 11.90 20.88 13.36
CA ASP A 557 10.71 20.70 12.52
C ASP A 557 10.35 22.10 12.00
N ARG A 558 11.37 22.65 11.34
CA ARG A 558 11.36 24.00 10.81
C ARG A 558 10.56 24.10 9.53
N LEU A 559 10.41 22.98 8.82
CA LEU A 559 9.67 23.02 7.57
C LEU A 559 8.23 23.42 7.77
N SER A 560 7.61 22.94 8.86
CA SER A 560 6.22 23.30 9.10
C SER A 560 6.06 24.78 9.46
N SER A 561 6.99 25.34 10.23
CA SER A 561 6.87 26.74 10.65
C SER A 561 7.12 27.72 9.48
N LEU A 562 8.09 27.43 8.61
CA LEU A 562 8.30 28.28 7.44
C LEU A 562 7.07 28.37 6.55
N LEU A 563 6.16 27.42 6.59
CA LEU A 563 4.96 27.56 5.78
C LEU A 563 4.19 28.83 6.12
N ALA A 564 4.52 29.47 7.24
CA ALA A 564 3.91 30.73 7.65
C ALA A 564 4.68 31.93 7.16
N HIS A 565 5.77 31.71 6.42
CA HIS A 565 6.59 32.78 5.84
C HIS A 565 5.77 33.59 4.85
N PRO A 566 5.97 34.91 4.81
CA PRO A 566 5.22 35.72 3.84
C PRO A 566 5.44 35.30 2.39
N PHE A 567 6.46 34.49 2.09
CA PHE A 567 6.55 33.89 0.77
C PHE A 567 5.25 33.19 0.40
N PHE A 568 4.63 32.52 1.35
CA PHE A 568 3.38 31.82 1.11
C PHE A 568 2.17 32.72 1.32
N TRP A 569 2.37 34.02 1.59
CA TRP A 569 1.24 34.95 1.65
C TRP A 569 0.91 35.47 0.27
N SER A 570 -0.37 35.37 -0.09
CA SER A 570 -0.88 35.99 -1.30
C SER A 570 -0.65 37.52 -1.26
N TRP A 571 -0.83 38.15 -2.43
CA TRP A 571 -0.66 39.60 -2.48
C TRP A 571 -1.74 40.31 -1.70
N GLU A 572 -2.99 39.83 -1.75
CA GLU A 572 -4.03 40.50 -1.00
C GLU A 572 -3.76 40.37 0.50
N SER A 573 -3.30 39.19 0.90
CA SER A 573 -3.01 38.92 2.30
C SER A 573 -1.92 39.83 2.82
N ARG A 574 -0.87 40.05 2.01
CA ARG A 574 0.20 40.98 2.39
C ARG A 574 -0.34 42.41 2.52
N TYR A 575 -1.15 42.82 1.56
CA TYR A 575 -1.75 44.15 1.65
C TYR A 575 -2.69 44.25 2.85
N ARG A 576 -3.45 43.17 3.10
CA ARG A 576 -4.34 43.10 4.25
C ARG A 576 -3.59 43.22 5.57
N THR A 577 -2.46 42.53 5.68
CA THR A 577 -1.71 42.57 6.94
C THR A 577 -1.17 43.97 7.21
N LEU A 578 -0.61 44.65 6.19
CA LEU A 578 -0.13 46.01 6.35
C LEU A 578 -1.25 46.96 6.76
N ARG A 579 -2.45 46.80 6.18
CA ARG A 579 -3.52 47.68 6.57
C ARG A 579 -3.95 47.42 8.01
N ASP A 580 -3.95 46.15 8.44
CA ASP A 580 -4.41 45.85 9.78
C ASP A 580 -3.44 46.36 10.83
N VAL A 581 -2.13 46.26 10.57
CA VAL A 581 -1.15 46.90 11.44
C VAL A 581 -1.30 48.41 11.35
N GLY A 582 -1.45 48.94 10.13
CA GLY A 582 -1.64 50.37 9.96
C GLY A 582 -2.83 50.95 10.70
N ASN A 583 -3.81 50.12 11.07
CA ASN A 583 -4.98 50.58 11.80
C ASN A 583 -4.83 50.50 13.31
N GLU A 584 -3.67 50.10 13.82
CA GLU A 584 -3.48 50.04 15.26
C GLU A 584 -3.51 51.45 15.85
N SER A 585 -4.10 51.56 17.05
CA SER A 585 -4.44 52.88 17.59
C SER A 585 -3.20 53.74 17.81
N ASP A 586 -2.13 53.14 18.32
CA ASP A 586 -0.95 53.91 18.64
C ASP A 586 -0.14 54.27 17.40
N ILE A 587 -0.41 53.61 16.27
CA ILE A 587 0.23 54.01 15.02
C ILE A 587 -0.50 55.21 14.44
N LYS A 588 -1.82 55.24 14.60
CA LYS A 588 -2.60 56.37 14.10
C LYS A 588 -2.50 57.59 15.03
N THR A 589 -2.43 57.38 16.35
CA THR A 589 -2.22 58.52 17.23
C THR A 589 -0.74 58.83 17.44
N ARG A 590 0.16 58.06 16.83
CA ARG A 590 1.60 58.28 16.89
C ARG A 590 2.15 58.33 18.31
N ASN A 591 1.67 57.45 19.18
CA ASN A 591 2.20 57.31 20.54
C ASN A 591 3.49 56.50 20.44
N GLN A 592 4.64 57.19 20.53
CA GLN A 592 5.93 56.56 20.28
C GLN A 592 6.42 55.68 21.41
N ASN A 593 5.86 55.83 22.61
CA ASN A 593 6.20 54.94 23.70
C ASN A 593 5.28 53.73 23.77
N SER A 594 4.36 53.60 22.81
CA SER A 594 3.53 52.43 22.75
C SER A 594 4.36 51.21 22.41
N ARG A 595 3.75 50.05 22.58
CA ARG A 595 4.45 48.80 22.30
C ARG A 595 4.62 48.58 20.79
N ILE A 596 3.57 48.83 20.00
CA ILE A 596 3.67 48.60 18.55
C ILE A 596 4.78 49.48 17.95
N LEU A 597 4.76 50.77 18.29
CA LEU A 597 5.70 51.69 17.67
C LEU A 597 7.13 51.41 18.10
N GLN A 598 7.32 50.78 19.26
CA GLN A 598 8.67 50.47 19.70
C GLN A 598 9.24 49.21 19.09
N LEU A 599 8.39 48.31 18.59
CA LEU A 599 8.86 47.14 17.83
C LEU A 599 9.29 47.51 16.41
N LEU A 600 8.75 48.61 15.88
CA LEU A 600 8.91 49.01 14.50
C LEU A 600 10.04 50.02 14.29
N GLN A 601 10.96 50.16 15.25
CA GLN A 601 11.95 51.25 15.22
C GLN A 601 13.35 50.80 15.62
N PRO A 602 13.99 49.93 14.80
CA PRO A 602 15.44 49.77 14.99
C PRO A 602 16.22 50.62 13.99
N SER A 605 22.38 49.28 14.65
CA SER A 605 21.09 48.72 14.30
C SER A 605 20.93 48.72 12.75
N GLU A 606 19.68 48.71 12.27
CA GLU A 606 19.36 48.26 10.92
C GLU A 606 20.07 49.11 9.84
N LEU A 607 20.22 48.49 8.66
CA LEU A 607 20.68 49.12 7.45
C LEU A 607 19.57 50.02 6.87
N SER A 608 19.87 50.65 5.74
CA SER A 608 18.91 51.56 5.11
C SER A 608 17.92 50.76 4.28
N THR A 609 16.65 51.17 4.32
CA THR A 609 15.59 50.48 3.60
C THR A 609 15.03 51.34 2.47
N SER A 610 14.30 50.68 1.57
CA SER A 610 13.71 51.41 0.45
C SER A 610 12.60 52.37 0.88
N PHE A 611 12.16 52.33 2.15
CA PHE A 611 11.06 53.17 2.60
C PHE A 611 11.45 54.21 3.65
N ALA A 612 12.72 54.35 4.01
CA ALA A 612 13.14 55.58 4.65
C ALA A 612 13.03 56.68 3.60
N GLN A 613 12.49 57.83 4.00
CA GLN A 613 12.01 58.87 3.08
C GLN A 613 11.07 58.32 1.99
N TRP A 614 10.06 57.55 2.44
CA TRP A 614 9.06 56.99 1.52
C TRP A 614 8.17 58.07 0.92
N THR A 615 8.02 59.19 1.62
CA THR A 615 7.25 60.31 1.09
C THR A 615 7.83 60.84 -0.22
N THR A 616 9.15 60.81 -0.38
CA THR A 616 9.74 61.25 -1.65
C THR A 616 9.36 60.35 -2.82
N LYS A 617 9.20 59.05 -2.57
CA LYS A 617 9.24 58.03 -3.61
C LYS A 617 7.86 57.69 -4.18
N ILE A 618 6.84 58.41 -3.75
CA ILE A 618 5.47 58.28 -4.25
C ILE A 618 5.23 59.20 -5.42
N ASP A 619 4.16 58.97 -6.17
CA ASP A 619 3.81 59.94 -7.19
C ASP A 619 3.28 61.19 -6.52
N SER A 620 3.76 62.36 -6.95
CA SER A 620 3.63 63.59 -6.16
C SER A 620 2.19 64.06 -6.08
N PHE A 621 1.37 63.76 -7.09
CA PHE A 621 -0.04 64.10 -7.01
C PHE A 621 -0.71 63.38 -5.84
N VAL A 622 -0.46 62.06 -5.74
CA VAL A 622 -1.15 61.20 -4.77
C VAL A 622 -0.94 61.67 -3.33
N MET A 623 0.27 62.12 -2.99
CA MET A 623 0.55 62.47 -1.59
C MET A 623 -0.23 63.67 -1.09
N GLU A 624 -0.62 64.60 -1.98
CA GLU A 624 -1.17 65.86 -1.48
C GLU A 624 -2.60 65.70 -0.95
N GLU A 625 -3.40 64.84 -1.57
CA GLU A 625 -4.75 64.63 -1.07
C GLU A 625 -4.77 63.71 0.13
N MET A 626 -3.67 63.00 0.37
CA MET A 626 -3.59 62.17 1.55
C MET A 626 -3.38 62.96 2.84
N ASN A 627 -2.91 64.21 2.76
CA ASN A 627 -2.65 64.98 3.97
C ASN A 627 -3.84 65.83 4.46
N ALA A 628 -5.04 65.62 3.92
CA ALA A 628 -6.22 66.24 4.53
C ALA A 628 -6.59 65.56 5.86
N LEU A 647 0.12 65.71 8.04
CA LEU A 647 1.48 65.67 8.57
C LEU A 647 2.22 64.33 8.34
N TYR A 648 2.21 63.75 7.12
CA TYR A 648 2.96 62.50 6.88
C TYR A 648 4.45 62.76 6.79
N GLN A 649 5.23 62.11 7.66
CA GLN A 649 6.67 62.05 7.41
C GLN A 649 7.17 60.60 7.39
N ASP A 650 8.47 60.43 7.34
CA ASP A 650 9.09 59.17 6.94
C ASP A 650 9.27 58.08 8.00
N THR A 651 8.43 58.01 9.02
CA THR A 651 8.43 56.82 9.87
C THR A 651 7.82 55.62 9.15
N LEU A 652 8.24 54.41 9.57
CA LEU A 652 7.52 53.20 9.16
C LEU A 652 6.11 53.18 9.72
N GLY A 653 5.94 53.63 10.97
CA GLY A 653 4.61 53.78 11.52
C GLY A 653 3.68 54.58 10.61
N ASP A 654 4.18 55.72 10.11
CA ASP A 654 3.31 56.54 9.29
C ASP A 654 3.02 55.90 7.94
N LEU A 655 3.96 55.15 7.38
CA LEU A 655 3.68 54.53 6.09
C LEU A 655 2.64 53.43 6.21
N LEU A 656 2.59 52.72 7.34
CA LEU A 656 1.52 51.75 7.52
C LEU A 656 0.17 52.46 7.69
N LYS A 657 0.13 53.56 8.44
CA LYS A 657 -1.06 54.40 8.53
C LYS A 657 -1.49 54.88 7.15
N PHE A 658 -0.52 55.33 6.35
CA PHE A 658 -0.74 55.61 4.93
C PHE A 658 -1.35 54.40 4.22
N ILE A 659 -0.75 53.20 4.35
CA ILE A 659 -1.32 52.02 3.73
C ILE A 659 -2.77 51.84 4.18
N ARG A 660 -2.98 51.89 5.49
CA ARG A 660 -4.33 51.72 6.06
C ARG A 660 -5.32 52.72 5.49
N ASN A 661 -4.95 54.00 5.46
CA ASN A 661 -5.90 55.02 5.02
C ASN A 661 -6.21 54.86 3.53
N LEU A 662 -5.18 54.69 2.70
CA LEU A 662 -5.49 54.59 1.27
C LEU A 662 -6.24 53.30 1.01
N GLY A 663 -5.95 52.27 1.78
CA GLY A 663 -6.76 51.05 1.72
C GLY A 663 -8.25 51.28 1.90
N GLU A 664 -8.65 52.09 2.89
CA GLU A 664 -10.08 52.14 3.13
C GLU A 664 -10.80 53.14 2.23
N HIS A 665 -10.08 53.96 1.47
CA HIS A 665 -10.74 55.02 0.76
C HIS A 665 -10.43 55.04 -0.73
N ILE A 666 -9.50 54.20 -1.20
CA ILE A 666 -9.05 54.30 -2.58
C ILE A 666 -10.16 54.14 -3.60
N ASN A 667 -11.29 53.52 -3.23
CA ASN A 667 -12.35 53.18 -4.17
C ASN A 667 -13.52 54.15 -4.19
N GLU A 668 -13.52 55.16 -3.31
CA GLU A 668 -14.58 56.15 -3.37
C GLU A 668 -14.39 57.04 -4.60
N GLN A 669 -15.49 57.64 -5.06
CA GLN A 669 -15.45 58.34 -6.33
C GLN A 669 -14.62 59.63 -6.25
N LYS A 670 -14.48 60.20 -5.05
CA LYS A 670 -13.62 61.38 -4.89
C LYS A 670 -12.16 61.06 -5.25
N ASN A 671 -11.75 59.80 -5.22
CA ASN A 671 -10.35 59.47 -5.41
C ASN A 671 -10.13 58.61 -6.65
N LYS A 672 -10.90 58.87 -7.70
CA LYS A 672 -10.82 58.00 -8.87
C LYS A 672 -9.54 58.23 -9.68
N LYS A 673 -8.97 59.44 -9.63
CA LYS A 673 -7.74 59.73 -10.38
C LYS A 673 -6.50 59.40 -9.54
N MET A 674 -6.70 59.28 -8.22
CA MET A 674 -5.75 58.59 -7.37
C MET A 674 -5.73 57.08 -7.63
N LYS A 675 -6.92 56.47 -7.72
CA LYS A 675 -6.99 55.04 -7.99
C LYS A 675 -6.34 54.68 -9.34
N SER A 676 -6.38 55.62 -10.30
CA SER A 676 -5.81 55.34 -11.62
C SER A 676 -4.29 55.34 -11.59
N ILE A 677 -3.68 56.11 -10.70
CA ILE A 677 -2.24 56.20 -10.71
C ILE A 677 -1.57 55.13 -9.85
N ILE A 678 -2.23 54.70 -8.77
CA ILE A 678 -1.70 53.59 -7.98
C ILE A 678 -1.93 52.26 -8.70
N GLY A 679 -3.04 52.11 -9.43
CA GLY A 679 -3.36 50.78 -9.95
C GLY A 679 -3.84 49.88 -8.84
N GLU A 680 -3.46 48.61 -8.90
CA GLU A 680 -3.84 47.74 -7.80
C GLU A 680 -2.93 48.03 -6.61
N PRO A 681 -3.48 48.43 -5.45
CA PRO A 681 -2.62 48.89 -4.34
C PRO A 681 -1.66 47.85 -3.81
N SER A 682 -2.04 46.57 -3.76
CA SER A 682 -1.09 45.58 -3.26
C SER A 682 0.16 45.55 -4.13
N GLN A 683 -0.02 45.54 -5.44
CA GLN A 683 1.12 45.56 -6.36
C GLN A 683 1.93 46.86 -6.24
N TYR A 684 1.25 48.01 -6.04
CA TYR A 684 1.96 49.29 -6.02
C TYR A 684 2.95 49.39 -4.85
N PHE A 685 2.47 49.17 -3.63
CA PHE A 685 3.33 49.29 -2.46
C PHE A 685 4.37 48.19 -2.38
N GLN A 686 4.07 47.01 -2.91
CA GLN A 686 5.09 45.98 -2.94
C GLN A 686 6.17 46.35 -3.93
N GLU A 687 5.79 47.00 -5.02
CA GLU A 687 6.75 47.30 -6.07
C GLU A 687 7.51 48.58 -5.79
N LYS A 688 6.93 49.54 -5.06
CA LYS A 688 7.70 50.71 -4.65
C LYS A 688 8.60 50.41 -3.44
N PHE A 689 8.20 49.48 -2.56
CA PHE A 689 8.96 49.17 -1.34
C PHE A 689 9.18 47.67 -1.19
N PRO A 690 10.09 47.08 -1.98
CA PRO A 690 10.17 45.61 -2.07
C PRO A 690 10.44 44.92 -0.76
N ASP A 691 11.04 45.62 0.20
CA ASP A 691 11.41 45.05 1.48
C ASP A 691 10.37 45.28 2.59
N LEU A 692 9.21 45.87 2.27
CA LEU A 692 8.32 46.31 3.35
C LEU A 692 7.70 45.11 4.06
N VAL A 693 7.08 44.18 3.31
CA VAL A 693 6.45 43.03 3.93
C VAL A 693 7.46 42.23 4.78
N MET A 694 8.68 42.06 4.27
CA MET A 694 9.68 41.30 5.02
C MET A 694 10.08 42.03 6.30
N TYR A 695 10.27 43.36 6.23
CA TYR A 695 10.63 44.15 7.40
C TYR A 695 9.57 44.08 8.49
N VAL A 696 8.30 44.29 8.13
CA VAL A 696 7.25 44.22 9.14
C VAL A 696 7.21 42.83 9.76
N TYR A 697 7.21 41.77 8.93
CA TYR A 697 7.20 40.41 9.45
C TYR A 697 8.29 40.21 10.48
N THR A 698 9.53 40.61 10.16
CA THR A 698 10.63 40.40 11.09
C THR A 698 10.37 41.14 12.40
N LYS A 699 9.81 42.35 12.33
CA LYS A 699 9.63 43.13 13.54
C LYS A 699 8.54 42.56 14.43
N LEU A 700 7.55 41.86 13.86
CA LEU A 700 6.42 41.41 14.64
C LEU A 700 6.40 39.91 14.90
N GLN A 701 7.42 39.17 14.45
CA GLN A 701 7.32 37.71 14.30
C GLN A 701 6.99 37.02 15.63
N ASN A 702 7.66 37.39 16.71
CA ASN A 702 7.32 36.66 17.93
C ASN A 702 6.70 37.60 18.96
N THR A 703 5.65 38.29 18.56
CA THR A 703 5.01 39.29 19.38
C THR A 703 3.51 39.09 19.31
N GLU A 704 2.80 39.81 20.18
CA GLU A 704 1.34 39.78 20.17
C GLU A 704 0.79 40.23 18.81
N TYR A 705 1.44 41.18 18.14
CA TYR A 705 1.00 41.69 16.84
C TYR A 705 1.13 40.67 15.70
N MET A 706 1.64 39.47 16.00
CA MET A 706 1.50 38.31 15.15
C MET A 706 0.07 38.14 14.66
N LYS A 707 -0.90 38.59 15.46
CA LYS A 707 -2.32 38.41 15.19
C LYS A 707 -2.75 39.00 13.85
N HIS A 708 -2.02 39.97 13.33
CA HIS A 708 -2.35 40.57 12.05
C HIS A 708 -1.82 39.78 10.84
N PHE A 709 -0.95 38.79 11.02
CA PHE A 709 -0.50 37.97 9.91
C PHE A 709 -1.67 37.14 9.40
N PRO A 710 -1.70 36.78 8.12
CA PRO A 710 -2.82 35.96 7.63
C PRO A 710 -2.80 34.59 8.31
N LYS A 711 -3.97 33.97 8.38
CA LYS A 711 -4.06 32.73 9.12
C LYS A 711 -3.49 31.58 8.29
N THR A 712 -2.47 30.91 8.84
CA THR A 712 -1.76 29.86 8.11
C THR A 712 -1.78 28.52 8.88
N LEU B 8 -5.63 -10.09 -45.83
CA LEU B 8 -6.02 -10.48 -47.16
C LEU B 8 -4.81 -10.86 -48.02
N GLU B 9 -3.76 -10.04 -47.93
CA GLU B 9 -2.57 -10.24 -48.75
C GLU B 9 -1.54 -11.15 -48.09
N GLU B 10 -0.75 -10.58 -47.17
CA GLU B 10 0.26 -11.34 -46.44
C GLU B 10 -0.36 -12.14 -45.32
N MET B 11 -1.50 -11.67 -44.80
CA MET B 11 -2.26 -12.49 -43.88
C MET B 11 -2.83 -13.73 -44.55
N LEU B 12 -2.77 -13.82 -45.88
CA LEU B 12 -3.18 -15.04 -46.57
C LEU B 12 -2.28 -16.22 -46.21
N THR B 13 -0.98 -15.99 -46.08
CA THR B 13 -0.10 -17.05 -45.62
C THR B 13 -0.17 -17.18 -44.09
N GLN B 14 -1.36 -16.95 -43.52
CA GLN B 14 -1.75 -17.69 -42.33
C GLN B 14 -1.77 -19.18 -42.62
N ALA B 15 -1.80 -19.56 -43.91
CA ALA B 15 -1.76 -20.95 -44.35
C ALA B 15 -0.47 -21.69 -43.97
N VAL B 16 0.61 -20.98 -43.63
CA VAL B 16 1.82 -21.65 -43.20
C VAL B 16 1.62 -22.19 -41.79
N GLN B 17 0.70 -21.59 -41.03
CA GLN B 17 0.15 -22.14 -39.79
C GLN B 17 -0.81 -23.30 -40.00
N GLU B 18 -1.61 -23.31 -41.08
CA GLU B 18 -2.47 -24.44 -41.35
C GLU B 18 -1.70 -25.64 -41.85
N ALA B 19 -0.40 -25.49 -42.13
CA ALA B 19 0.46 -26.58 -42.59
C ALA B 19 -0.10 -27.28 -43.81
N ASP B 20 -0.88 -26.57 -44.61
CA ASP B 20 -1.35 -27.07 -45.91
C ASP B 20 -0.43 -26.47 -46.95
N ILE B 21 0.54 -27.26 -47.37
CA ILE B 21 1.67 -26.77 -48.15
C ILE B 21 1.28 -26.43 -49.59
N GLU B 22 0.19 -27.01 -50.11
CA GLU B 22 -0.26 -26.59 -51.44
C GLU B 22 -0.83 -25.17 -51.41
N GLN B 23 -1.30 -24.72 -50.25
CA GLN B 23 -1.71 -23.33 -50.11
C GLN B 23 -0.53 -22.44 -49.74
N VAL B 24 0.54 -22.98 -49.15
CA VAL B 24 1.77 -22.21 -48.99
C VAL B 24 2.58 -22.23 -50.28
N ARG B 25 2.50 -23.32 -51.04
CA ARG B 25 3.18 -23.36 -52.34
C ARG B 25 2.55 -22.36 -53.31
N GLN B 26 1.26 -22.55 -53.57
CA GLN B 26 0.52 -21.73 -54.54
C GLN B 26 0.50 -20.26 -54.15
N LEU B 27 0.21 -19.96 -52.91
CA LEU B 27 -0.06 -18.55 -52.66
C LEU B 27 1.19 -17.71 -52.44
N LEU B 28 2.41 -18.27 -52.57
CA LEU B 28 3.55 -17.45 -52.90
C LEU B 28 3.79 -17.45 -54.40
N GLU B 29 3.38 -18.53 -55.08
CA GLU B 29 3.25 -18.55 -56.55
C GLU B 29 2.51 -17.33 -57.10
N ARG B 30 1.58 -16.76 -56.35
CA ARG B 30 0.95 -15.51 -56.77
C ARG B 30 1.65 -14.28 -56.20
N GLY B 31 2.54 -14.46 -55.23
CA GLY B 31 3.42 -13.41 -54.73
C GLY B 31 3.19 -13.05 -53.28
N ALA B 32 4.09 -13.46 -52.38
CA ALA B 32 3.93 -13.18 -50.96
C ALA B 32 5.30 -13.07 -50.31
N ASP B 33 5.49 -12.04 -49.49
CA ASP B 33 6.78 -11.73 -48.89
C ASP B 33 7.09 -12.71 -47.76
N ALA B 34 7.89 -13.73 -48.05
CA ALA B 34 8.23 -14.73 -47.04
C ALA B 34 9.02 -14.14 -45.88
N ASN B 35 9.45 -12.88 -46.00
CA ASN B 35 10.14 -12.20 -44.91
C ASN B 35 9.28 -11.12 -44.28
N PHE B 36 8.03 -10.96 -44.73
CA PHE B 36 7.12 -10.09 -44.02
C PHE B 36 7.08 -10.50 -42.56
N GLN B 37 7.19 -9.50 -41.69
CA GLN B 37 7.15 -9.73 -40.25
C GLN B 37 5.97 -8.96 -39.71
N GLU B 38 5.01 -9.68 -39.11
CA GLU B 38 4.00 -8.99 -38.33
C GLU B 38 4.71 -8.35 -37.14
N GLU B 39 4.43 -7.08 -36.89
CA GLU B 39 5.31 -6.33 -35.99
C GLU B 39 4.77 -6.23 -34.58
N GLU B 40 3.74 -7.01 -34.24
CA GLU B 40 3.43 -7.12 -32.83
C GLU B 40 4.56 -7.84 -32.11
N TRP B 41 5.00 -8.99 -32.66
CA TRP B 41 6.11 -9.71 -32.09
C TRP B 41 7.19 -10.06 -33.11
N GLY B 42 6.99 -9.74 -34.39
CA GLY B 42 8.06 -9.93 -35.35
C GLY B 42 8.21 -11.31 -35.93
N TRP B 43 7.20 -12.16 -35.86
CA TRP B 43 7.34 -13.51 -36.38
C TRP B 43 7.24 -13.54 -37.90
N SER B 44 8.09 -14.34 -38.49
CA SER B 44 8.10 -14.56 -39.90
C SER B 44 7.43 -15.88 -40.21
N PRO B 45 7.12 -16.14 -41.49
CA PRO B 45 6.82 -17.53 -41.87
C PRO B 45 7.99 -18.46 -41.62
N LEU B 46 9.22 -18.00 -41.89
CA LEU B 46 10.39 -18.84 -41.68
C LEU B 46 10.69 -19.04 -40.19
N HIS B 47 10.40 -18.05 -39.35
CA HIS B 47 10.46 -18.27 -37.92
C HIS B 47 9.42 -19.30 -37.48
N SER B 48 8.15 -19.00 -37.79
CA SER B 48 7.03 -19.84 -37.39
C SER B 48 7.12 -21.26 -37.98
N ALA B 49 7.90 -21.46 -39.05
CA ALA B 49 8.06 -22.81 -39.58
C ALA B 49 9.01 -23.65 -38.74
N VAL B 50 10.07 -23.04 -38.19
CA VAL B 50 11.04 -23.79 -37.41
C VAL B 50 10.51 -24.10 -36.01
N GLN B 51 9.89 -23.13 -35.35
CA GLN B 51 9.15 -23.45 -34.13
C GLN B 51 8.22 -24.65 -34.34
N MET B 52 7.58 -24.70 -35.52
CA MET B 52 6.64 -25.75 -35.89
C MET B 52 7.30 -27.09 -36.23
N ASP B 53 8.58 -27.09 -36.63
CA ASP B 53 9.32 -28.28 -37.06
C ASP B 53 8.71 -28.97 -38.28
N SER B 54 9.07 -28.52 -39.47
CA SER B 54 8.60 -29.09 -40.72
C SER B 54 9.77 -29.16 -41.70
N GLU B 55 10.09 -30.37 -42.22
CA GLU B 55 11.23 -30.42 -43.15
C GLU B 55 11.08 -29.39 -44.23
N ASP B 56 9.92 -29.36 -44.85
CA ASP B 56 9.76 -28.70 -46.13
C ASP B 56 9.12 -27.33 -46.03
N LEU B 57 8.29 -27.04 -45.02
CA LEU B 57 7.85 -25.65 -44.90
C LEU B 57 9.06 -24.76 -44.72
N VAL B 58 10.06 -25.24 -43.97
CA VAL B 58 11.34 -24.54 -43.86
C VAL B 58 12.07 -24.56 -45.19
N ALA B 59 12.30 -25.75 -45.74
CA ALA B 59 13.08 -25.88 -46.99
C ALA B 59 12.47 -25.08 -48.13
N LEU B 60 11.13 -25.03 -48.20
CA LEU B 60 10.46 -24.32 -49.29
C LEU B 60 10.60 -22.80 -49.13
N LEU B 61 10.52 -22.29 -47.90
CA LEU B 61 10.74 -20.85 -47.71
C LEU B 61 12.20 -20.51 -47.92
N LEU B 62 13.10 -21.35 -47.41
CA LEU B 62 14.51 -21.24 -47.78
C LEU B 62 14.67 -21.24 -49.29
N LYS B 63 13.93 -22.13 -49.97
CA LYS B 63 13.99 -22.26 -51.43
C LYS B 63 13.73 -20.93 -52.14
N HIS B 64 13.01 -20.00 -51.50
CA HIS B 64 12.68 -18.74 -52.13
C HIS B 64 13.23 -17.52 -51.40
N GLY B 65 14.49 -17.56 -51.00
CA GLY B 65 15.18 -16.36 -50.54
C GLY B 65 14.79 -15.85 -49.17
N ALA B 66 13.85 -16.49 -48.46
CA ALA B 66 13.56 -16.09 -47.09
C ALA B 66 14.80 -16.26 -46.23
N ASP B 67 15.30 -15.16 -45.68
CA ASP B 67 16.61 -15.23 -45.04
C ASP B 67 16.48 -15.74 -43.61
N PRO B 68 17.28 -16.70 -43.20
CA PRO B 68 17.15 -17.32 -41.89
C PRO B 68 17.80 -16.56 -40.75
N CYS B 69 18.20 -15.31 -40.98
CA CYS B 69 18.82 -14.49 -39.95
C CYS B 69 18.01 -13.26 -39.57
N LEU B 70 16.83 -13.05 -40.16
CA LEU B 70 16.00 -11.94 -39.74
C LEU B 70 15.57 -12.18 -38.30
N ARG B 71 15.55 -11.11 -37.50
CA ARG B 71 15.29 -11.22 -36.07
C ARG B 71 13.86 -10.75 -35.73
N LYS B 72 13.23 -11.42 -34.77
CA LYS B 72 11.95 -10.96 -34.27
C LYS B 72 12.19 -9.98 -33.12
N ARG B 73 11.11 -9.59 -32.44
CA ARG B 73 11.20 -8.60 -31.37
C ARG B 73 12.11 -9.10 -30.25
N ASN B 74 11.98 -10.35 -29.90
CA ASN B 74 12.85 -11.02 -28.95
C ASN B 74 14.34 -10.91 -29.32
N GLY B 75 14.67 -10.63 -30.58
CA GLY B 75 16.03 -10.65 -31.07
C GLY B 75 16.48 -12.00 -31.60
N ALA B 76 15.59 -12.99 -31.66
CA ALA B 76 15.90 -14.38 -32.01
C ALA B 76 15.81 -14.67 -33.50
N THR B 77 16.69 -15.57 -33.94
CA THR B 77 16.89 -16.11 -35.28
C THR B 77 16.07 -17.38 -35.48
N PRO B 78 15.78 -17.74 -36.74
CA PRO B 78 15.35 -19.14 -36.99
C PRO B 78 16.40 -20.16 -36.59
N PHE B 79 17.69 -19.79 -36.57
CA PHE B 79 18.74 -20.65 -36.02
C PHE B 79 18.62 -20.80 -34.51
N ILE B 80 18.48 -19.70 -33.80
CA ILE B 80 18.51 -19.79 -32.35
C ILE B 80 17.31 -20.58 -31.85
N ILE B 81 16.13 -20.34 -32.44
CA ILE B 81 14.96 -21.12 -32.03
C ILE B 81 15.02 -22.54 -32.56
N ALA B 82 15.82 -22.78 -33.60
CA ALA B 82 16.02 -24.17 -34.02
C ALA B 82 16.80 -24.96 -32.96
N GLY B 83 17.47 -24.27 -32.05
CA GLY B 83 18.03 -24.95 -30.90
C GLY B 83 16.98 -25.46 -29.95
N ILE B 84 15.79 -24.85 -29.96
CA ILE B 84 14.71 -25.28 -29.07
C ILE B 84 14.12 -26.59 -29.55
N THR B 85 13.64 -26.58 -30.79
CA THR B 85 13.00 -27.76 -31.33
C THR B 85 13.93 -28.97 -31.25
N GLY B 86 15.25 -28.72 -31.29
CA GLY B 86 16.21 -29.80 -31.20
C GLY B 86 16.38 -30.63 -32.45
N ASN B 87 15.70 -30.27 -33.54
CA ASN B 87 15.81 -31.00 -34.80
C ASN B 87 17.13 -30.65 -35.45
N VAL B 88 17.95 -31.66 -35.74
CA VAL B 88 19.37 -31.39 -36.00
C VAL B 88 19.72 -31.17 -37.46
N ARG B 89 18.88 -31.59 -38.39
CA ARG B 89 19.17 -31.10 -39.72
C ARG B 89 18.22 -30.00 -40.16
N LEU B 90 17.33 -29.56 -39.26
CA LEU B 90 16.80 -28.21 -39.41
C LEU B 90 17.92 -27.21 -39.13
N LEU B 91 18.81 -27.57 -38.20
CA LEU B 91 20.03 -26.81 -37.97
C LEU B 91 21.02 -27.01 -39.11
N GLN B 92 21.01 -28.16 -39.78
CA GLN B 92 21.90 -28.35 -40.93
C GLN B 92 21.42 -27.52 -42.12
N LEU B 93 20.09 -27.40 -42.30
CA LEU B 93 19.58 -26.69 -43.47
C LEU B 93 19.80 -25.19 -43.34
N LEU B 94 20.09 -24.68 -42.15
CA LEU B 94 20.37 -23.28 -41.95
C LEU B 94 21.71 -23.01 -41.28
N LEU B 95 22.52 -24.04 -41.01
CA LEU B 95 23.89 -23.83 -40.55
C LEU B 95 24.73 -23.06 -41.55
N PRO B 96 24.79 -23.44 -42.86
CA PRO B 96 25.65 -22.71 -43.80
C PRO B 96 25.13 -21.32 -44.15
N ASN B 97 24.07 -20.87 -43.47
CA ASN B 97 23.50 -19.54 -43.63
C ASN B 97 23.68 -18.66 -42.40
N VAL B 98 24.47 -19.09 -41.42
CA VAL B 98 24.65 -18.36 -40.17
C VAL B 98 26.10 -17.89 -40.07
N GLU B 99 26.26 -16.58 -39.82
CA GLU B 99 27.59 -16.02 -39.67
C GLU B 99 28.31 -16.64 -38.48
N ASP B 100 27.67 -16.65 -37.31
CA ASP B 100 28.30 -17.01 -36.06
C ASP B 100 27.39 -18.00 -35.35
N VAL B 101 27.91 -19.19 -35.05
CA VAL B 101 27.09 -20.20 -34.40
C VAL B 101 26.67 -19.76 -33.01
N ASN B 102 27.35 -18.74 -32.46
CA ASN B 102 27.03 -18.20 -31.14
C ASN B 102 26.35 -16.82 -31.22
N GLU B 103 25.66 -16.55 -32.31
CA GLU B 103 24.70 -15.44 -32.32
C GLU B 103 23.71 -15.62 -31.19
N CYS B 104 23.22 -14.53 -30.63
CA CYS B 104 22.30 -14.62 -29.50
C CYS B 104 21.18 -13.61 -29.64
N ASP B 105 20.14 -13.77 -28.83
CA ASP B 105 19.00 -12.88 -28.88
C ASP B 105 19.27 -11.70 -27.94
N VAL B 106 18.27 -10.83 -27.74
CA VAL B 106 18.52 -9.62 -26.97
C VAL B 106 18.84 -9.95 -25.52
N ASN B 107 18.45 -11.14 -25.05
CA ASN B 107 18.65 -11.53 -23.66
C ASN B 107 19.88 -12.39 -23.48
N GLY B 108 20.60 -12.67 -24.55
CA GLY B 108 21.87 -13.37 -24.52
C GLY B 108 21.83 -14.83 -24.92
N PHE B 109 20.69 -15.33 -25.39
CA PHE B 109 20.48 -16.76 -25.59
C PHE B 109 21.05 -17.23 -26.94
N THR B 110 21.96 -18.19 -26.91
CA THR B 110 22.45 -18.76 -28.15
C THR B 110 21.64 -20.00 -28.53
N ALA B 111 21.82 -20.47 -29.77
CA ALA B 111 21.22 -21.74 -30.16
C ALA B 111 21.63 -22.84 -29.19
N PHE B 112 22.92 -22.90 -28.86
CA PHE B 112 23.43 -23.87 -27.90
C PHE B 112 22.75 -23.74 -26.54
N MET B 113 22.65 -22.51 -26.02
CA MET B 113 22.11 -22.35 -24.66
C MET B 113 20.66 -22.79 -24.57
N GLU B 114 19.95 -22.84 -25.70
CA GLU B 114 18.54 -23.19 -25.67
C GLU B 114 18.29 -24.64 -26.05
N ALA B 115 19.23 -25.28 -26.73
CA ALA B 115 19.25 -26.73 -26.71
C ALA B 115 19.39 -27.22 -25.27
N ALA B 116 20.05 -26.46 -24.41
CA ALA B 116 20.24 -26.85 -23.03
C ALA B 116 18.96 -26.65 -22.20
N VAL B 117 18.28 -25.52 -22.33
CA VAL B 117 17.12 -25.33 -21.46
C VAL B 117 15.96 -26.21 -21.87
N TYR B 118 15.94 -26.72 -23.10
CA TYR B 118 14.88 -27.60 -23.55
C TYR B 118 15.30 -29.09 -23.65
N GLY B 119 16.47 -29.44 -23.13
CA GLY B 119 16.92 -30.82 -23.07
C GLY B 119 17.17 -31.50 -24.41
N ARG B 120 17.55 -30.75 -25.44
CA ARG B 120 17.64 -31.31 -26.79
C ARG B 120 19.08 -31.77 -26.98
N VAL B 121 19.31 -33.06 -26.68
CA VAL B 121 20.65 -33.60 -26.57
C VAL B 121 21.34 -33.75 -27.93
N GLU B 122 20.68 -34.29 -28.95
CA GLU B 122 21.35 -34.41 -30.24
C GLU B 122 21.62 -33.03 -30.85
N ALA B 123 20.71 -32.08 -30.63
CA ALA B 123 20.98 -30.70 -31.06
C ALA B 123 22.23 -30.16 -30.38
N LEU B 124 22.41 -30.48 -29.11
CA LEU B 124 23.47 -29.87 -28.34
C LEU B 124 24.85 -30.33 -28.79
N ARG B 125 25.00 -31.59 -29.19
CA ARG B 125 26.34 -32.02 -29.58
C ARG B 125 26.70 -31.66 -31.01
N PHE B 126 25.71 -31.47 -31.89
CA PHE B 126 26.00 -31.00 -33.24
C PHE B 126 26.53 -29.55 -33.21
N LEU B 127 25.89 -28.70 -32.42
CA LEU B 127 26.40 -27.34 -32.29
C LEU B 127 27.70 -27.30 -31.48
N TYR B 128 27.98 -28.34 -30.69
CA TYR B 128 29.20 -28.30 -29.89
C TYR B 128 30.46 -28.38 -30.73
N GLU B 129 30.55 -29.34 -31.64
CA GLU B 129 31.77 -29.47 -32.43
C GLU B 129 31.73 -28.69 -33.74
N ASN B 130 30.81 -27.74 -33.87
CA ASN B 130 30.90 -26.69 -34.89
C ASN B 130 31.10 -25.34 -34.22
N GLY B 131 31.71 -25.35 -33.03
CA GLY B 131 32.23 -24.14 -32.45
C GLY B 131 31.38 -23.44 -31.40
N ALA B 132 30.32 -24.07 -30.90
CA ALA B 132 29.54 -23.42 -29.85
C ALA B 132 30.34 -23.33 -28.56
N ASP B 133 30.25 -22.17 -27.91
CA ASP B 133 30.98 -21.89 -26.67
C ASP B 133 30.11 -22.32 -25.50
N VAL B 134 30.50 -23.44 -24.89
CA VAL B 134 29.73 -24.06 -23.83
C VAL B 134 29.73 -23.19 -22.60
N ASN B 135 30.79 -22.39 -22.43
CA ASN B 135 31.01 -21.63 -21.20
C ASN B 135 30.54 -20.20 -21.30
N MET B 136 29.83 -19.84 -22.36
CA MET B 136 29.52 -18.44 -22.61
C MET B 136 28.40 -17.94 -21.70
N HIS B 137 28.60 -16.75 -21.16
CA HIS B 137 27.56 -16.18 -20.30
C HIS B 137 26.62 -15.29 -21.11
N ARG B 138 25.41 -15.11 -20.60
CA ARG B 138 24.35 -14.42 -21.32
C ARG B 138 24.51 -12.91 -21.16
N LYS B 139 24.56 -12.18 -22.29
CA LYS B 139 24.75 -10.73 -22.31
C LYS B 139 23.46 -10.06 -22.77
N THR B 140 22.77 -9.43 -21.84
CA THR B 140 21.48 -8.79 -22.08
C THR B 140 21.70 -7.27 -22.28
N LYS B 141 20.65 -6.47 -22.11
CA LYS B 141 20.81 -5.02 -22.27
C LYS B 141 21.19 -4.41 -20.94
N GLN B 142 21.76 -3.19 -21.00
CA GLN B 142 22.38 -2.63 -19.80
C GLN B 142 21.35 -2.29 -18.71
N ASP B 143 20.06 -2.21 -19.03
CA ASP B 143 19.08 -1.97 -17.97
C ASP B 143 18.73 -3.24 -17.21
N GLN B 144 19.07 -4.43 -17.76
CA GLN B 144 18.98 -5.66 -16.99
C GLN B 144 20.33 -6.09 -16.44
N GLU B 145 21.37 -5.33 -16.76
CA GLU B 145 22.69 -5.48 -16.17
C GLU B 145 22.98 -4.62 -14.96
N ARG B 146 22.41 -3.44 -14.86
CA ARG B 146 22.70 -2.75 -13.63
C ARG B 146 21.84 -3.26 -12.49
N ILE B 147 21.14 -4.38 -12.71
CA ILE B 147 20.43 -5.07 -11.64
C ILE B 147 21.00 -6.47 -11.48
N ARG B 148 22.27 -6.63 -11.88
CA ARG B 148 23.03 -7.88 -11.67
C ARG B 148 22.31 -9.13 -12.22
N LYS B 149 21.49 -9.03 -13.29
CA LYS B 149 21.12 -10.23 -14.03
C LYS B 149 22.10 -10.53 -15.14
N GLY B 150 21.82 -11.63 -15.82
CA GLY B 150 22.64 -12.15 -16.87
C GLY B 150 23.78 -12.93 -16.27
N GLY B 151 24.66 -13.40 -17.15
CA GLY B 151 25.87 -14.07 -16.76
C GLY B 151 25.77 -15.57 -16.58
N ALA B 152 24.59 -16.14 -16.80
CA ALA B 152 24.41 -17.57 -16.57
C ALA B 152 24.91 -18.39 -17.77
N THR B 153 25.28 -19.64 -17.50
CA THR B 153 25.82 -20.55 -18.51
C THR B 153 24.76 -21.49 -19.06
N ALA B 154 25.13 -22.22 -20.10
CA ALA B 154 24.31 -23.36 -20.49
C ALA B 154 24.16 -24.33 -19.32
N LEU B 155 25.23 -24.54 -18.56
CA LEU B 155 25.22 -25.51 -17.47
C LEU B 155 24.18 -25.13 -16.42
N MET B 156 24.03 -23.84 -16.11
CA MET B 156 23.07 -23.50 -15.06
C MET B 156 21.61 -23.71 -15.51
N ASP B 157 21.28 -23.60 -16.81
CA ASP B 157 19.88 -23.96 -17.11
C ASP B 157 19.67 -25.45 -17.38
N ALA B 158 20.67 -26.15 -17.91
CA ALA B 158 20.50 -27.60 -17.83
C ALA B 158 20.30 -28.04 -16.37
N ALA B 159 20.89 -27.31 -15.44
CA ALA B 159 20.74 -27.58 -14.02
C ALA B 159 19.33 -27.36 -13.51
N GLU B 160 18.83 -26.14 -13.59
CA GLU B 160 17.67 -25.88 -12.76
C GLU B 160 16.45 -26.57 -13.39
N LYS B 161 16.46 -26.76 -14.72
CA LYS B 161 15.39 -27.42 -15.46
C LYS B 161 15.44 -28.95 -15.37
N GLY B 162 16.41 -29.51 -14.64
CA GLY B 162 16.51 -30.93 -14.35
C GLY B 162 17.02 -31.84 -15.46
N HIS B 163 17.55 -31.28 -16.54
CA HIS B 163 18.04 -32.11 -17.65
C HIS B 163 19.37 -32.75 -17.24
N VAL B 164 19.26 -33.81 -16.44
CA VAL B 164 20.44 -34.45 -15.85
C VAL B 164 21.21 -35.17 -16.95
N GLY B 165 20.52 -35.62 -17.99
CA GLY B 165 21.22 -36.12 -19.15
C GLY B 165 22.05 -35.03 -19.80
N VAL B 166 21.46 -33.84 -19.94
CA VAL B 166 22.18 -32.79 -20.62
C VAL B 166 23.32 -32.25 -19.75
N VAL B 167 23.18 -32.35 -18.43
CA VAL B 167 24.20 -31.83 -17.51
C VAL B 167 25.46 -32.70 -17.55
N THR B 168 25.29 -34.02 -17.37
CA THR B 168 26.43 -34.95 -17.37
C THR B 168 27.32 -34.77 -18.60
N ILE B 169 26.73 -34.55 -19.78
CA ILE B 169 27.57 -34.43 -20.97
C ILE B 169 28.38 -33.14 -20.94
N LEU B 170 27.86 -32.07 -20.32
CA LEU B 170 28.55 -30.78 -20.33
C LEU B 170 29.84 -30.82 -19.50
N LEU B 171 29.80 -31.44 -18.31
CA LEU B 171 30.98 -31.44 -17.46
C LEU B 171 32.07 -32.36 -18.00
N HIS B 172 31.69 -33.48 -18.62
CA HIS B 172 32.65 -34.49 -19.05
C HIS B 172 33.02 -34.36 -20.53
N ALA B 173 32.05 -34.52 -21.42
CA ALA B 173 32.35 -34.49 -22.85
C ALA B 173 32.63 -33.07 -23.38
N MET B 174 32.29 -32.00 -22.64
CA MET B 174 32.29 -30.68 -23.24
C MET B 174 32.97 -29.60 -22.40
N LYS B 175 33.76 -29.98 -21.40
CA LYS B 175 34.74 -29.09 -20.79
C LYS B 175 34.09 -28.00 -19.92
N ALA B 176 32.78 -28.02 -19.73
CA ALA B 176 32.04 -26.91 -19.16
C ALA B 176 32.64 -26.47 -17.81
N GLU B 177 32.37 -25.23 -17.43
CA GLU B 177 32.96 -24.64 -16.23
C GLU B 177 31.99 -24.74 -15.06
N VAL B 178 32.33 -25.60 -14.10
CA VAL B 178 31.43 -25.93 -13.01
C VAL B 178 31.24 -24.73 -12.09
N ASP B 179 32.32 -24.05 -11.71
CA ASP B 179 32.22 -22.96 -10.74
C ASP B 179 32.10 -21.60 -11.41
N ALA B 180 31.72 -21.56 -12.68
CA ALA B 180 31.35 -20.30 -13.27
C ALA B 180 30.20 -19.68 -12.48
N ARG B 181 30.24 -18.37 -12.33
CA ARG B 181 29.18 -17.65 -11.64
C ARG B 181 28.42 -16.85 -12.67
N ASP B 182 27.19 -16.49 -12.34
CA ASP B 182 26.47 -15.50 -13.11
C ASP B 182 26.62 -14.12 -12.43
N ASN B 183 25.98 -13.09 -13.00
CA ASN B 183 26.24 -11.71 -12.58
C ASN B 183 25.81 -11.43 -11.14
N MET B 184 24.94 -12.25 -10.54
CA MET B 184 24.70 -12.16 -9.11
C MET B 184 25.78 -12.89 -8.30
N GLY B 185 26.34 -13.95 -8.85
CA GLY B 185 27.28 -14.79 -8.11
C GLY B 185 26.81 -16.22 -7.91
N ARG B 186 25.61 -16.58 -8.37
CA ARG B 186 25.13 -17.94 -8.26
C ARG B 186 25.93 -18.83 -9.21
N ASN B 187 26.25 -20.06 -8.77
CA ASN B 187 26.82 -21.06 -9.66
C ASN B 187 25.74 -22.09 -10.04
N ALA B 188 26.13 -23.05 -10.89
CA ALA B 188 25.18 -24.08 -11.33
C ALA B 188 24.52 -24.80 -10.14
N LEU B 189 25.25 -24.92 -9.03
CA LEU B 189 24.78 -25.64 -7.86
C LEU B 189 23.44 -25.08 -7.38
N VAL B 190 23.39 -23.80 -7.01
CA VAL B 190 22.16 -23.23 -6.46
C VAL B 190 21.02 -23.32 -7.47
N TYR B 191 21.32 -23.27 -8.76
CA TYR B 191 20.28 -23.51 -9.75
C TYR B 191 19.66 -24.88 -9.57
N ALA B 192 20.50 -25.89 -9.33
CA ALA B 192 20.00 -27.25 -9.19
C ALA B 192 19.03 -27.40 -8.02
N LEU B 193 19.34 -26.79 -6.88
CA LEU B 193 18.50 -27.01 -5.69
C LEU B 193 17.27 -26.13 -5.67
N LEU B 194 16.98 -25.46 -6.77
CA LEU B 194 15.73 -24.77 -6.93
C LEU B 194 14.78 -25.59 -7.78
N ASN B 195 15.23 -26.73 -8.28
CA ASN B 195 14.37 -27.62 -9.05
C ASN B 195 13.46 -28.43 -8.14
N PRO B 196 12.13 -28.38 -8.31
CA PRO B 196 11.24 -29.09 -7.38
C PRO B 196 11.38 -30.59 -7.43
N ASP B 197 11.92 -31.14 -8.52
CA ASP B 197 12.02 -32.59 -8.66
C ASP B 197 13.10 -33.12 -7.74
N ASP B 198 12.70 -33.94 -6.78
CA ASP B 198 13.64 -34.38 -5.75
C ASP B 198 14.71 -35.28 -6.31
N GLY B 199 14.35 -36.24 -7.18
CA GLY B 199 15.34 -37.12 -7.78
C GLY B 199 16.35 -36.37 -8.63
N LYS B 200 15.87 -35.55 -9.57
CA LYS B 200 16.77 -34.86 -10.48
C LYS B 200 17.65 -33.87 -9.72
N ALA B 201 17.10 -33.20 -8.71
CA ALA B 201 17.91 -32.29 -7.90
C ALA B 201 19.03 -33.01 -7.19
N LYS B 202 18.82 -34.27 -6.80
CA LYS B 202 19.85 -35.05 -6.12
C LYS B 202 20.98 -35.45 -7.07
N ALA B 203 20.64 -35.78 -8.30
CA ALA B 203 21.64 -36.27 -9.25
C ALA B 203 22.51 -35.15 -9.78
N ILE B 204 21.90 -34.04 -10.17
CA ILE B 204 22.68 -32.93 -10.70
C ILE B 204 23.67 -32.42 -9.68
N THR B 205 23.23 -32.28 -8.42
CA THR B 205 24.12 -31.73 -7.39
C THR B 205 25.28 -32.67 -7.10
N ARG B 206 25.10 -34.00 -7.21
CA ARG B 206 26.24 -34.88 -7.00
C ARG B 206 27.20 -34.78 -8.17
N LEU B 207 26.68 -34.59 -9.39
CA LEU B 207 27.56 -34.39 -10.53
C LEU B 207 28.34 -33.09 -10.40
N LEU B 208 27.64 -32.00 -10.03
CA LEU B 208 28.29 -30.70 -9.86
C LEU B 208 29.33 -30.72 -8.75
N LEU B 209 28.97 -31.25 -7.58
CA LEU B 209 29.85 -31.22 -6.42
C LEU B 209 31.15 -31.96 -6.69
N ASP B 210 31.07 -33.16 -7.29
CA ASP B 210 32.27 -33.98 -7.47
C ASP B 210 33.21 -33.43 -8.55
N HIS B 211 32.74 -32.49 -9.36
CA HIS B 211 33.60 -31.80 -10.32
C HIS B 211 34.09 -30.45 -9.81
N GLY B 212 33.64 -30.03 -8.62
CA GLY B 212 34.23 -28.88 -7.94
C GLY B 212 33.41 -27.62 -7.83
N ALA B 213 32.08 -27.73 -7.88
CA ALA B 213 31.23 -26.58 -7.63
C ALA B 213 31.47 -26.05 -6.23
N ASP B 214 31.69 -24.75 -6.13
CA ASP B 214 31.82 -24.16 -4.79
C ASP B 214 30.50 -24.32 -4.07
N VAL B 215 30.57 -24.85 -2.85
CA VAL B 215 29.37 -25.16 -2.09
C VAL B 215 29.06 -24.08 -1.05
N ASN B 216 29.82 -22.97 -1.06
CA ASN B 216 29.52 -21.83 -0.20
C ASN B 216 29.18 -20.58 -0.99
N VAL B 217 28.71 -20.75 -2.23
CA VAL B 217 28.02 -19.68 -2.93
C VAL B 217 26.76 -19.30 -2.16
N ARG B 218 26.18 -18.16 -2.54
CA ARG B 218 24.86 -17.78 -2.03
C ARG B 218 23.91 -17.39 -3.16
N GLY B 219 22.62 -17.46 -2.85
CA GLY B 219 21.56 -17.17 -3.80
C GLY B 219 20.53 -16.21 -3.24
N GLU B 220 19.37 -16.10 -3.91
CA GLU B 220 18.27 -15.29 -3.41
C GLU B 220 18.07 -15.50 -1.91
N GLY B 221 17.90 -14.40 -1.20
CA GLY B 221 17.75 -14.47 0.24
C GLY B 221 19.04 -14.60 1.00
N SER B 222 20.18 -14.57 0.29
CA SER B 222 21.50 -14.82 0.85
C SER B 222 21.62 -16.23 1.48
N LYS B 223 20.78 -17.16 1.01
CA LYS B 223 20.83 -18.53 1.50
C LYS B 223 22.01 -19.28 0.91
N THR B 224 22.56 -20.20 1.70
CA THR B 224 23.60 -21.12 1.25
C THR B 224 22.95 -22.34 0.61
N PRO B 225 23.70 -23.13 -0.15
CA PRO B 225 23.15 -24.41 -0.63
C PRO B 225 22.60 -25.26 0.49
N LEU B 226 23.27 -25.31 1.63
CA LEU B 226 22.78 -26.10 2.75
C LEU B 226 21.44 -25.57 3.26
N ILE B 227 21.24 -24.24 3.28
CA ILE B 227 19.96 -23.67 3.70
C ILE B 227 18.88 -23.94 2.67
N LEU B 228 19.23 -24.10 1.40
CA LEU B 228 18.19 -24.43 0.43
C LEU B 228 17.79 -25.88 0.55
N ALA B 229 18.70 -26.73 1.02
CA ALA B 229 18.36 -28.11 1.28
C ALA B 229 17.47 -28.24 2.50
N VAL B 230 17.72 -27.43 3.53
CA VAL B 230 16.92 -27.55 4.74
C VAL B 230 15.51 -27.03 4.50
N GLU B 231 15.39 -25.86 3.89
CA GLU B 231 14.06 -25.32 3.60
C GLU B 231 13.31 -26.22 2.62
N ARG B 232 14.05 -27.10 1.93
CA ARG B 232 13.46 -28.14 1.10
C ARG B 232 12.97 -29.35 1.89
N LYS B 233 13.40 -29.50 3.15
CA LYS B 233 13.09 -30.68 3.98
C LYS B 233 13.62 -31.97 3.34
N ASN B 234 14.84 -31.92 2.79
CA ASN B 234 15.42 -33.05 2.06
C ASN B 234 16.67 -33.58 2.77
N LEU B 235 16.53 -34.75 3.42
CA LEU B 235 17.62 -35.35 4.18
C LEU B 235 18.89 -35.57 3.35
N ASP B 236 18.77 -36.15 2.16
CA ASP B 236 20.01 -36.61 1.52
C ASP B 236 20.85 -35.47 0.94
N LEU B 237 20.26 -34.33 0.59
CA LEU B 237 21.10 -33.24 0.12
C LEU B 237 21.87 -32.62 1.28
N VAL B 238 21.25 -32.53 2.45
CA VAL B 238 21.94 -32.01 3.62
C VAL B 238 23.17 -32.86 3.94
N GLN B 239 23.08 -34.17 3.78
CA GLN B 239 24.22 -35.04 4.07
C GLN B 239 25.21 -35.04 2.91
N MET B 240 24.72 -35.01 1.67
CA MET B 240 25.61 -34.91 0.52
C MET B 240 26.42 -33.63 0.56
N LEU B 241 25.79 -32.52 0.98
CA LEU B 241 26.48 -31.24 1.01
C LEU B 241 27.52 -31.22 2.11
N LEU B 242 27.21 -31.84 3.25
CA LEU B 242 28.16 -31.92 4.35
C LEU B 242 29.22 -32.98 4.10
N GLU B 243 28.97 -33.93 3.18
CA GLU B 243 30.02 -34.87 2.80
C GLU B 243 31.24 -34.13 2.32
N GLN B 244 31.05 -32.93 1.75
CA GLN B 244 32.14 -32.06 1.33
C GLN B 244 32.58 -31.22 2.52
N GLU B 245 33.87 -31.27 2.84
CA GLU B 245 34.37 -30.86 4.15
C GLU B 245 34.77 -29.40 4.21
N GLN B 246 34.42 -28.58 3.22
CA GLN B 246 34.59 -27.13 3.31
C GLN B 246 33.27 -26.39 3.53
N ILE B 247 32.15 -27.11 3.59
CA ILE B 247 30.85 -26.52 3.93
C ILE B 247 30.92 -25.71 5.22
N GLU B 248 30.30 -24.54 5.19
CA GLU B 248 30.21 -23.63 6.34
C GLU B 248 28.82 -23.75 6.96
N VAL B 249 28.74 -24.53 8.05
CA VAL B 249 27.45 -24.92 8.64
C VAL B 249 26.73 -23.71 9.23
N ASN B 250 27.42 -22.90 9.99
CA ASN B 250 26.79 -21.80 10.71
C ASN B 250 26.69 -20.52 9.89
N ASP B 251 26.50 -20.63 8.58
CA ASP B 251 26.24 -19.44 7.78
C ASP B 251 24.74 -19.15 7.79
N THR B 252 24.40 -17.90 7.51
CA THR B 252 23.02 -17.45 7.68
C THR B 252 22.53 -16.78 6.41
N ASP B 253 21.20 -16.67 6.34
CA ASP B 253 20.56 -16.00 5.21
C ASP B 253 20.59 -14.50 5.52
N ARG B 254 19.85 -13.72 4.75
CA ARG B 254 19.79 -12.29 5.02
C ARG B 254 19.15 -12.00 6.38
N GLU B 255 18.31 -12.92 6.86
CA GLU B 255 17.52 -12.72 8.07
C GLU B 255 18.19 -13.29 9.33
N GLY B 256 19.49 -13.59 9.29
CA GLY B 256 20.22 -14.04 10.47
C GLY B 256 19.97 -15.45 10.97
N LYS B 257 19.19 -16.26 10.25
CA LYS B 257 18.93 -17.64 10.63
C LYS B 257 19.98 -18.58 10.04
N THR B 258 20.52 -19.49 10.85
CA THR B 258 21.45 -20.50 10.35
C THR B 258 20.66 -21.70 9.81
N ALA B 259 21.34 -22.56 9.07
CA ALA B 259 20.67 -23.76 8.57
C ALA B 259 20.03 -24.54 9.71
N LEU B 260 20.73 -24.66 10.83
CA LEU B 260 20.21 -25.46 11.92
C LEU B 260 19.02 -24.79 12.61
N LEU B 261 19.07 -23.47 12.77
CA LEU B 261 17.88 -22.76 13.27
C LEU B 261 16.64 -23.12 12.45
N LEU B 262 16.71 -23.02 11.11
CA LEU B 262 15.55 -23.44 10.32
C LEU B 262 15.30 -24.92 10.46
N ALA B 263 16.36 -25.72 10.68
CA ALA B 263 16.16 -27.15 10.84
C ALA B 263 15.28 -27.44 12.04
N VAL B 264 15.41 -26.64 13.10
CA VAL B 264 14.59 -26.85 14.27
C VAL B 264 13.21 -26.23 14.08
N GLU B 265 13.17 -25.03 13.48
CA GLU B 265 11.90 -24.33 13.28
C GLU B 265 10.89 -25.18 12.53
N LEU B 266 11.32 -25.90 11.49
CA LEU B 266 10.39 -26.64 10.64
C LEU B 266 10.22 -28.08 11.06
N ARG B 267 10.62 -28.42 12.29
CA ARG B 267 10.26 -29.68 12.95
C ARG B 267 10.90 -30.86 12.24
N LEU B 268 12.14 -30.67 11.79
CA LEU B 268 12.87 -31.68 11.06
C LEU B 268 13.91 -32.19 12.04
N GLU B 269 13.63 -33.35 12.62
CA GLU B 269 14.46 -33.92 13.66
C GLU B 269 15.82 -34.32 13.10
N GLU B 270 15.83 -35.28 12.19
CA GLU B 270 17.08 -35.85 11.71
C GLU B 270 17.90 -34.84 10.91
N ILE B 271 17.24 -33.91 10.20
CA ILE B 271 17.98 -32.85 9.52
C ILE B 271 18.79 -32.07 10.53
N ALA B 272 18.16 -31.71 11.65
CA ALA B 272 18.85 -30.97 12.69
C ALA B 272 19.95 -31.82 13.32
N LYS B 273 19.67 -33.08 13.62
CA LYS B 273 20.61 -33.92 14.35
C LYS B 273 21.96 -34.02 13.67
N LEU B 274 22.00 -34.04 12.32
CA LEU B 274 23.29 -34.20 11.67
C LEU B 274 24.06 -32.89 11.60
N LEU B 275 23.39 -31.74 11.64
CA LEU B 275 24.16 -30.53 11.54
C LEU B 275 24.79 -30.14 12.85
N CYS B 276 24.25 -30.61 13.99
CA CYS B 276 24.98 -30.48 15.24
C CYS B 276 26.14 -31.48 15.27
N HIS B 277 25.85 -32.74 14.90
CA HIS B 277 26.87 -33.78 14.85
C HIS B 277 28.01 -33.43 13.91
N ARG B 278 27.89 -32.36 13.13
CA ARG B 278 28.89 -31.89 12.20
C ARG B 278 29.19 -30.41 12.46
N GLY B 279 28.97 -29.97 13.69
CA GLY B 279 29.53 -28.72 14.16
C GLY B 279 28.70 -27.47 13.95
N ALA B 280 27.38 -27.57 13.98
CA ALA B 280 26.53 -26.38 13.97
C ALA B 280 26.44 -25.79 15.37
N SER B 281 26.23 -24.46 15.43
CA SER B 281 26.27 -23.72 16.68
C SER B 281 24.98 -23.90 17.47
N THR B 282 25.09 -24.39 18.73
CA THR B 282 23.97 -24.52 19.69
C THR B 282 23.55 -23.15 20.27
N ASN B 283 24.04 -22.00 19.75
CA ASN B 283 23.78 -20.68 20.35
C ASN B 283 23.64 -19.58 19.28
N CYS B 284 22.52 -19.59 18.54
CA CYS B 284 22.09 -18.43 17.76
C CYS B 284 20.61 -18.10 17.97
N GLY B 285 20.09 -18.38 19.14
CA GLY B 285 18.64 -18.44 19.36
C GLY B 285 18.33 -19.46 20.43
N ASP B 286 17.03 -19.56 20.75
CA ASP B 286 16.57 -20.49 21.79
C ASP B 286 15.99 -21.73 21.11
N LEU B 287 16.82 -22.76 20.96
CA LEU B 287 16.42 -23.86 20.10
C LEU B 287 15.65 -24.93 20.84
N VAL B 288 15.85 -25.08 22.15
CA VAL B 288 15.01 -26.02 22.84
C VAL B 288 13.61 -25.44 23.08
N ALA B 289 13.47 -24.11 23.10
CA ALA B 289 12.14 -23.51 23.18
C ALA B 289 11.34 -23.76 21.91
N ILE B 290 12.01 -23.75 20.75
CA ILE B 290 11.32 -23.92 19.48
C ILE B 290 10.82 -25.36 19.30
N ALA B 291 11.69 -26.34 19.59
CA ALA B 291 11.28 -27.73 19.54
C ALA B 291 10.17 -28.05 20.53
N ARG B 292 10.22 -27.43 21.72
CA ARG B 292 9.11 -27.49 22.67
C ARG B 292 7.80 -27.08 22.02
N ARG B 293 7.72 -25.84 21.51
CA ARG B 293 6.44 -25.40 20.94
C ARG B 293 6.10 -26.13 19.64
N ASN B 294 6.96 -27.00 19.15
CA ASN B 294 6.63 -27.81 17.98
C ASN B 294 6.17 -29.21 18.40
N TYR B 295 6.00 -29.43 19.71
CA TYR B 295 5.46 -30.68 20.23
C TYR B 295 6.34 -31.85 19.78
N ASP B 296 7.62 -31.56 19.64
CA ASP B 296 8.64 -32.51 19.18
C ASP B 296 9.37 -32.93 20.46
N SER B 297 8.90 -34.02 21.06
CA SER B 297 9.49 -34.48 22.32
C SER B 297 10.88 -35.05 22.12
N ASP B 298 11.07 -35.82 21.05
CA ASP B 298 12.36 -36.47 20.88
C ASP B 298 13.46 -35.48 20.51
N LEU B 299 13.10 -34.31 20.03
CA LEU B 299 14.16 -33.39 19.63
C LEU B 299 14.53 -32.40 20.73
N VAL B 300 13.56 -31.93 21.52
CA VAL B 300 13.89 -31.29 22.81
C VAL B 300 14.81 -32.17 23.64
N LYS B 301 14.50 -33.47 23.73
CA LYS B 301 15.32 -34.38 24.54
C LYS B 301 16.82 -34.31 24.20
N PHE B 302 17.15 -34.30 22.91
CA PHE B 302 18.56 -34.42 22.52
C PHE B 302 19.26 -33.05 22.57
N LEU B 303 18.50 -32.00 22.36
CA LEU B 303 19.01 -30.64 22.32
C LEU B 303 19.43 -30.11 23.69
N ARG B 304 18.90 -30.69 24.77
CA ARG B 304 19.40 -30.36 26.10
C ARG B 304 20.73 -31.04 26.38
N LEU B 305 20.89 -32.31 25.98
CA LEU B 305 22.18 -32.94 26.31
C LEU B 305 23.42 -32.30 25.53
N HIS B 306 23.20 -31.14 24.92
CA HIS B 306 24.21 -30.44 24.14
C HIS B 306 23.84 -28.95 23.96
N PRO B 314 16.89 -13.82 26.25
CA PRO B 314 18.20 -13.34 25.83
C PRO B 314 18.23 -12.01 25.04
N PRO B 315 17.43 -11.84 23.99
CA PRO B 315 17.57 -10.63 23.16
C PRO B 315 16.84 -9.44 23.76
N ALA B 316 17.58 -8.36 24.06
CA ALA B 316 16.97 -7.09 24.41
C ALA B 316 16.16 -6.57 23.23
N GLU B 317 15.19 -5.71 23.50
CA GLU B 317 14.15 -5.40 22.53
C GLU B 317 13.85 -3.90 22.43
N ASN B 318 14.01 -3.35 21.24
CA ASN B 318 13.36 -2.11 20.80
C ASN B 318 12.31 -2.43 19.74
N TRP B 319 11.11 -1.92 19.95
CA TRP B 319 10.13 -1.72 18.89
C TRP B 319 9.14 -0.73 19.49
N LYS B 320 9.00 0.43 18.86
CA LYS B 320 8.10 1.42 19.42
C LYS B 320 6.82 1.39 18.62
N PRO B 321 5.68 1.18 19.23
CA PRO B 321 4.43 1.39 18.51
C PRO B 321 4.18 2.87 18.42
N GLN B 322 3.57 3.26 17.31
CA GLN B 322 3.22 4.66 17.12
C GLN B 322 1.85 4.98 17.67
N SER B 323 1.01 3.99 17.91
CA SER B 323 -0.29 4.23 18.49
C SER B 323 -0.16 4.34 20.00
N SER B 324 -0.98 5.21 20.59
CA SER B 324 -0.96 5.33 22.03
C SER B 324 -2.01 4.43 22.69
N ARG B 325 -3.22 4.40 22.13
CA ARG B 325 -4.29 3.58 22.67
C ARG B 325 -3.96 2.10 22.58
N TRP B 326 -3.43 1.67 21.44
CA TRP B 326 -3.13 0.29 21.13
C TRP B 326 -1.69 -0.08 21.42
N GLY B 327 -0.92 0.84 22.00
CA GLY B 327 0.49 0.65 22.22
C GLY B 327 0.89 -0.63 22.93
N GLU B 328 0.36 -0.85 24.14
CA GLU B 328 0.85 -1.99 24.92
C GLU B 328 0.35 -3.31 24.36
N ALA B 329 -0.81 -3.31 23.73
CA ALA B 329 -1.23 -4.53 23.05
C ALA B 329 -0.30 -4.87 21.89
N LEU B 330 0.25 -3.86 21.19
CA LEU B 330 1.08 -4.15 20.01
C LEU B 330 2.52 -4.44 20.36
N LYS B 331 3.02 -3.90 21.48
CA LYS B 331 4.30 -4.34 21.99
C LYS B 331 4.28 -5.82 22.33
N HIS B 332 3.17 -6.29 22.90
CA HIS B 332 3.04 -7.71 23.27
C HIS B 332 3.00 -8.61 22.03
N LEU B 333 2.25 -8.21 20.99
CA LEU B 333 2.15 -9.03 19.80
C LEU B 333 3.47 -9.05 19.04
N HIS B 334 4.26 -8.00 19.17
CA HIS B 334 5.63 -8.04 18.63
C HIS B 334 6.46 -9.08 19.36
N ARG B 335 6.23 -9.24 20.67
CA ARG B 335 7.02 -10.15 21.50
C ARG B 335 6.74 -11.61 21.17
N ILE B 336 5.46 -11.98 21.09
CA ILE B 336 5.14 -13.40 21.03
C ILE B 336 5.51 -13.97 19.67
N TRP B 337 5.71 -15.29 19.63
CA TRP B 337 5.98 -15.96 18.38
C TRP B 337 4.65 -16.23 17.67
N ARG B 338 4.61 -15.93 16.38
CA ARG B 338 3.47 -16.33 15.58
C ARG B 338 3.95 -16.77 14.21
N PRO B 339 3.20 -17.64 13.56
CA PRO B 339 3.50 -17.93 12.16
C PRO B 339 3.08 -16.76 11.32
N MET B 340 3.65 -16.68 10.14
CA MET B 340 3.31 -15.63 9.21
C MET B 340 2.14 -16.06 8.34
N ILE B 341 1.19 -15.15 8.13
CA ILE B 341 0.25 -15.26 7.03
C ILE B 341 0.70 -14.23 6.00
N GLY B 342 1.52 -14.65 5.05
CA GLY B 342 2.13 -13.70 4.13
C GLY B 342 3.01 -12.71 4.87
N LYS B 343 2.76 -11.42 4.60
CA LYS B 343 3.42 -10.28 5.22
C LYS B 343 2.88 -9.96 6.59
N LEU B 344 1.89 -10.71 7.07
CA LEU B 344 1.07 -10.33 8.21
C LEU B 344 1.30 -11.26 9.40
N LYS B 345 1.59 -10.66 10.55
CA LYS B 345 1.61 -11.35 11.83
C LYS B 345 0.34 -11.01 12.61
N ILE B 346 -0.40 -12.04 13.04
CA ILE B 346 -1.71 -11.85 13.65
C ILE B 346 -1.90 -12.92 14.74
N PHE B 347 -2.69 -12.58 15.77
CA PHE B 347 -3.10 -13.54 16.79
C PHE B 347 -4.56 -13.32 17.13
N ILE B 348 -5.43 -14.29 16.82
CA ILE B 348 -6.83 -14.18 17.19
C ILE B 348 -6.91 -14.46 18.68
N ASP B 349 -7.04 -13.40 19.48
CA ASP B 349 -7.16 -13.44 20.93
C ASP B 349 -7.79 -12.13 21.39
N GLU B 350 -8.56 -12.20 22.46
CA GLU B 350 -9.34 -11.03 22.85
C GLU B 350 -8.47 -9.83 23.19
N GLU B 351 -7.22 -10.05 23.60
CA GLU B 351 -6.36 -8.90 23.90
C GLU B 351 -6.05 -8.08 22.66
N TYR B 352 -6.08 -8.67 21.47
CA TYR B 352 -5.78 -7.90 20.27
C TYR B 352 -7.02 -7.60 19.45
N LYS B 353 -8.21 -7.76 20.04
CA LYS B 353 -9.45 -7.51 19.33
C LYS B 353 -9.80 -6.03 19.42
N ILE B 354 -10.13 -5.43 18.29
CA ILE B 354 -10.48 -4.02 18.21
C ILE B 354 -12.00 -3.81 18.18
N ALA B 355 -12.71 -4.64 17.43
CA ALA B 355 -14.14 -4.50 17.21
C ALA B 355 -14.67 -5.79 16.60
N ASP B 356 -15.99 -5.96 16.68
CA ASP B 356 -16.64 -7.14 16.12
C ASP B 356 -17.31 -6.79 14.80
N THR B 357 -17.10 -7.65 13.82
CA THR B 357 -17.73 -7.51 12.52
C THR B 357 -18.85 -8.53 12.43
N ALA B 358 -19.70 -8.38 11.40
CA ALA B 358 -20.56 -9.48 10.96
C ALA B 358 -19.78 -10.75 10.65
N GLU B 359 -18.50 -10.63 10.34
CA GLU B 359 -17.65 -11.74 9.92
C GLU B 359 -16.27 -11.42 10.46
N GLY B 360 -15.78 -12.17 11.45
CA GLY B 360 -14.36 -12.16 11.72
C GLY B 360 -13.85 -11.09 12.64
N GLY B 361 -14.53 -9.95 12.76
CA GLY B 361 -14.04 -8.91 13.66
C GLY B 361 -12.82 -8.21 13.06
N ILE B 362 -12.24 -7.32 13.86
CA ILE B 362 -11.01 -6.65 13.46
C ILE B 362 -10.02 -6.72 14.60
N TYR B 363 -8.78 -7.05 14.26
CA TYR B 363 -7.75 -7.31 15.25
C TYR B 363 -6.52 -6.45 14.96
N LEU B 364 -5.59 -6.41 15.93
CA LEU B 364 -4.37 -5.72 15.59
C LEU B 364 -3.43 -6.66 14.85
N GLY B 365 -2.34 -6.12 14.35
CA GLY B 365 -1.56 -6.86 13.40
C GLY B 365 -0.20 -6.22 13.19
N LEU B 366 0.69 -7.00 12.60
CA LEU B 366 1.94 -6.44 12.12
C LEU B 366 2.08 -6.89 10.69
N TYR B 367 2.11 -5.92 9.77
CA TYR B 367 2.26 -6.15 8.34
C TYR B 367 3.57 -5.51 7.98
N GLU B 368 4.51 -6.33 7.47
CA GLU B 368 5.90 -5.92 7.25
C GLU B 368 6.39 -5.10 8.45
N ASP B 369 6.07 -5.55 9.67
CA ASP B 369 6.46 -4.88 10.91
C ASP B 369 5.79 -3.49 11.09
N GLN B 370 4.72 -3.20 10.36
CA GLN B 370 3.97 -1.98 10.61
C GLN B 370 2.68 -2.34 11.35
N GLU B 371 2.34 -1.56 12.37
CA GLU B 371 1.08 -1.77 13.08
C GLU B 371 -0.10 -1.51 12.17
N VAL B 372 -1.03 -2.47 12.12
CA VAL B 372 -2.20 -2.33 11.28
C VAL B 372 -3.44 -2.84 12.00
N ALA B 373 -4.59 -2.45 11.48
CA ALA B 373 -5.87 -3.03 11.84
C ALA B 373 -6.24 -4.05 10.77
N VAL B 374 -6.74 -5.21 11.20
CA VAL B 374 -6.99 -6.34 10.31
C VAL B 374 -8.48 -6.66 10.30
N LYS B 375 -9.11 -6.44 9.16
CA LYS B 375 -10.50 -6.80 8.98
C LYS B 375 -10.52 -8.20 8.40
N ARG B 376 -11.25 -9.10 9.04
CA ARG B 376 -11.21 -10.51 8.69
C ARG B 376 -12.52 -10.87 8.00
N PHE B 377 -12.42 -11.34 6.76
CA PHE B 377 -13.57 -11.83 6.01
C PHE B 377 -13.40 -13.30 5.67
N SER B 378 -14.52 -13.98 5.45
CA SER B 378 -14.45 -15.35 4.94
C SER B 378 -14.00 -15.33 3.48
N GLU B 379 -13.19 -16.33 3.10
CA GLU B 379 -12.45 -16.21 1.85
C GLU B 379 -13.37 -16.06 0.65
N GLY B 380 -14.60 -16.56 0.73
CA GLY B 380 -15.55 -16.39 -0.36
C GLY B 380 -16.41 -15.16 -0.32
N SER B 381 -16.42 -14.43 0.80
CA SER B 381 -17.46 -13.44 1.08
C SER B 381 -17.53 -12.33 0.03
N THR B 382 -18.75 -12.05 -0.42
CA THR B 382 -19.00 -10.92 -1.31
C THR B 382 -18.64 -9.59 -0.63
N ARG B 383 -18.92 -9.47 0.65
CA ARG B 383 -18.62 -8.19 1.31
C ARG B 383 -17.13 -7.94 1.32
N GLY B 384 -16.32 -9.00 1.42
CA GLY B 384 -14.88 -8.84 1.37
C GLY B 384 -14.38 -8.38 0.02
N GLN B 385 -14.80 -9.05 -1.04
CA GLN B 385 -14.38 -8.62 -2.36
C GLN B 385 -14.84 -7.20 -2.65
N GLN B 386 -15.94 -6.77 -2.05
CA GLN B 386 -16.41 -5.41 -2.33
C GLN B 386 -15.69 -4.38 -1.49
N GLU B 387 -15.22 -4.77 -0.31
CA GLU B 387 -14.36 -3.91 0.48
C GLU B 387 -13.03 -3.69 -0.22
N VAL B 388 -12.50 -4.73 -0.85
CA VAL B 388 -11.16 -4.63 -1.39
C VAL B 388 -11.13 -3.80 -2.66
N SER B 389 -12.06 -4.05 -3.59
CA SER B 389 -12.06 -3.31 -4.84
C SER B 389 -12.18 -1.82 -4.58
N CYS B 390 -13.12 -1.44 -3.69
CA CYS B 390 -13.28 -0.03 -3.36
C CYS B 390 -12.01 0.52 -2.71
N LEU B 391 -11.43 -0.21 -1.75
CA LEU B 391 -10.16 0.22 -1.17
C LEU B 391 -9.10 0.42 -2.25
N GLN B 392 -9.12 -0.43 -3.28
CA GLN B 392 -8.09 -0.34 -4.31
C GLN B 392 -8.27 0.85 -5.22
N SER B 393 -9.51 1.32 -5.39
CA SER B 393 -9.71 2.54 -6.17
C SER B 393 -9.48 3.80 -5.35
N SER B 394 -9.16 3.70 -4.06
CA SER B 394 -9.10 4.88 -3.19
C SER B 394 -7.71 5.19 -2.63
N ARG B 395 -6.66 4.48 -3.08
CA ARG B 395 -5.31 4.80 -2.59
C ARG B 395 -4.94 6.28 -2.79
N ALA B 396 -5.49 6.96 -3.79
CA ALA B 396 -5.20 8.38 -3.94
C ALA B 396 -6.09 9.26 -3.08
N ASN B 397 -7.07 8.71 -2.37
CA ASN B 397 -7.99 9.50 -1.57
C ASN B 397 -7.38 9.72 -0.19
N ASP B 398 -6.95 10.94 0.08
CA ASP B 398 -6.20 11.24 1.29
C ASP B 398 -7.01 11.11 2.58
N ASN B 399 -8.34 11.06 2.49
CA ASN B 399 -9.16 10.91 3.69
C ASN B 399 -9.84 9.56 3.74
N VAL B 400 -9.31 8.57 3.02
CA VAL B 400 -9.70 7.18 3.19
C VAL B 400 -8.56 6.49 3.93
N VAL B 401 -8.94 5.59 4.85
CA VAL B 401 -7.95 4.87 5.63
C VAL B 401 -6.99 4.19 4.67
N THR B 402 -5.69 4.30 4.98
CA THR B 402 -4.65 3.74 4.13
C THR B 402 -4.74 2.22 4.12
N PHE B 403 -4.62 1.65 2.94
CA PHE B 403 -4.82 0.22 2.72
C PHE B 403 -3.45 -0.41 2.47
N TYR B 404 -3.02 -1.28 3.39
CA TYR B 404 -1.68 -1.83 3.29
C TYR B 404 -1.67 -3.02 2.33
N GLY B 405 -2.70 -3.84 2.39
CA GLY B 405 -2.77 -4.98 1.49
C GLY B 405 -3.55 -6.12 2.11
N SER B 406 -3.89 -7.10 1.26
CA SER B 406 -4.61 -8.26 1.73
C SER B 406 -3.69 -9.48 1.72
N GLU B 407 -4.04 -10.44 2.57
CA GLU B 407 -3.36 -11.72 2.71
C GLU B 407 -4.42 -12.70 3.15
N SER B 408 -4.46 -13.88 2.53
CA SER B 408 -5.44 -14.91 2.87
C SER B 408 -4.71 -16.19 3.24
N ASP B 409 -5.27 -16.91 4.23
CA ASP B 409 -4.75 -18.20 4.66
C ASP B 409 -5.48 -19.35 4.01
N GLY B 410 -6.03 -19.11 2.81
CA GLY B 410 -6.74 -20.12 2.07
C GLY B 410 -8.19 -20.30 2.47
N SER B 411 -8.57 -19.81 3.63
CA SER B 411 -9.93 -19.97 4.13
C SER B 411 -10.51 -18.68 4.67
N CYS B 412 -9.70 -17.63 4.83
CA CYS B 412 -10.13 -16.41 5.51
C CYS B 412 -9.27 -15.27 5.01
N LEU B 413 -9.88 -14.23 4.45
CA LEU B 413 -9.12 -13.11 3.89
C LEU B 413 -8.92 -12.00 4.92
N HIS B 414 -7.67 -11.57 5.05
CA HIS B 414 -7.28 -10.53 5.99
C HIS B 414 -6.98 -9.29 5.17
N VAL B 415 -7.81 -8.25 5.28
CA VAL B 415 -7.48 -6.95 4.69
C VAL B 415 -6.93 -6.04 5.80
N CYS B 416 -5.75 -5.48 5.55
CA CYS B 416 -4.92 -4.80 6.54
C CYS B 416 -4.93 -3.32 6.24
N LEU B 417 -5.25 -2.51 7.27
CA LEU B 417 -5.48 -1.08 7.09
C LEU B 417 -4.68 -0.27 8.09
N ALA B 418 -4.54 1.02 7.80
CA ALA B 418 -3.90 1.96 8.70
C ALA B 418 -4.58 1.95 10.07
N LEU B 419 -3.79 1.88 11.13
CA LEU B 419 -4.35 1.76 12.47
C LEU B 419 -4.65 3.14 13.03
N CYS B 420 -5.87 3.32 13.53
CA CYS B 420 -6.32 4.60 14.06
C CYS B 420 -6.62 4.50 15.55
N GLU B 421 -6.82 5.67 16.15
CA GLU B 421 -7.01 5.76 17.59
C GLU B 421 -8.49 5.66 18.03
N TYR B 422 -9.41 6.40 17.39
CA TYR B 422 -10.76 6.52 17.91
C TYR B 422 -11.77 6.63 16.80
N THR B 423 -12.96 6.14 17.10
CA THR B 423 -14.15 6.44 16.33
C THR B 423 -14.54 7.91 16.50
N LEU B 424 -15.15 8.47 15.45
CA LEU B 424 -15.73 9.81 15.58
C LEU B 424 -16.59 9.92 16.83
N GLN B 425 -17.43 8.92 17.11
CA GLN B 425 -18.23 8.96 18.34
C GLN B 425 -17.37 8.94 19.61
N GLU B 426 -16.35 8.08 19.66
CA GLU B 426 -15.47 8.13 20.84
C GLU B 426 -14.75 9.46 20.91
N HIS B 427 -14.29 9.95 19.77
CA HIS B 427 -13.52 11.19 19.74
C HIS B 427 -14.33 12.36 20.28
N LEU B 428 -15.58 12.51 19.86
CA LEU B 428 -16.44 13.60 20.33
C LEU B 428 -16.71 13.49 21.82
N ALA B 429 -16.84 12.26 22.33
CA ALA B 429 -16.98 12.09 23.78
C ALA B 429 -15.72 12.54 24.51
N ASN B 430 -14.55 12.06 24.10
CA ASN B 430 -13.33 12.44 24.82
C ASN B 430 -13.05 13.94 24.77
N HIS B 431 -13.62 14.67 23.82
CA HIS B 431 -13.33 16.09 23.67
C HIS B 431 -14.54 16.98 23.89
N ARG B 432 -15.62 16.46 24.47
CA ARG B 432 -16.82 17.27 24.65
C ARG B 432 -16.55 18.47 25.54
N GLY B 433 -15.58 18.37 26.48
CA GLY B 433 -15.33 19.43 27.43
C GLY B 433 -14.28 20.44 27.07
N ASP B 434 -13.65 20.29 25.91
CA ASP B 434 -12.57 21.18 25.53
C ASP B 434 -13.04 22.53 25.02
N ALA B 435 -14.32 22.68 24.71
CA ALA B 435 -14.82 23.91 24.07
C ALA B 435 -15.61 24.69 25.10
N VAL B 436 -15.31 25.98 25.24
CA VAL B 436 -16.19 26.80 26.07
C VAL B 436 -17.58 26.82 25.43
N PRO B 437 -18.67 26.81 26.21
CA PRO B 437 -20.01 26.85 25.61
C PRO B 437 -20.21 27.99 24.63
N ASN B 438 -19.49 29.09 24.83
CA ASN B 438 -19.63 30.32 24.08
C ASN B 438 -18.39 30.53 23.19
N GLU B 439 -18.19 29.65 22.22
CA GLU B 439 -17.00 29.75 21.39
C GLU B 439 -17.17 29.01 20.07
N GLU B 440 -16.34 29.41 19.10
CA GLU B 440 -16.32 28.84 17.76
C GLU B 440 -15.82 27.39 17.75
N ASP B 441 -16.58 26.50 17.07
CA ASP B 441 -16.29 25.07 16.92
C ASP B 441 -15.50 24.84 15.63
N GLU B 442 -14.20 25.13 15.71
CA GLU B 442 -13.33 24.91 14.56
C GLU B 442 -13.20 23.42 14.27
N SER B 443 -13.20 22.60 15.32
CA SER B 443 -13.00 21.18 15.15
C SER B 443 -14.12 20.56 14.31
N ALA B 444 -15.37 21.05 14.47
CA ALA B 444 -16.47 20.54 13.64
C ALA B 444 -16.25 20.86 12.17
N ARG B 445 -15.73 22.04 11.88
CA ARG B 445 -15.45 22.41 10.50
C ARG B 445 -14.38 21.52 9.88
N ASN B 446 -13.40 21.09 10.68
CA ASN B 446 -12.30 20.31 10.13
C ASN B 446 -12.76 18.89 9.82
N ILE B 447 -13.39 18.25 10.80
CA ILE B 447 -13.95 16.91 10.61
C ILE B 447 -14.87 16.90 9.40
N LEU B 448 -15.80 17.85 9.35
CA LEU B 448 -16.84 17.81 8.32
C LEU B 448 -16.27 18.16 6.95
N SER B 449 -15.26 19.02 6.89
CA SER B 449 -14.66 19.32 5.58
C SER B 449 -13.85 18.13 5.05
N SER B 450 -13.16 17.40 5.95
CA SER B 450 -12.50 16.15 5.55
C SER B 450 -13.49 15.13 5.02
N LEU B 451 -14.66 15.04 5.66
CA LEU B 451 -15.66 14.07 5.18
C LEU B 451 -16.20 14.48 3.83
N PHE B 452 -16.38 15.79 3.61
CA PHE B 452 -16.83 16.25 2.29
C PHE B 452 -15.82 15.86 1.21
N LYS B 453 -14.53 16.14 1.44
CA LYS B 453 -13.50 15.73 0.47
C LYS B 453 -13.46 14.21 0.33
N ALA B 454 -13.44 13.50 1.46
CA ALA B 454 -13.36 12.04 1.40
C ALA B 454 -14.50 11.48 0.57
N ILE B 455 -15.72 11.95 0.81
CA ILE B 455 -16.86 11.44 0.03
C ILE B 455 -16.81 11.96 -1.40
N GLY B 456 -16.38 13.22 -1.58
CA GLY B 456 -16.23 13.74 -2.94
C GLY B 456 -15.30 12.90 -3.78
N GLU B 457 -14.09 12.61 -3.25
CA GLU B 457 -13.12 11.77 -3.95
C GLU B 457 -13.64 10.34 -4.11
N LEU B 458 -14.31 9.80 -3.10
CA LEU B 458 -14.88 8.46 -3.24
C LEU B 458 -15.83 8.40 -4.42
N HIS B 459 -16.63 9.45 -4.62
CA HIS B 459 -17.61 9.47 -5.70
C HIS B 459 -16.94 9.61 -7.07
N ARG B 460 -15.93 10.48 -7.17
CA ARG B 460 -15.21 10.62 -8.43
C ARG B 460 -14.52 9.34 -8.82
N SER B 461 -14.11 8.54 -7.83
CA SER B 461 -13.53 7.23 -8.06
C SER B 461 -14.57 6.18 -8.46
N GLY B 462 -15.86 6.52 -8.42
CA GLY B 462 -16.90 5.63 -8.89
C GLY B 462 -17.55 4.76 -7.85
N TYR B 463 -17.37 5.07 -6.57
CA TYR B 463 -17.98 4.29 -5.52
C TYR B 463 -18.86 5.17 -4.64
N SER B 464 -19.93 4.56 -4.14
CA SER B 464 -20.75 5.13 -3.09
C SER B 464 -20.64 4.25 -1.86
N HIS B 465 -20.39 4.86 -0.70
CA HIS B 465 -20.13 4.12 0.55
C HIS B 465 -21.35 3.31 1.01
N GLN B 466 -22.52 3.94 1.09
CA GLN B 466 -23.85 3.36 1.37
C GLN B 466 -24.13 3.10 2.85
N ASP B 467 -23.20 3.37 3.76
CA ASP B 467 -23.53 3.21 5.17
C ASP B 467 -22.63 4.05 6.06
N LEU B 468 -22.55 5.37 5.82
CA LEU B 468 -21.84 6.21 6.78
C LEU B 468 -22.65 6.60 7.97
N GLN B 469 -21.94 6.64 9.06
CA GLN B 469 -22.40 6.69 10.44
C GLN B 469 -21.11 6.80 11.26
N PRO B 470 -21.19 7.35 12.46
CA PRO B 470 -19.96 7.66 13.21
C PRO B 470 -19.08 6.46 13.54
N GLN B 471 -19.59 5.23 13.48
CA GLN B 471 -18.72 4.08 13.69
C GLN B 471 -17.68 3.91 12.57
N ASN B 472 -18.02 4.30 11.35
CA ASN B 472 -17.15 4.16 10.18
C ASN B 472 -16.17 5.32 9.98
N ILE B 473 -16.20 6.34 10.82
CA ILE B 473 -15.34 7.51 10.65
C ILE B 473 -14.28 7.44 11.73
N LEU B 474 -13.03 7.45 11.32
CA LEU B 474 -11.90 7.17 12.20
C LEU B 474 -11.06 8.41 12.39
N ILE B 475 -10.49 8.54 13.57
CA ILE B 475 -9.59 9.65 13.87
C ILE B 475 -8.28 9.07 14.40
N ASP B 476 -7.17 9.57 13.89
CA ASP B 476 -5.85 8.97 14.11
C ASP B 476 -5.08 9.79 15.15
N SER B 477 -3.80 9.46 15.32
CA SER B 477 -3.01 10.03 16.42
C SER B 477 -2.84 11.54 16.34
N LYS B 478 -3.14 12.17 15.20
CA LYS B 478 -2.91 13.60 15.01
C LYS B 478 -4.15 14.27 14.40
N ASN B 479 -5.32 13.92 14.93
CA ASN B 479 -6.62 14.53 14.62
C ASN B 479 -7.01 14.49 13.13
N GLY B 480 -6.39 13.67 12.31
CA GLY B 480 -6.95 13.45 11.00
C GLY B 480 -8.20 12.60 11.07
N THR B 481 -9.13 12.82 10.14
CA THR B 481 -10.32 12.00 10.07
C THR B 481 -10.33 11.18 8.78
N PHE B 482 -10.80 9.95 8.88
CA PHE B 482 -10.68 9.01 7.78
C PHE B 482 -11.96 8.24 7.58
N LEU B 483 -12.27 7.95 6.32
CA LEU B 483 -13.34 7.04 6.02
C LEU B 483 -12.84 5.60 6.15
N ALA B 484 -13.71 4.72 6.61
CA ALA B 484 -13.38 3.30 6.72
C ALA B 484 -14.62 2.45 6.44
N ASP B 485 -14.40 1.14 6.41
CA ASP B 485 -15.44 0.11 6.31
C ASP B 485 -16.24 0.20 5.02
N PHE B 486 -15.68 -0.29 3.91
CA PHE B 486 -16.25 -0.15 2.59
C PHE B 486 -16.91 -1.43 2.11
N ASP B 487 -17.30 -2.32 3.03
CA ASP B 487 -17.84 -3.61 2.63
C ASP B 487 -19.28 -3.54 2.16
N LYS B 488 -19.95 -2.39 2.27
CA LYS B 488 -21.28 -2.23 1.70
C LYS B 488 -21.28 -1.27 0.51
N SER B 489 -20.11 -0.95 -0.04
CA SER B 489 -19.99 0.03 -1.10
C SER B 489 -20.44 -0.54 -2.44
N ILE B 490 -20.71 0.35 -3.40
CA ILE B 490 -21.21 -0.04 -4.71
C ILE B 490 -20.50 0.80 -5.76
N LYS B 491 -20.26 0.21 -6.92
CA LYS B 491 -19.91 1.02 -8.09
C LYS B 491 -21.17 1.76 -8.52
N TRP B 492 -21.15 3.09 -8.55
CA TRP B 492 -22.40 3.80 -8.76
C TRP B 492 -22.70 4.09 -10.22
N ALA B 493 -21.77 3.86 -11.16
CA ALA B 493 -22.03 4.15 -12.58
C ALA B 493 -23.31 3.47 -13.07
N GLU B 494 -23.48 2.20 -12.72
CA GLU B 494 -24.64 1.42 -13.15
C GLU B 494 -25.94 1.89 -12.50
N ASP B 495 -25.87 2.82 -11.52
CA ASP B 495 -27.02 3.37 -10.82
C ASP B 495 -26.66 4.72 -10.18
N PRO B 496 -26.61 5.80 -10.98
CA PRO B 496 -26.07 7.09 -10.48
C PRO B 496 -26.93 7.82 -9.46
N GLN B 497 -28.19 7.44 -9.28
CA GLN B 497 -28.99 8.09 -8.26
C GLN B 497 -28.75 7.49 -6.89
N LYS B 498 -28.05 6.35 -6.82
CA LYS B 498 -27.78 5.83 -5.49
C LYS B 498 -26.79 6.70 -4.71
N ILE B 499 -26.07 7.60 -5.40
CA ILE B 499 -25.14 8.53 -4.74
C ILE B 499 -25.83 9.34 -3.65
N LYS B 500 -27.13 9.60 -3.80
CA LYS B 500 -27.83 10.50 -2.89
C LYS B 500 -27.91 9.97 -1.45
N ARG B 501 -27.78 8.67 -1.23
CA ARG B 501 -27.80 8.18 0.15
C ARG B 501 -26.56 8.60 0.90
N ASP B 502 -25.43 8.69 0.20
CA ASP B 502 -24.25 9.18 0.88
C ASP B 502 -24.46 10.64 1.31
N LEU B 503 -25.20 11.43 0.52
CA LEU B 503 -25.34 12.82 0.90
C LEU B 503 -26.40 13.04 1.97
N GLU B 504 -27.38 12.14 2.12
CA GLU B 504 -28.25 12.30 3.28
C GLU B 504 -27.51 11.93 4.55
N ALA B 505 -26.73 10.84 4.50
CA ALA B 505 -25.95 10.46 5.67
C ALA B 505 -25.05 11.62 6.09
N LEU B 506 -24.53 12.35 5.11
CA LEU B 506 -23.71 13.51 5.38
C LEU B 506 -24.52 14.59 6.06
N GLY B 507 -25.79 14.74 5.65
CA GLY B 507 -26.66 15.65 6.36
C GLY B 507 -26.81 15.26 7.82
N LEU B 508 -27.13 14.00 8.09
CA LEU B 508 -27.18 13.52 9.46
C LEU B 508 -25.88 13.78 10.20
N LEU B 509 -24.73 13.52 9.55
CA LEU B 509 -23.44 13.70 10.21
C LEU B 509 -23.14 15.16 10.46
N VAL B 510 -23.64 16.06 9.63
CA VAL B 510 -23.37 17.46 9.89
C VAL B 510 -24.00 17.86 11.21
N LEU B 511 -25.23 17.39 11.46
CA LEU B 511 -25.90 17.68 12.73
C LEU B 511 -25.25 16.94 13.88
N TYR B 512 -24.91 15.66 13.65
CA TYR B 512 -24.25 14.85 14.65
C TYR B 512 -23.03 15.54 15.23
N VAL B 513 -22.19 16.13 14.36
CA VAL B 513 -20.94 16.75 14.77
C VAL B 513 -21.13 18.17 15.29
N VAL B 514 -22.10 18.91 14.75
CA VAL B 514 -22.33 20.27 15.22
C VAL B 514 -22.86 20.25 16.64
N LYS B 515 -23.75 19.28 16.95
CA LYS B 515 -24.23 19.07 18.30
C LYS B 515 -23.30 18.19 19.12
N LYS B 516 -22.06 18.01 18.67
CA LYS B 516 -20.98 17.48 19.49
C LYS B 516 -21.24 16.09 20.04
N GLY B 517 -22.06 15.30 19.38
CA GLY B 517 -22.29 13.95 19.83
C GLY B 517 -23.41 13.84 20.83
N ASP B 518 -24.01 14.96 21.22
CA ASP B 518 -25.04 14.95 22.24
C ASP B 518 -26.28 14.23 21.76
N ILE B 519 -26.63 14.37 20.48
CA ILE B 519 -27.77 13.66 19.90
C ILE B 519 -27.21 12.42 19.21
N SER B 520 -27.69 11.26 19.62
CA SER B 520 -27.18 10.02 19.06
C SER B 520 -27.53 9.93 17.60
N PHE B 521 -26.67 9.24 16.84
CA PHE B 521 -26.90 9.15 15.42
C PHE B 521 -28.19 8.39 15.13
N GLU B 522 -28.53 7.40 15.95
CA GLU B 522 -29.72 6.59 15.68
C GLU B 522 -31.01 7.37 15.93
N THR B 523 -30.98 8.31 16.88
CA THR B 523 -32.10 9.22 17.03
C THR B 523 -32.32 9.98 15.72
N LEU B 524 -31.24 10.49 15.14
CA LEU B 524 -31.32 11.24 13.90
C LEU B 524 -31.80 10.39 12.73
N LYS B 525 -31.31 9.14 12.64
CA LYS B 525 -31.70 8.27 11.53
C LYS B 525 -33.19 7.97 11.54
N ASN B 526 -33.87 8.20 12.67
CA ASN B 526 -35.30 8.02 12.77
C ASN B 526 -36.09 9.33 12.65
N GLN B 527 -35.43 10.49 12.63
CA GLN B 527 -36.14 11.73 12.37
C GLN B 527 -36.41 11.89 10.89
N SER B 528 -37.47 12.61 10.55
CA SER B 528 -37.67 13.00 9.17
C SER B 528 -36.70 14.12 8.82
N PHE B 529 -36.55 14.40 7.52
CA PHE B 529 -35.59 15.40 7.08
C PHE B 529 -35.88 16.75 7.70
N GLU B 530 -37.17 17.05 7.85
CA GLU B 530 -37.61 18.33 8.33
C GLU B 530 -37.37 18.50 9.83
N GLU B 531 -37.40 17.41 10.60
CA GLU B 531 -37.07 17.55 12.02
C GLU B 531 -35.59 17.80 12.22
N VAL B 532 -34.73 17.12 11.45
CA VAL B 532 -33.30 17.31 11.63
C VAL B 532 -32.90 18.72 11.24
N ILE B 533 -33.60 19.31 10.27
CA ILE B 533 -33.28 20.68 9.89
C ILE B 533 -33.64 21.62 11.02
N GLN B 534 -34.81 21.42 11.63
CA GLN B 534 -35.21 22.25 12.77
C GLN B 534 -34.26 22.07 13.94
N GLY B 535 -33.63 20.89 14.04
CA GLY B 535 -32.64 20.67 15.07
C GLY B 535 -31.34 21.44 14.87
N SER B 536 -31.18 22.13 13.76
CA SER B 536 -29.94 22.85 13.54
C SER B 536 -29.88 24.04 14.48
N PRO B 537 -28.72 24.28 15.08
CA PRO B 537 -28.56 25.45 15.97
C PRO B 537 -28.41 26.80 15.28
N ASP B 538 -27.94 26.89 14.04
CA ASP B 538 -27.78 28.23 13.45
C ASP B 538 -28.18 28.16 11.98
N GLU B 539 -28.16 29.32 11.29
CA GLU B 539 -28.70 29.40 9.94
C GLU B 539 -27.76 28.78 8.90
N GLU B 540 -26.45 29.00 9.05
CA GLU B 540 -25.48 28.35 8.17
C GLU B 540 -25.68 26.83 8.19
N THR B 541 -25.82 26.26 9.39
CA THR B 541 -25.97 24.82 9.51
C THR B 541 -27.27 24.31 8.89
N ARG B 542 -28.38 24.99 9.17
CA ARG B 542 -29.64 24.54 8.58
C ARG B 542 -29.57 24.62 7.06
N ASP B 543 -28.96 25.69 6.53
CA ASP B 543 -28.87 25.86 5.09
C ASP B 543 -28.00 24.76 4.44
N LEU B 544 -26.89 24.41 5.08
CA LEU B 544 -26.04 23.36 4.53
C LEU B 544 -26.75 22.01 4.50
N ILE B 545 -27.45 21.66 5.59
CA ILE B 545 -28.12 20.37 5.65
C ILE B 545 -29.15 20.29 4.56
N HIS B 546 -29.86 21.39 4.34
CA HIS B 546 -30.84 21.46 3.26
C HIS B 546 -30.23 21.07 1.91
N HIS B 547 -29.06 21.60 1.60
CA HIS B 547 -28.46 21.25 0.32
C HIS B 547 -28.01 19.80 0.26
N LEU B 548 -27.70 19.15 1.40
CA LEU B 548 -27.38 17.73 1.38
C LEU B 548 -28.61 16.84 1.18
N PHE B 549 -29.78 17.27 1.63
CA PHE B 549 -31.00 16.49 1.46
C PHE B 549 -31.68 16.76 0.13
N HIS B 550 -31.32 17.84 -0.55
CA HIS B 550 -31.83 18.16 -1.87
C HIS B 550 -30.64 18.55 -2.74
N PRO B 551 -29.83 17.58 -3.14
CA PRO B 551 -28.63 17.90 -3.92
C PRO B 551 -28.90 17.97 -5.41
N GLY B 552 -30.06 17.52 -5.84
CA GLY B 552 -30.53 17.66 -7.20
C GLY B 552 -30.32 16.37 -7.98
N ASP B 553 -31.18 16.16 -8.99
CA ASP B 553 -30.92 15.19 -10.04
C ASP B 553 -29.56 15.47 -10.68
N ASN B 554 -28.91 16.51 -10.15
CA ASN B 554 -27.65 17.07 -10.61
C ASN B 554 -26.59 17.00 -9.52
N VAL B 555 -26.39 15.82 -8.94
CA VAL B 555 -25.32 15.73 -7.94
C VAL B 555 -24.01 16.24 -8.54
N GLU B 556 -23.69 15.74 -9.72
CA GLU B 556 -22.41 15.99 -10.35
C GLU B 556 -21.30 15.85 -9.33
N ASP B 557 -21.03 16.98 -8.73
CA ASP B 557 -20.03 17.26 -7.70
C ASP B 557 -20.47 18.44 -6.81
N ARG B 558 -21.60 18.23 -6.12
CA ARG B 558 -22.21 19.23 -5.23
C ARG B 558 -21.44 19.36 -3.92
N LEU B 559 -20.75 18.30 -3.52
CA LEU B 559 -19.93 18.37 -2.32
C LEU B 559 -18.84 19.41 -2.44
N SER B 560 -18.24 19.55 -3.63
CA SER B 560 -17.10 20.44 -3.74
C SER B 560 -17.52 21.89 -3.59
N SER B 561 -18.66 22.25 -4.20
CA SER B 561 -19.09 23.63 -4.11
C SER B 561 -19.49 23.97 -2.68
N LEU B 562 -20.20 23.05 -2.00
CA LEU B 562 -20.61 23.28 -0.62
C LEU B 562 -19.42 23.56 0.27
N LEU B 563 -18.20 23.14 -0.11
CA LEU B 563 -17.03 23.46 0.72
C LEU B 563 -16.81 24.96 0.81
N ALA B 564 -17.46 25.73 -0.06
CA ALA B 564 -17.43 27.18 -0.08
C ALA B 564 -18.59 27.83 0.69
N HIS B 565 -19.50 27.04 1.26
CA HIS B 565 -20.64 27.55 2.01
C HIS B 565 -20.16 28.37 3.21
N PRO B 566 -20.88 29.44 3.59
CA PRO B 566 -20.48 30.18 4.81
C PRO B 566 -20.43 29.31 6.06
N PHE B 567 -21.08 28.15 6.08
CA PHE B 567 -20.89 27.23 7.20
C PHE B 567 -19.41 27.02 7.49
N PHE B 568 -18.59 26.93 6.43
CA PHE B 568 -17.17 26.67 6.58
C PHE B 568 -16.32 27.93 6.72
N TRP B 569 -16.94 29.12 6.77
CA TRP B 569 -16.20 30.35 7.01
C TRP B 569 -16.00 30.55 8.50
N SER B 570 -14.77 30.88 8.91
CA SER B 570 -14.52 31.28 10.29
C SER B 570 -15.36 32.49 10.70
N TRP B 571 -15.34 32.80 11.99
CA TRP B 571 -15.99 34.02 12.44
C TRP B 571 -15.21 35.25 11.98
N GLU B 572 -13.87 35.18 11.97
CA GLU B 572 -13.14 36.35 11.49
C GLU B 572 -13.44 36.59 10.00
N SER B 573 -13.53 35.51 9.22
CA SER B 573 -13.84 35.64 7.80
C SER B 573 -15.23 36.22 7.58
N ARG B 574 -16.22 35.78 8.36
CA ARG B 574 -17.59 36.29 8.26
C ARG B 574 -17.62 37.79 8.57
N TYR B 575 -16.96 38.18 9.66
CA TYR B 575 -16.93 39.60 10.05
C TYR B 575 -16.23 40.40 8.99
N ARG B 576 -15.13 39.85 8.46
CA ARG B 576 -14.36 40.52 7.42
C ARG B 576 -15.19 40.74 6.15
N THR B 577 -15.98 39.73 5.76
CA THR B 577 -16.79 39.88 4.56
C THR B 577 -17.85 40.96 4.78
N LEU B 578 -18.54 40.93 5.92
CA LEU B 578 -19.53 41.95 6.26
C LEU B 578 -18.92 43.35 6.27
N ARG B 579 -17.71 43.50 6.80
CA ARG B 579 -17.16 44.85 6.80
C ARG B 579 -16.75 45.28 5.40
N ASP B 580 -16.26 44.33 4.58
CA ASP B 580 -15.76 44.67 3.25
C ASP B 580 -16.88 45.04 2.31
N VAL B 581 -18.03 44.38 2.45
CA VAL B 581 -19.20 44.81 1.70
C VAL B 581 -19.59 46.20 2.17
N GLY B 582 -19.61 46.40 3.50
CA GLY B 582 -19.97 47.68 4.10
C GLY B 582 -19.11 48.83 3.66
N ASN B 583 -17.91 48.55 3.15
CA ASN B 583 -17.00 49.58 2.66
C ASN B 583 -17.15 49.90 1.19
N GLU B 584 -18.10 49.28 0.49
CA GLU B 584 -18.25 49.61 -0.90
C GLU B 584 -18.85 51.01 -1.00
N SER B 585 -18.47 51.73 -2.04
CA SER B 585 -18.71 53.16 -2.06
C SER B 585 -20.19 53.48 -1.92
N ASP B 586 -21.05 52.71 -2.57
CA ASP B 586 -22.45 53.08 -2.60
C ASP B 586 -23.19 52.74 -1.31
N ILE B 587 -22.62 51.90 -0.45
CA ILE B 587 -23.26 51.68 0.84
C ILE B 587 -22.96 52.83 1.78
N LYS B 588 -21.76 53.42 1.69
CA LYS B 588 -21.42 54.55 2.57
C LYS B 588 -22.15 55.81 2.16
N THR B 589 -22.38 56.03 0.86
CA THR B 589 -23.14 57.17 0.39
C THR B 589 -24.64 56.93 0.33
N ARG B 590 -25.10 55.73 0.72
CA ARG B 590 -26.53 55.38 0.70
C ARG B 590 -27.17 55.64 -0.66
N ASN B 591 -26.45 55.28 -1.72
CA ASN B 591 -26.95 55.38 -3.10
C ASN B 591 -27.82 54.17 -3.42
N GLN B 592 -29.15 54.34 -3.39
CA GLN B 592 -30.04 53.19 -3.54
C GLN B 592 -30.18 52.72 -4.99
N ASN B 593 -29.81 53.54 -5.98
CA ASN B 593 -29.81 53.11 -7.37
C ASN B 593 -28.50 52.45 -7.78
N SER B 594 -27.57 52.28 -6.86
CA SER B 594 -26.35 51.60 -7.19
C SER B 594 -26.61 50.11 -7.46
N ARG B 595 -25.59 49.47 -8.01
CA ARG B 595 -25.77 48.06 -8.28
C ARG B 595 -25.76 47.25 -6.99
N ILE B 596 -24.85 47.56 -6.05
CA ILE B 596 -24.79 46.81 -4.79
C ILE B 596 -26.09 46.94 -3.99
N LEU B 597 -26.64 48.16 -3.87
CA LEU B 597 -27.82 48.32 -3.03
C LEU B 597 -29.05 47.68 -3.68
N GLN B 598 -29.03 47.53 -5.00
CA GLN B 598 -30.15 46.88 -5.68
C GLN B 598 -30.04 45.36 -5.60
N LEU B 599 -28.86 44.82 -5.27
CA LEU B 599 -28.78 43.40 -4.96
C LEU B 599 -29.24 43.11 -3.53
N LEU B 600 -29.06 44.06 -2.60
CA LEU B 600 -29.24 43.76 -1.18
C LEU B 600 -30.63 44.11 -0.68
N GLN B 601 -31.24 45.16 -1.23
CA GLN B 601 -32.51 45.69 -0.78
C GLN B 601 -33.30 46.26 -1.96
N PRO B 602 -33.70 45.45 -2.93
CA PRO B 602 -34.61 45.97 -3.96
C PRO B 602 -36.07 45.71 -3.63
N GLY B 603 -36.92 46.74 -3.72
CA GLY B 603 -38.34 46.54 -3.54
C GLY B 603 -38.80 46.12 -2.15
N THR B 604 -39.84 46.77 -1.66
CA THR B 604 -40.33 46.48 -0.32
C THR B 604 -41.50 45.50 -0.34
N LEU B 607 -37.89 43.57 4.91
CA LEU B 607 -38.77 43.22 6.02
C LEU B 607 -38.66 41.72 6.38
N SER B 608 -39.33 41.30 7.47
CA SER B 608 -39.45 39.92 7.99
C SER B 608 -38.15 39.24 8.45
N THR B 609 -37.04 39.95 8.61
CA THR B 609 -35.80 39.35 9.08
C THR B 609 -35.38 39.90 10.44
N SER B 610 -34.36 39.27 11.04
CA SER B 610 -33.88 39.71 12.35
C SER B 610 -33.24 41.09 12.36
N PHE B 611 -32.95 41.69 11.19
CA PHE B 611 -32.29 42.99 11.14
C PHE B 611 -33.15 44.09 10.53
N ALA B 612 -34.43 43.85 10.30
CA ALA B 612 -35.35 44.96 10.13
C ALA B 612 -35.46 45.71 11.44
N GLN B 613 -35.46 47.04 11.38
CA GLN B 613 -35.26 47.88 12.56
C GLN B 613 -34.05 47.39 13.38
N TRP B 614 -32.92 47.16 12.71
CA TRP B 614 -31.73 46.70 13.42
C TRP B 614 -31.23 47.76 14.39
N THR B 615 -31.50 49.03 14.08
CA THR B 615 -31.16 50.11 14.99
C THR B 615 -31.85 49.94 16.33
N THR B 616 -33.08 49.41 16.32
CA THR B 616 -33.78 49.14 17.57
C THR B 616 -33.00 48.14 18.42
N LYS B 617 -32.38 47.13 17.81
CA LYS B 617 -31.96 45.97 18.56
C LYS B 617 -30.51 46.05 19.04
N ILE B 618 -29.77 47.11 18.72
CA ILE B 618 -28.47 47.29 19.36
C ILE B 618 -28.68 48.26 20.51
N ASP B 619 -27.83 48.17 21.53
CA ASP B 619 -28.06 48.92 22.77
C ASP B 619 -27.86 50.42 22.57
N SER B 620 -28.68 51.19 23.29
CA SER B 620 -28.86 52.60 22.94
C SER B 620 -27.59 53.42 23.12
N PHE B 621 -26.70 53.03 24.05
CA PHE B 621 -25.42 53.73 24.15
C PHE B 621 -24.63 53.60 22.86
N VAL B 622 -24.37 52.36 22.44
CA VAL B 622 -23.52 52.11 21.27
C VAL B 622 -24.12 52.80 20.05
N MET B 623 -25.44 52.82 19.94
CA MET B 623 -26.05 53.45 18.79
C MET B 623 -25.76 54.95 18.74
N GLU B 624 -25.52 55.58 19.90
CA GLU B 624 -25.49 57.04 19.92
C GLU B 624 -24.16 57.63 19.42
N GLU B 625 -23.01 56.99 19.76
CA GLU B 625 -21.71 57.45 19.25
C GLU B 625 -21.42 56.97 17.86
N MET B 626 -22.19 55.99 17.36
CA MET B 626 -22.04 55.65 15.96
C MET B 626 -22.64 56.74 15.11
N ASN B 627 -23.51 57.57 15.70
CA ASN B 627 -24.04 58.74 15.05
C ASN B 627 -23.15 59.97 15.25
N ALA B 628 -21.87 59.76 15.59
CA ALA B 628 -20.85 60.79 15.43
C ALA B 628 -20.67 60.92 13.92
N TYR B 629 -21.61 61.64 13.30
CA TYR B 629 -21.70 61.78 11.86
C TYR B 629 -20.37 62.20 11.28
N ASN B 646 -28.90 61.24 6.53
CA ASN B 646 -28.69 61.75 7.89
C ASN B 646 -28.04 60.68 8.76
N LEU B 647 -28.79 60.19 9.76
CA LEU B 647 -28.34 59.14 10.66
C LEU B 647 -28.55 57.77 10.04
N TYR B 648 -28.20 56.72 10.78
CA TYR B 648 -28.36 55.34 10.31
C TYR B 648 -29.84 54.98 10.20
N GLN B 649 -30.20 54.30 9.12
CA GLN B 649 -31.56 53.80 8.97
C GLN B 649 -31.62 52.28 9.07
N ASP B 650 -32.85 51.77 8.90
CA ASP B 650 -33.15 50.34 9.05
C ASP B 650 -32.84 49.58 7.76
N THR B 651 -31.95 50.15 6.96
CA THR B 651 -31.36 49.58 5.76
C THR B 651 -30.43 48.42 6.09
N LEU B 652 -30.44 47.40 5.22
CA LEU B 652 -29.36 46.42 5.29
C LEU B 652 -28.04 47.07 4.91
N GLY B 653 -28.09 47.95 3.90
CA GLY B 653 -26.90 48.72 3.57
C GLY B 653 -26.34 49.46 4.77
N ASP B 654 -27.21 50.18 5.49
CA ASP B 654 -26.75 50.96 6.63
C ASP B 654 -26.29 50.06 7.78
N LEU B 655 -26.82 48.84 7.89
CA LEU B 655 -26.31 47.94 8.92
C LEU B 655 -24.92 47.40 8.54
N LEU B 656 -24.67 47.21 7.24
CA LEU B 656 -23.33 46.85 6.80
C LEU B 656 -22.41 48.05 6.89
N LYS B 657 -22.92 49.22 6.52
CA LYS B 657 -22.14 50.44 6.77
C LYS B 657 -21.80 50.57 8.24
N PHE B 658 -22.77 50.30 9.11
CA PHE B 658 -22.55 50.25 10.56
C PHE B 658 -21.40 49.32 10.92
N ILE B 659 -21.50 48.05 10.53
CA ILE B 659 -20.47 47.06 10.86
C ILE B 659 -19.09 47.48 10.37
N ARG B 660 -19.01 48.01 9.14
CA ARG B 660 -17.73 48.55 8.68
C ARG B 660 -17.24 49.68 9.58
N ASN B 661 -18.11 50.65 9.90
CA ASN B 661 -17.65 51.81 10.68
C ASN B 661 -17.17 51.38 12.06
N LEU B 662 -17.96 50.56 12.78
CA LEU B 662 -17.48 50.12 14.08
C LEU B 662 -16.30 49.18 13.94
N GLY B 663 -16.27 48.40 12.84
CA GLY B 663 -15.11 47.57 12.55
C GLY B 663 -13.80 48.32 12.56
N GLU B 664 -13.77 49.52 11.97
CA GLU B 664 -12.49 50.19 11.85
C GLU B 664 -12.07 50.89 13.13
N HIS B 665 -13.02 51.14 14.06
CA HIS B 665 -12.75 52.02 15.21
C HIS B 665 -12.96 51.40 16.57
N ILE B 666 -13.41 50.14 16.65
CA ILE B 666 -13.77 49.57 17.95
C ILE B 666 -12.61 49.59 18.94
N ASN B 667 -11.36 49.70 18.46
CA ASN B 667 -10.19 49.60 19.33
C ASN B 667 -9.56 50.93 19.69
N GLU B 668 -10.06 52.04 19.14
CA GLU B 668 -9.48 53.34 19.43
C GLU B 668 -9.79 53.79 20.85
N GLN B 669 -8.90 54.64 21.38
CA GLN B 669 -8.88 54.87 22.81
C GLN B 669 -10.12 55.63 23.28
N LYS B 670 -10.71 56.46 22.41
CA LYS B 670 -11.97 57.10 22.79
C LYS B 670 -13.13 56.12 22.92
N ASN B 671 -13.03 54.90 22.38
CA ASN B 671 -14.21 54.03 22.30
C ASN B 671 -14.09 52.79 23.17
N LYS B 672 -13.46 52.88 24.34
CA LYS B 672 -13.28 51.68 25.16
C LYS B 672 -14.59 51.23 25.80
N LYS B 673 -15.56 52.14 25.99
CA LYS B 673 -16.83 51.72 26.57
C LYS B 673 -17.78 51.20 25.51
N MET B 674 -17.53 51.55 24.24
CA MET B 674 -18.14 50.81 23.15
C MET B 674 -17.59 49.39 23.10
N LYS B 675 -16.25 49.26 23.09
CA LYS B 675 -15.63 47.95 22.98
C LYS B 675 -16.05 47.03 24.11
N SER B 676 -16.29 47.59 25.29
CA SER B 676 -16.67 46.77 26.43
C SER B 676 -18.09 46.24 26.30
N ILE B 677 -18.98 47.01 25.66
CA ILE B 677 -20.37 46.59 25.60
C ILE B 677 -20.62 45.64 24.44
N ILE B 678 -19.90 45.82 23.32
CA ILE B 678 -20.07 44.97 22.17
C ILE B 678 -19.53 43.57 22.45
N GLY B 679 -18.47 43.48 23.25
CA GLY B 679 -17.78 42.22 23.36
C GLY B 679 -16.98 42.06 22.10
N GLU B 680 -16.82 40.82 21.68
CA GLU B 680 -16.09 40.57 20.44
C GLU B 680 -17.03 40.85 19.27
N PRO B 681 -16.69 41.81 18.38
CA PRO B 681 -17.69 42.33 17.43
C PRO B 681 -18.28 41.28 16.52
N SER B 682 -17.48 40.32 16.06
CA SER B 682 -17.98 39.26 15.19
C SER B 682 -19.11 38.48 15.87
N GLN B 683 -18.88 38.02 17.11
CA GLN B 683 -19.89 37.25 17.82
C GLN B 683 -21.14 38.08 18.09
N TYR B 684 -20.92 39.39 18.34
CA TYR B 684 -22.02 40.28 18.67
C TYR B 684 -23.02 40.33 17.53
N PHE B 685 -22.52 40.60 16.33
CA PHE B 685 -23.39 40.76 15.17
C PHE B 685 -24.02 39.45 14.75
N GLN B 686 -23.33 38.33 14.94
CA GLN B 686 -23.92 37.06 14.53
C GLN B 686 -25.05 36.62 15.47
N GLU B 687 -24.89 36.84 16.78
CA GLU B 687 -25.91 36.33 17.69
C GLU B 687 -27.05 37.31 17.84
N LYS B 688 -26.80 38.58 17.58
CA LYS B 688 -27.90 39.55 17.51
C LYS B 688 -28.66 39.43 16.20
N PHE B 689 -27.99 39.01 15.13
CA PHE B 689 -28.59 38.91 13.79
C PHE B 689 -28.25 37.55 13.18
N PRO B 690 -28.94 36.49 13.61
CA PRO B 690 -28.53 35.13 13.19
C PRO B 690 -28.53 34.90 11.69
N ASP B 691 -29.42 35.55 10.96
CA ASP B 691 -29.57 35.30 9.54
C ASP B 691 -28.71 36.22 8.64
N LEU B 692 -27.82 37.04 9.20
CA LEU B 692 -27.28 38.11 8.38
C LEU B 692 -26.27 37.61 7.35
N VAL B 693 -25.23 36.86 7.76
CA VAL B 693 -24.25 36.41 6.77
C VAL B 693 -24.92 35.52 5.72
N MET B 694 -25.90 34.71 6.13
CA MET B 694 -26.55 33.85 5.14
C MET B 694 -27.31 34.69 4.12
N TYR B 695 -27.96 35.77 4.58
CA TYR B 695 -28.68 36.67 3.68
C TYR B 695 -27.72 37.34 2.71
N VAL B 696 -26.66 37.96 3.23
CA VAL B 696 -25.71 38.63 2.35
C VAL B 696 -25.12 37.63 1.35
N TYR B 697 -24.66 36.48 1.87
CA TYR B 697 -24.19 35.40 1.00
C TYR B 697 -25.19 35.08 -0.09
N THR B 698 -26.45 34.89 0.28
CA THR B 698 -27.44 34.53 -0.71
C THR B 698 -27.58 35.63 -1.78
N LYS B 699 -27.59 36.91 -1.37
CA LYS B 699 -27.81 38.00 -2.31
C LYS B 699 -26.61 38.25 -3.23
N LEU B 700 -25.40 37.95 -2.80
CA LEU B 700 -24.21 38.28 -3.58
C LEU B 700 -23.62 37.07 -4.26
N GLN B 701 -24.33 35.94 -4.22
CA GLN B 701 -23.71 34.62 -4.42
C GLN B 701 -23.06 34.49 -5.78
N ASN B 702 -23.75 34.89 -6.84
CA ASN B 702 -23.11 34.72 -8.15
C ASN B 702 -22.99 36.06 -8.84
N THR B 703 -22.26 36.97 -8.20
CA THR B 703 -22.10 38.34 -8.67
C THR B 703 -20.63 38.70 -8.55
N GLU B 704 -20.28 39.86 -9.08
CA GLU B 704 -18.91 40.37 -8.95
C GLU B 704 -18.53 40.54 -7.48
N TYR B 705 -19.50 40.90 -6.63
CA TYR B 705 -19.26 41.12 -5.21
C TYR B 705 -18.96 39.83 -4.45
N MET B 706 -19.05 38.68 -5.12
CA MET B 706 -18.44 37.45 -4.60
C MET B 706 -16.99 37.66 -4.14
N LYS B 707 -16.27 38.63 -4.74
CA LYS B 707 -14.88 38.87 -4.43
C LYS B 707 -14.66 39.19 -2.95
N HIS B 708 -15.69 39.65 -2.25
CA HIS B 708 -15.53 39.90 -0.82
C HIS B 708 -15.64 38.64 0.03
N PHE B 709 -16.07 37.49 -0.54
CA PHE B 709 -16.15 36.25 0.20
C PHE B 709 -14.75 35.79 0.60
N PRO B 710 -14.61 35.06 1.70
CA PRO B 710 -13.26 34.57 2.06
C PRO B 710 -12.76 33.57 1.04
N LYS B 711 -11.46 33.40 1.02
CA LYS B 711 -10.84 32.51 0.04
C LYS B 711 -11.10 31.06 0.43
N THR B 712 -11.33 30.20 -0.58
CA THR B 712 -11.83 28.84 -0.35
C THR B 712 -10.78 27.77 -0.55
#